data_2NS0
# 
_entry.id   2NS0 
# 
_audit_conform.dict_name       mmcif_pdbx.dic 
_audit_conform.dict_version    5.397 
_audit_conform.dict_location   http://mmcif.pdb.org/dictionaries/ascii/mmcif_pdbx.dic 
# 
loop_
_database_2.database_id 
_database_2.database_code 
_database_2.pdbx_database_accession 
_database_2.pdbx_DOI 
PDB   2NS0         pdb_00002ns0 10.2210/pdb2ns0/pdb 
RCSB  RCSB040231   ?            ?                   
WWPDB D_1000040231 ?            ?                   
# 
loop_
_pdbx_audit_revision_history.ordinal 
_pdbx_audit_revision_history.data_content_type 
_pdbx_audit_revision_history.major_revision 
_pdbx_audit_revision_history.minor_revision 
_pdbx_audit_revision_history.revision_date 
1 'Structure model' 1 0 2006-12-05 
2 'Structure model' 1 1 2008-05-01 
3 'Structure model' 1 2 2011-07-13 
4 'Structure model' 1 3 2023-12-27 
5 'Structure model' 1 4 2024-10-30 
# 
_pdbx_audit_revision_details.ordinal             1 
_pdbx_audit_revision_details.revision_ordinal    1 
_pdbx_audit_revision_details.data_content_type   'Structure model' 
_pdbx_audit_revision_details.provider            repository 
_pdbx_audit_revision_details.type                'Initial release' 
_pdbx_audit_revision_details.description         ? 
_pdbx_audit_revision_details.details             ? 
# 
loop_
_pdbx_audit_revision_group.ordinal 
_pdbx_audit_revision_group.revision_ordinal 
_pdbx_audit_revision_group.data_content_type 
_pdbx_audit_revision_group.group 
1 2 'Structure model' 'Version format compliance' 
2 3 'Structure model' Advisory                    
3 3 'Structure model' 'Source and taxonomy'       
4 3 'Structure model' 'Version format compliance' 
5 4 'Structure model' 'Data collection'           
6 4 'Structure model' 'Database references'       
7 4 'Structure model' 'Derived calculations'      
8 5 'Structure model' 'Structure summary'         
# 
loop_
_pdbx_audit_revision_category.ordinal 
_pdbx_audit_revision_category.revision_ordinal 
_pdbx_audit_revision_category.data_content_type 
_pdbx_audit_revision_category.category 
1 4 'Structure model' chem_comp_atom            
2 4 'Structure model' chem_comp_bond            
3 4 'Structure model' database_2                
4 4 'Structure model' struct_conn               
5 4 'Structure model' struct_ref_seq_dif        
6 4 'Structure model' struct_site               
7 5 'Structure model' pdbx_entry_details        
8 5 'Structure model' pdbx_modification_feature 
# 
loop_
_pdbx_audit_revision_item.ordinal 
_pdbx_audit_revision_item.revision_ordinal 
_pdbx_audit_revision_item.data_content_type 
_pdbx_audit_revision_item.item 
1 4 'Structure model' '_database_2.pdbx_DOI'                
2 4 'Structure model' '_database_2.pdbx_database_accession' 
3 4 'Structure model' '_struct_conn.pdbx_leaving_atom_flag' 
4 4 'Structure model' '_struct_ref_seq_dif.details'         
5 4 'Structure model' '_struct_site.pdbx_auth_asym_id'      
6 4 'Structure model' '_struct_site.pdbx_auth_comp_id'      
7 4 'Structure model' '_struct_site.pdbx_auth_seq_id'       
# 
_pdbx_database_status.status_code                     REL 
_pdbx_database_status.entry_id                        2NS0 
_pdbx_database_status.recvd_initial_deposition_date   2006-11-02 
_pdbx_database_status.deposit_site                    RCSB 
_pdbx_database_status.process_site                    RCSB 
_pdbx_database_status.status_code_sf                  REL 
_pdbx_database_status.status_code_mr                  ? 
_pdbx_database_status.SG_entry                        Y 
_pdbx_database_status.pdb_format_compatible           Y 
_pdbx_database_status.status_code_cs                  ? 
_pdbx_database_status.status_code_nmr_data            ? 
_pdbx_database_status.methods_development_category    ? 
# 
_pdbx_database_related.db_name        TargetDB 
_pdbx_database_related.db_id          APC6189 
_pdbx_database_related.details        . 
_pdbx_database_related.content_type   unspecified 
# 
loop_
_audit_author.name 
_audit_author.pdbx_ordinal 
'Chang, C.'                                     1 
'Skarina, T.'                                   2 
'Onopriyenko, O.'                               3 
'Savchenko, A.'                                 4 
'Edwards, A.M.'                                 5 
'Joachimiak, A.'                                6 
'Midwest Center for Structural Genomics (MCSG)' 7 
# 
_citation.id                        primary 
_citation.title                     'Crystal structure of protein RHA04536 from Rhodococcus sp' 
_citation.journal_abbrev            'To be Published' 
_citation.journal_volume            ? 
_citation.page_first                ? 
_citation.page_last                 ? 
_citation.year                      ? 
_citation.journal_id_ASTM           ? 
_citation.country                   ? 
_citation.journal_id_ISSN           ? 
_citation.journal_id_CSD            0353 
_citation.book_publisher            ? 
_citation.pdbx_database_id_PubMed   ? 
_citation.pdbx_database_id_DOI      ? 
# 
loop_
_citation_author.citation_id 
_citation_author.name 
_citation_author.ordinal 
_citation_author.identifier_ORCID 
primary 'Chang, C.'       1 ? 
primary 'Skarina, T.'     2 ? 
primary 'Onopriyenko, O.' 3 ? 
primary 'Savchenko, A.'   4 ? 
primary 'Edwards, A.M.'   5 ? 
primary 'Joachimiak, A.'  6 ? 
# 
loop_
_entity.id 
_entity.type 
_entity.src_method 
_entity.pdbx_description 
_entity.formula_weight 
_entity.pdbx_number_of_molecules 
_entity.pdbx_ec 
_entity.pdbx_mutation 
_entity.pdbx_fragment 
_entity.details 
1 polymer     man 'Hypothetical protein' 9422.299 1  ? ? ? ? 
2 non-polymer syn 1,2-ETHANEDIOL         62.068   1  ? ? ? ? 
3 non-polymer syn GLYCEROL               92.094   1  ? ? ? ? 
4 water       nat water                  18.015   87 ? ? ? ? 
# 
_entity_poly.entity_id                      1 
_entity_poly.type                           'polypeptide(L)' 
_entity_poly.nstd_linkage                   no 
_entity_poly.nstd_monomer                   yes 
_entity_poly.pdbx_seq_one_letter_code       
;(MSE)TVSDRELEECIRALLDARADSASICPSDVARAVAPDDWRPL(MSE)EPVREAAGRLADAGEVEVTQKGAVVDPRS
ARGPIRIRWTRTD
;
_entity_poly.pdbx_seq_one_letter_code_can   
;MTVSDRELEECIRALLDARADSASICPSDVARAVAPDDWRPLMEPVREAAGRLADAGEVEVTQKGAVVDPRSARGPIRIR
WTRTD
;
_entity_poly.pdbx_strand_id                 A 
_entity_poly.pdbx_target_identifier         APC6189 
# 
loop_
_pdbx_entity_nonpoly.entity_id 
_pdbx_entity_nonpoly.name 
_pdbx_entity_nonpoly.comp_id 
2 1,2-ETHANEDIOL EDO 
3 GLYCEROL       GOL 
4 water          HOH 
# 
loop_
_entity_poly_seq.entity_id 
_entity_poly_seq.num 
_entity_poly_seq.mon_id 
_entity_poly_seq.hetero 
1 1  MSE n 
1 2  THR n 
1 3  VAL n 
1 4  SER n 
1 5  ASP n 
1 6  ARG n 
1 7  GLU n 
1 8  LEU n 
1 9  GLU n 
1 10 GLU n 
1 11 CYS n 
1 12 ILE n 
1 13 ARG n 
1 14 ALA n 
1 15 LEU n 
1 16 LEU n 
1 17 ASP n 
1 18 ALA n 
1 19 ARG n 
1 20 ALA n 
1 21 ASP n 
1 22 SER n 
1 23 ALA n 
1 24 SER n 
1 25 ILE n 
1 26 CYS n 
1 27 PRO n 
1 28 SER n 
1 29 ASP n 
1 30 VAL n 
1 31 ALA n 
1 32 ARG n 
1 33 ALA n 
1 34 VAL n 
1 35 ALA n 
1 36 PRO n 
1 37 ASP n 
1 38 ASP n 
1 39 TRP n 
1 40 ARG n 
1 41 PRO n 
1 42 LEU n 
1 43 MSE n 
1 44 GLU n 
1 45 PRO n 
1 46 VAL n 
1 47 ARG n 
1 48 GLU n 
1 49 ALA n 
1 50 ALA n 
1 51 GLY n 
1 52 ARG n 
1 53 LEU n 
1 54 ALA n 
1 55 ASP n 
1 56 ALA n 
1 57 GLY n 
1 58 GLU n 
1 59 VAL n 
1 60 GLU n 
1 61 VAL n 
1 62 THR n 
1 63 GLN n 
1 64 LYS n 
1 65 GLY n 
1 66 ALA n 
1 67 VAL n 
1 68 VAL n 
1 69 ASP n 
1 70 PRO n 
1 71 ARG n 
1 72 SER n 
1 73 ALA n 
1 74 ARG n 
1 75 GLY n 
1 76 PRO n 
1 77 ILE n 
1 78 ARG n 
1 79 ILE n 
1 80 ARG n 
1 81 TRP n 
1 82 THR n 
1 83 ARG n 
1 84 THR n 
1 85 ASP n 
# 
_entity_src_gen.entity_id                          1 
_entity_src_gen.pdbx_src_id                        1 
_entity_src_gen.pdbx_alt_source_flag               sample 
_entity_src_gen.pdbx_seq_type                      ? 
_entity_src_gen.pdbx_beg_seq_num                   ? 
_entity_src_gen.pdbx_end_seq_num                   ? 
_entity_src_gen.gene_src_common_name               ? 
_entity_src_gen.gene_src_genus                     Rhodococcus 
_entity_src_gen.pdbx_gene_src_gene                 ? 
_entity_src_gen.gene_src_species                   ? 
_entity_src_gen.gene_src_strain                    RHA1 
_entity_src_gen.gene_src_tissue                    ? 
_entity_src_gen.gene_src_tissue_fraction           ? 
_entity_src_gen.gene_src_details                   ? 
_entity_src_gen.pdbx_gene_src_fragment             ? 
_entity_src_gen.pdbx_gene_src_scientific_name      'Rhodococcus sp.' 
_entity_src_gen.pdbx_gene_src_ncbi_taxonomy_id     101510 
_entity_src_gen.pdbx_gene_src_variant              ? 
_entity_src_gen.pdbx_gene_src_cell_line            ? 
_entity_src_gen.pdbx_gene_src_atcc                 ? 
_entity_src_gen.pdbx_gene_src_organ                ? 
_entity_src_gen.pdbx_gene_src_organelle            ? 
_entity_src_gen.pdbx_gene_src_cell                 ? 
_entity_src_gen.pdbx_gene_src_cellular_location    ? 
_entity_src_gen.host_org_common_name               ? 
_entity_src_gen.pdbx_host_org_scientific_name      'Escherichia coli' 
_entity_src_gen.pdbx_host_org_ncbi_taxonomy_id     562 
_entity_src_gen.host_org_genus                     Escherichia 
_entity_src_gen.pdbx_host_org_gene                 ? 
_entity_src_gen.pdbx_host_org_organ                ? 
_entity_src_gen.host_org_species                   ? 
_entity_src_gen.pdbx_host_org_tissue               ? 
_entity_src_gen.pdbx_host_org_tissue_fraction      ? 
_entity_src_gen.pdbx_host_org_strain               'BL21(DE3) derivative' 
_entity_src_gen.pdbx_host_org_variant              ? 
_entity_src_gen.pdbx_host_org_cell_line            ? 
_entity_src_gen.pdbx_host_org_atcc                 ? 
_entity_src_gen.pdbx_host_org_culture_collection   ? 
_entity_src_gen.pdbx_host_org_cell                 ? 
_entity_src_gen.pdbx_host_org_organelle            ? 
_entity_src_gen.pdbx_host_org_cellular_location    ? 
_entity_src_gen.pdbx_host_org_vector_type          plasmid 
_entity_src_gen.pdbx_host_org_vector               ? 
_entity_src_gen.host_org_details                   ? 
_entity_src_gen.expression_system_id               ? 
_entity_src_gen.plasmid_name                       'pET derivative' 
_entity_src_gen.plasmid_details                    ? 
_entity_src_gen.pdbx_description                   ? 
# 
loop_
_chem_comp.id 
_chem_comp.type 
_chem_comp.mon_nstd_flag 
_chem_comp.name 
_chem_comp.pdbx_synonyms 
_chem_comp.formula 
_chem_comp.formula_weight 
ALA 'L-peptide linking' y ALANINE          ?                               'C3 H7 N O2'     89.093  
ARG 'L-peptide linking' y ARGININE         ?                               'C6 H15 N4 O2 1' 175.209 
ASP 'L-peptide linking' y 'ASPARTIC ACID'  ?                               'C4 H7 N O4'     133.103 
CYS 'L-peptide linking' y CYSTEINE         ?                               'C3 H7 N O2 S'   121.158 
EDO non-polymer         . 1,2-ETHANEDIOL   'ETHYLENE GLYCOL'               'C2 H6 O2'       62.068  
GLN 'L-peptide linking' y GLUTAMINE        ?                               'C5 H10 N2 O3'   146.144 
GLU 'L-peptide linking' y 'GLUTAMIC ACID'  ?                               'C5 H9 N O4'     147.129 
GLY 'peptide linking'   y GLYCINE          ?                               'C2 H5 N O2'     75.067  
GOL non-polymer         . GLYCEROL         'GLYCERIN; PROPANE-1,2,3-TRIOL' 'C3 H8 O3'       92.094  
HOH non-polymer         . WATER            ?                               'H2 O'           18.015  
ILE 'L-peptide linking' y ISOLEUCINE       ?                               'C6 H13 N O2'    131.173 
LEU 'L-peptide linking' y LEUCINE          ?                               'C6 H13 N O2'    131.173 
LYS 'L-peptide linking' y LYSINE           ?                               'C6 H15 N2 O2 1' 147.195 
MET 'L-peptide linking' y METHIONINE       ?                               'C5 H11 N O2 S'  149.211 
MSE 'L-peptide linking' n SELENOMETHIONINE ?                               'C5 H11 N O2 Se' 196.106 
PRO 'L-peptide linking' y PROLINE          ?                               'C5 H9 N O2'     115.130 
SER 'L-peptide linking' y SERINE           ?                               'C3 H7 N O3'     105.093 
THR 'L-peptide linking' y THREONINE        ?                               'C4 H9 N O3'     119.119 
TRP 'L-peptide linking' y TRYPTOPHAN       ?                               'C11 H12 N2 O2'  204.225 
VAL 'L-peptide linking' y VALINE           ?                               'C5 H11 N O2'    117.146 
# 
loop_
_pdbx_poly_seq_scheme.asym_id 
_pdbx_poly_seq_scheme.entity_id 
_pdbx_poly_seq_scheme.seq_id 
_pdbx_poly_seq_scheme.mon_id 
_pdbx_poly_seq_scheme.ndb_seq_num 
_pdbx_poly_seq_scheme.pdb_seq_num 
_pdbx_poly_seq_scheme.auth_seq_num 
_pdbx_poly_seq_scheme.pdb_mon_id 
_pdbx_poly_seq_scheme.auth_mon_id 
_pdbx_poly_seq_scheme.pdb_strand_id 
_pdbx_poly_seq_scheme.pdb_ins_code 
_pdbx_poly_seq_scheme.hetero 
A 1 1  MSE 1  1  1  MSE MSE A . n 
A 1 2  THR 2  2  2  THR THR A . n 
A 1 3  VAL 3  3  3  VAL VAL A . n 
A 1 4  SER 4  4  4  SER SER A . n 
A 1 5  ASP 5  5  5  ASP ASP A . n 
A 1 6  ARG 6  6  6  ARG ARG A . n 
A 1 7  GLU 7  7  7  GLU GLU A . n 
A 1 8  LEU 8  8  8  LEU LEU A . n 
A 1 9  GLU 9  9  9  GLU GLU A . n 
A 1 10 GLU 10 10 10 GLU GLU A . n 
A 1 11 CYS 11 11 11 CYS CYS A . n 
A 1 12 ILE 12 12 12 ILE ILE A . n 
A 1 13 ARG 13 13 13 ARG ARG A . n 
A 1 14 ALA 14 14 14 ALA ALA A . n 
A 1 15 LEU 15 15 15 LEU LEU A . n 
A 1 16 LEU 16 16 16 LEU LEU A . n 
A 1 17 ASP 17 17 17 ASP ASP A . n 
A 1 18 ALA 18 18 18 ALA ALA A . n 
A 1 19 ARG 19 19 19 ARG ARG A . n 
A 1 20 ALA 20 20 20 ALA ALA A . n 
A 1 21 ASP 21 21 21 ASP ASP A . n 
A 1 22 SER 22 22 22 SER SER A . n 
A 1 23 ALA 23 23 23 ALA ALA A . n 
A 1 24 SER 24 24 24 SER SER A . n 
A 1 25 ILE 25 25 25 ILE ILE A . n 
A 1 26 CYS 26 26 26 CYS CYS A . n 
A 1 27 PRO 27 27 27 PRO PRO A . n 
A 1 28 SER 28 28 28 SER SER A . n 
A 1 29 ASP 29 29 29 ASP ASP A . n 
A 1 30 VAL 30 30 30 VAL VAL A . n 
A 1 31 ALA 31 31 31 ALA ALA A . n 
A 1 32 ARG 32 32 32 ARG ARG A . n 
A 1 33 ALA 33 33 33 ALA ALA A . n 
A 1 34 VAL 34 34 34 VAL VAL A . n 
A 1 35 ALA 35 35 35 ALA ALA A . n 
A 1 36 PRO 36 36 36 PRO PRO A . n 
A 1 37 ASP 37 37 37 ASP ASP A . n 
A 1 38 ASP 38 38 38 ASP ASP A . n 
A 1 39 TRP 39 39 39 TRP TRP A . n 
A 1 40 ARG 40 40 40 ARG ARG A . n 
A 1 41 PRO 41 41 41 PRO PRO A . n 
A 1 42 LEU 42 42 42 LEU LEU A . n 
A 1 43 MSE 43 43 43 MSE MSE A . n 
A 1 44 GLU 44 44 44 GLU GLU A . n 
A 1 45 PRO 45 45 45 PRO PRO A . n 
A 1 46 VAL 46 46 46 VAL VAL A . n 
A 1 47 ARG 47 47 47 ARG ARG A . n 
A 1 48 GLU 48 48 48 GLU GLU A . n 
A 1 49 ALA 49 49 49 ALA ALA A . n 
A 1 50 ALA 50 50 50 ALA ALA A . n 
A 1 51 GLY 51 51 51 GLY GLY A . n 
A 1 52 ARG 52 52 52 ARG ARG A . n 
A 1 53 LEU 53 53 53 LEU LEU A . n 
A 1 54 ALA 54 54 54 ALA ALA A . n 
A 1 55 ASP 55 55 55 ASP ASP A . n 
A 1 56 ALA 56 56 56 ALA ALA A . n 
A 1 57 GLY 57 57 57 GLY GLY A . n 
A 1 58 GLU 58 58 58 GLU GLU A . n 
A 1 59 VAL 59 59 59 VAL VAL A . n 
A 1 60 GLU 60 60 60 GLU GLU A . n 
A 1 61 VAL 61 61 61 VAL VAL A . n 
A 1 62 THR 62 62 62 THR THR A . n 
A 1 63 GLN 63 63 63 GLN GLN A . n 
A 1 64 LYS 64 64 64 LYS LYS A . n 
A 1 65 GLY 65 65 65 GLY GLY A . n 
A 1 66 ALA 66 66 66 ALA ALA A . n 
A 1 67 VAL 67 67 67 VAL VAL A . n 
A 1 68 VAL 68 68 68 VAL VAL A . n 
A 1 69 ASP 69 69 69 ASP ASP A . n 
A 1 70 PRO 70 70 70 PRO PRO A . n 
A 1 71 ARG 71 71 71 ARG ARG A . n 
A 1 72 SER 72 72 72 SER SER A . n 
A 1 73 ALA 73 73 73 ALA ALA A . n 
A 1 74 ARG 74 74 74 ARG ARG A . n 
A 1 75 GLY 75 75 75 GLY GLY A . n 
A 1 76 PRO 76 76 76 PRO PRO A . n 
A 1 77 ILE 77 77 77 ILE ILE A . n 
A 1 78 ARG 78 78 78 ARG ARG A . n 
A 1 79 ILE 79 79 79 ILE ILE A . n 
A 1 80 ARG 80 80 80 ARG ARG A . n 
A 1 81 TRP 81 81 81 TRP TRP A . n 
A 1 82 THR 82 82 82 THR THR A . n 
A 1 83 ARG 83 83 83 ARG ARG A . n 
A 1 84 THR 84 84 84 THR THR A . n 
A 1 85 ASP 85 85 85 ASP ASP A . n 
# 
loop_
_pdbx_nonpoly_scheme.asym_id 
_pdbx_nonpoly_scheme.entity_id 
_pdbx_nonpoly_scheme.mon_id 
_pdbx_nonpoly_scheme.ndb_seq_num 
_pdbx_nonpoly_scheme.pdb_seq_num 
_pdbx_nonpoly_scheme.auth_seq_num 
_pdbx_nonpoly_scheme.pdb_mon_id 
_pdbx_nonpoly_scheme.auth_mon_id 
_pdbx_nonpoly_scheme.pdb_strand_id 
_pdbx_nonpoly_scheme.pdb_ins_code 
B 2 EDO 1  102 102 EDO EDO A . 
C 3 GOL 1  101 101 GOL GOL A . 
D 4 HOH 1  103 1   HOH HOH A . 
D 4 HOH 2  104 2   HOH HOH A . 
D 4 HOH 3  105 3   HOH HOH A . 
D 4 HOH 4  106 4   HOH HOH A . 
D 4 HOH 5  107 5   HOH HOH A . 
D 4 HOH 6  108 6   HOH HOH A . 
D 4 HOH 7  109 7   HOH HOH A . 
D 4 HOH 8  110 8   HOH HOH A . 
D 4 HOH 9  111 9   HOH HOH A . 
D 4 HOH 10 112 10  HOH HOH A . 
D 4 HOH 11 113 11  HOH HOH A . 
D 4 HOH 12 114 12  HOH HOH A . 
D 4 HOH 13 115 13  HOH HOH A . 
D 4 HOH 14 116 14  HOH HOH A . 
D 4 HOH 15 117 15  HOH HOH A . 
D 4 HOH 16 118 16  HOH HOH A . 
D 4 HOH 17 119 17  HOH HOH A . 
D 4 HOH 18 120 18  HOH HOH A . 
D 4 HOH 19 121 19  HOH HOH A . 
D 4 HOH 20 122 20  HOH HOH A . 
D 4 HOH 21 123 21  HOH HOH A . 
D 4 HOH 22 124 22  HOH HOH A . 
D 4 HOH 23 125 23  HOH HOH A . 
D 4 HOH 24 126 24  HOH HOH A . 
D 4 HOH 25 127 25  HOH HOH A . 
D 4 HOH 26 128 26  HOH HOH A . 
D 4 HOH 27 129 27  HOH HOH A . 
D 4 HOH 28 130 28  HOH HOH A . 
D 4 HOH 29 131 29  HOH HOH A . 
D 4 HOH 30 132 30  HOH HOH A . 
D 4 HOH 31 133 31  HOH HOH A . 
D 4 HOH 32 134 32  HOH HOH A . 
D 4 HOH 33 135 33  HOH HOH A . 
D 4 HOH 34 136 34  HOH HOH A . 
D 4 HOH 35 137 35  HOH HOH A . 
D 4 HOH 36 138 36  HOH HOH A . 
D 4 HOH 37 139 37  HOH HOH A . 
D 4 HOH 38 140 38  HOH HOH A . 
D 4 HOH 39 141 39  HOH HOH A . 
D 4 HOH 40 142 40  HOH HOH A . 
D 4 HOH 41 143 41  HOH HOH A . 
D 4 HOH 42 144 42  HOH HOH A . 
D 4 HOH 43 145 43  HOH HOH A . 
D 4 HOH 44 146 44  HOH HOH A . 
D 4 HOH 45 147 45  HOH HOH A . 
D 4 HOH 46 148 46  HOH HOH A . 
D 4 HOH 47 149 47  HOH HOH A . 
D 4 HOH 48 150 48  HOH HOH A . 
D 4 HOH 49 151 49  HOH HOH A . 
D 4 HOH 50 152 50  HOH HOH A . 
D 4 HOH 51 153 51  HOH HOH A . 
D 4 HOH 52 154 52  HOH HOH A . 
D 4 HOH 53 155 53  HOH HOH A . 
D 4 HOH 54 156 54  HOH HOH A . 
D 4 HOH 55 157 55  HOH HOH A . 
D 4 HOH 56 158 56  HOH HOH A . 
D 4 HOH 57 159 57  HOH HOH A . 
D 4 HOH 58 160 58  HOH HOH A . 
D 4 HOH 59 161 59  HOH HOH A . 
D 4 HOH 60 162 60  HOH HOH A . 
D 4 HOH 61 163 61  HOH HOH A . 
D 4 HOH 62 164 62  HOH HOH A . 
D 4 HOH 63 165 63  HOH HOH A . 
D 4 HOH 64 166 64  HOH HOH A . 
D 4 HOH 65 167 65  HOH HOH A . 
D 4 HOH 66 168 66  HOH HOH A . 
D 4 HOH 67 169 67  HOH HOH A . 
D 4 HOH 68 170 68  HOH HOH A . 
D 4 HOH 69 171 69  HOH HOH A . 
D 4 HOH 70 172 70  HOH HOH A . 
D 4 HOH 71 173 71  HOH HOH A . 
D 4 HOH 72 174 72  HOH HOH A . 
D 4 HOH 73 175 73  HOH HOH A . 
D 4 HOH 74 176 74  HOH HOH A . 
D 4 HOH 75 177 75  HOH HOH A . 
D 4 HOH 76 178 76  HOH HOH A . 
D 4 HOH 77 179 77  HOH HOH A . 
D 4 HOH 78 180 78  HOH HOH A . 
D 4 HOH 79 181 79  HOH HOH A . 
D 4 HOH 80 182 80  HOH HOH A . 
D 4 HOH 81 183 81  HOH HOH A . 
D 4 HOH 82 184 82  HOH HOH A . 
D 4 HOH 83 185 83  HOH HOH A . 
D 4 HOH 84 186 84  HOH HOH A . 
D 4 HOH 85 187 85  HOH HOH A . 
D 4 HOH 86 188 86  HOH HOH A . 
D 4 HOH 87 189 87  HOH HOH A . 
# 
loop_
_software.name 
_software.classification 
_software.version 
_software.citation_id 
_software.pdbx_ordinal 
REFMAC      refinement        5.2.0019 ? 1 
SBC-Collect 'data collection' .        ? 2 
HKL-2000    'data reduction'  .        ? 3 
HKL-2000    'data scaling'    .        ? 4 
HKL-3000    phasing           .        ? 5 
# 
_cell.entry_id           2NS0 
_cell.length_a           37.683 
_cell.length_b           53.165 
_cell.length_c           90.062 
_cell.angle_alpha        90.00 
_cell.angle_beta         90.00 
_cell.angle_gamma        90.00 
_cell.Z_PDB              8 
_cell.pdbx_unique_axis   ? 
_cell.length_a_esd       ? 
_cell.length_b_esd       ? 
_cell.length_c_esd       ? 
_cell.angle_alpha_esd    ? 
_cell.angle_beta_esd     ? 
_cell.angle_gamma_esd    ? 
# 
_symmetry.entry_id                         2NS0 
_symmetry.space_group_name_H-M             'C 2 2 21' 
_symmetry.pdbx_full_space_group_name_H-M   ? 
_symmetry.cell_setting                     ? 
_symmetry.Int_Tables_number                20 
_symmetry.space_group_name_Hall            ? 
# 
_exptl.entry_id          2NS0 
_exptl.method            'X-RAY DIFFRACTION' 
_exptl.crystals_number   1 
# 
_exptl_crystal.id                    1 
_exptl_crystal.density_meas          ? 
_exptl_crystal.density_Matthews      2.39 
_exptl_crystal.density_percent_sol   48.58 
_exptl_crystal.description           ? 
_exptl_crystal.F_000                 ? 
_exptl_crystal.preparation           ? 
# 
_exptl_crystal_grow.crystal_id      1 
_exptl_crystal_grow.method          'VAPOR DIFFUSION, HANGING DROP' 
_exptl_crystal_grow.temp            289 
_exptl_crystal_grow.temp_details    ? 
_exptl_crystal_grow.pH              6.5 
_exptl_crystal_grow.pdbx_details    'PEG3350 25% , Bis-Tris 0.1M pH 6.5, VAPOR DIFFUSION, HANGING DROP, temperature 289K' 
_exptl_crystal_grow.pdbx_pH_range   . 
# 
_diffrn.id                     1 
_diffrn.ambient_temp           100 
_diffrn.ambient_temp_details   ? 
_diffrn.crystal_id             1 
# 
_diffrn_detector.diffrn_id              1 
_diffrn_detector.detector               CCD 
_diffrn_detector.type                   CUSTOM-MADE 
_diffrn_detector.pdbx_collection_date   2006-06-21 
_diffrn_detector.details                ? 
# 
_diffrn_radiation.diffrn_id                        1 
_diffrn_radiation.wavelength_id                    1 
_diffrn_radiation.pdbx_monochromatic_or_laue_m_l   M 
_diffrn_radiation.monochromator                    'double crystal' 
_diffrn_radiation.pdbx_diffrn_protocol             MAD 
_diffrn_radiation.pdbx_scattering_type             x-ray 
# 
loop_
_diffrn_radiation_wavelength.id 
_diffrn_radiation_wavelength.wavelength 
_diffrn_radiation_wavelength.wt 
1 0.97907 1.0 
2 0.97921 1.0 
# 
_diffrn_source.diffrn_id                   1 
_diffrn_source.source                      SYNCHROTRON 
_diffrn_source.type                        'APS BEAMLINE 19-BM' 
_diffrn_source.pdbx_synchrotron_site       APS 
_diffrn_source.pdbx_synchrotron_beamline   19-BM 
_diffrn_source.pdbx_wavelength             ? 
_diffrn_source.pdbx_wavelength_list        '0.97907, 0.97921' 
# 
_reflns.entry_id                     2NS0 
_reflns.observed_criterion_sigma_F   ? 
_reflns.observed_criterion_sigma_I   -3 
_reflns.d_resolution_high            2.0 
_reflns.d_resolution_low             50 
_reflns.number_all                   6163 
_reflns.number_obs                   6142 
_reflns.percent_possible_obs         96.8 
_reflns.pdbx_Rmerge_I_obs            0.05 
_reflns.pdbx_Rsym_value              ? 
_reflns.pdbx_netI_over_sigmaI        33.36 
_reflns.B_iso_Wilson_estimate        ? 
_reflns.pdbx_redundancy              6.5 
_reflns.R_free_details               ? 
_reflns.limit_h_max                  ? 
_reflns.limit_h_min                  ? 
_reflns.limit_k_max                  ? 
_reflns.limit_k_min                  ? 
_reflns.limit_l_max                  ? 
_reflns.limit_l_min                  ? 
_reflns.observed_criterion_F_max     ? 
_reflns.observed_criterion_F_min     ? 
_reflns.pdbx_chi_squared             ? 
_reflns.pdbx_scaling_rejects         ? 
_reflns.pdbx_ordinal                 1 
_reflns.pdbx_diffrn_id               1 
# 
_reflns_shell.d_res_high             2.00 
_reflns_shell.d_res_low              2.07 
_reflns_shell.percent_possible_all   77.0 
_reflns_shell.Rmerge_I_obs           0.11 
_reflns_shell.pdbx_Rsym_value        ? 
_reflns_shell.meanI_over_sigI_obs    11.5 
_reflns_shell.pdbx_redundancy        5.8 
_reflns_shell.percent_possible_obs   ? 
_reflns_shell.number_unique_all      479 
_reflns_shell.number_measured_all    ? 
_reflns_shell.number_measured_obs    ? 
_reflns_shell.number_unique_obs      ? 
_reflns_shell.pdbx_chi_squared       ? 
_reflns_shell.pdbx_ordinal           1 
_reflns_shell.pdbx_diffrn_id         1 
# 
_refine.entry_id                                 2NS0 
_refine.ls_number_reflns_obs                     5862 
_refine.ls_number_reflns_all                     5862 
_refine.pdbx_ls_sigma_I                          ? 
_refine.pdbx_ls_sigma_F                          0 
_refine.pdbx_data_cutoff_high_absF               ? 
_refine.pdbx_data_cutoff_low_absF                ? 
_refine.pdbx_data_cutoff_high_rms_absF           ? 
_refine.ls_d_res_low                             45.04 
_refine.ls_d_res_high                            2.005 
_refine.ls_percent_reflns_obs                    96.59 
_refine.ls_R_factor_obs                          0.19016 
_refine.ls_R_factor_all                          0.19016 
_refine.ls_R_factor_R_work                       0.18878 
_refine.ls_R_factor_R_free                       0.2159 
_refine.ls_R_factor_R_free_error                 ? 
_refine.ls_R_factor_R_free_error_details         ? 
_refine.ls_percent_reflns_R_free                 4.5 
_refine.ls_number_reflns_R_free                  279 
_refine.ls_number_parameters                     ? 
_refine.ls_number_restraints                     ? 
_refine.occupancy_min                            ? 
_refine.occupancy_max                            ? 
_refine.correlation_coeff_Fo_to_Fc               0.944 
_refine.correlation_coeff_Fo_to_Fc_free          0.928 
_refine.B_iso_mean                               21.636 
_refine.aniso_B[1][1]                            -1.00 
_refine.aniso_B[2][2]                            2.76 
_refine.aniso_B[3][3]                            -1.76 
_refine.aniso_B[1][2]                            0.00 
_refine.aniso_B[1][3]                            0.00 
_refine.aniso_B[2][3]                            0.00 
_refine.solvent_model_details                    MASK 
_refine.solvent_model_param_ksol                 ? 
_refine.solvent_model_param_bsol                 ? 
_refine.pdbx_solvent_vdw_probe_radii             1.20 
_refine.pdbx_solvent_ion_probe_radii             0.80 
_refine.pdbx_solvent_shrinkage_radii             0.80 
_refine.pdbx_ls_cross_valid_method               THROUGHOUT 
_refine.details                                  'HYDROGENS HAVE BEEN ADDED IN THE RIDING POSITIONS' 
_refine.pdbx_starting_model                      ? 
_refine.pdbx_method_to_determine_struct          MAD 
_refine.pdbx_isotropic_thermal_model             ? 
_refine.pdbx_stereochemistry_target_values       'MAXIMUM LIKELIHOOD' 
_refine.pdbx_stereochem_target_val_spec_case     ? 
_refine.pdbx_R_Free_selection_details            RANDOM 
_refine.pdbx_overall_ESU_R                       0.205 
_refine.pdbx_overall_ESU_R_Free                  0.161 
_refine.overall_SU_ML                            0.114 
_refine.overall_SU_B                             7.483 
_refine.ls_redundancy_reflns_obs                 ? 
_refine.B_iso_min                                ? 
_refine.B_iso_max                                ? 
_refine.overall_SU_R_Cruickshank_DPI             ? 
_refine.overall_SU_R_free                        ? 
_refine.ls_wR_factor_R_free                      ? 
_refine.ls_wR_factor_R_work                      ? 
_refine.overall_FOM_free_R_set                   ? 
_refine.overall_FOM_work_R_set                   ? 
_refine.pdbx_refine_id                           'X-RAY DIFFRACTION' 
_refine.pdbx_TLS_residual_ADP_flag               'LIKELY RESIDUAL' 
_refine.pdbx_diffrn_id                           1 
_refine.pdbx_overall_phase_error                 ? 
_refine.pdbx_overall_SU_R_free_Cruickshank_DPI   ? 
_refine.pdbx_overall_SU_R_Blow_DPI               ? 
_refine.pdbx_overall_SU_R_free_Blow_DPI          ? 
# 
_refine_hist.pdbx_refine_id                   'X-RAY DIFFRACTION' 
_refine_hist.cycle_id                         LAST 
_refine_hist.pdbx_number_atoms_protein        651 
_refine_hist.pdbx_number_atoms_nucleic_acid   0 
_refine_hist.pdbx_number_atoms_ligand         10 
_refine_hist.number_atoms_solvent             87 
_refine_hist.number_atoms_total               748 
_refine_hist.d_res_high                       2.005 
_refine_hist.d_res_low                        45.04 
# 
loop_
_refine_ls_restr.type 
_refine_ls_restr.dev_ideal 
_refine_ls_restr.dev_ideal_target 
_refine_ls_restr.weight 
_refine_ls_restr.number 
_refine_ls_restr.pdbx_refine_id 
_refine_ls_restr.pdbx_restraint_function 
r_bond_refined_d             0.018  0.022  ? 692 'X-RAY DIFFRACTION' ? 
r_bond_other_d               ?      ?      ? ?   'X-RAY DIFFRACTION' ? 
r_angle_refined_deg          1.682  1.984  ? 939 'X-RAY DIFFRACTION' ? 
r_angle_other_deg            ?      ?      ? ?   'X-RAY DIFFRACTION' ? 
r_dihedral_angle_1_deg       6.655  5.000  ? 89  'X-RAY DIFFRACTION' ? 
r_dihedral_angle_2_deg       31.694 21.515 ? 33  'X-RAY DIFFRACTION' ? 
r_dihedral_angle_3_deg       13.536 15.000 ? 115 'X-RAY DIFFRACTION' ? 
r_dihedral_angle_4_deg       13.300 15.000 ? 13  'X-RAY DIFFRACTION' ? 
r_chiral_restr               0.110  0.200  ? 105 'X-RAY DIFFRACTION' ? 
r_gen_planes_refined         0.006  0.020  ? 537 'X-RAY DIFFRACTION' ? 
r_gen_planes_other           ?      ?      ? ?   'X-RAY DIFFRACTION' ? 
r_nbd_refined                0.242  0.200  ? 331 'X-RAY DIFFRACTION' ? 
r_nbd_other                  ?      ?      ? ?   'X-RAY DIFFRACTION' ? 
r_nbtor_refined              0.292  0.200  ? 470 'X-RAY DIFFRACTION' ? 
r_nbtor_other                ?      ?      ? ?   'X-RAY DIFFRACTION' ? 
r_xyhbond_nbd_refined        0.169  0.200  ? 67  'X-RAY DIFFRACTION' ? 
r_xyhbond_nbd_other          ?      ?      ? ?   'X-RAY DIFFRACTION' ? 
r_metal_ion_refined          ?      ?      ? ?   'X-RAY DIFFRACTION' ? 
r_metal_ion_other            ?      ?      ? ?   'X-RAY DIFFRACTION' ? 
r_symmetry_vdw_refined       0.290  0.200  ? 57  'X-RAY DIFFRACTION' ? 
r_symmetry_vdw_other         ?      ?      ? ?   'X-RAY DIFFRACTION' ? 
r_symmetry_hbond_refined     0.189  0.200  ? 28  'X-RAY DIFFRACTION' ? 
r_symmetry_hbond_other       ?      ?      ? ?   'X-RAY DIFFRACTION' ? 
r_symmetry_metal_ion_refined ?      ?      ? ?   'X-RAY DIFFRACTION' ? 
r_symmetry_metal_ion_other   ?      ?      ? ?   'X-RAY DIFFRACTION' ? 
r_mcbond_it                  0.990  1.500  ? 455 'X-RAY DIFFRACTION' ? 
r_mcbond_other               ?      ?      ? ?   'X-RAY DIFFRACTION' ? 
r_mcangle_it                 1.394  2.000  ? 713 'X-RAY DIFFRACTION' ? 
r_scbond_it                  2.933  3.000  ? 266 'X-RAY DIFFRACTION' ? 
r_scangle_it                 4.778  4.500  ? 225 'X-RAY DIFFRACTION' ? 
r_rigid_bond_restr           ?      ?      ? ?   'X-RAY DIFFRACTION' ? 
r_sphericity_free            ?      ?      ? ?   'X-RAY DIFFRACTION' ? 
r_sphericity_bonded          ?      ?      ? ?   'X-RAY DIFFRACTION' ? 
# 
_refine_ls_shell.pdbx_total_number_of_bins_used   20 
_refine_ls_shell.d_res_high                       2.005 
_refine_ls_shell.d_res_low                        2.057 
_refine_ls_shell.number_reflns_R_work             323 
_refine_ls_shell.R_factor_R_work                  0.167 
_refine_ls_shell.percent_reflns_obs               72.28 
_refine_ls_shell.R_factor_R_free                  0.229 
_refine_ls_shell.R_factor_R_free_error            ? 
_refine_ls_shell.percent_reflns_R_free            ? 
_refine_ls_shell.number_reflns_R_free             16 
_refine_ls_shell.number_reflns_all                ? 
_refine_ls_shell.R_factor_all                     ? 
_refine_ls_shell.number_reflns_obs                ? 
_refine_ls_shell.redundancy_reflns_obs            ? 
_refine_ls_shell.pdbx_refine_id                   'X-RAY DIFFRACTION' 
# 
_struct.entry_id                  2NS0 
_struct.title                     'Crystal structure of protein RHA04536 from Rhodococcus sp' 
_struct.pdbx_model_details        ? 
_struct.pdbx_CASP_flag            ? 
_struct.pdbx_model_type_details   ? 
# 
_struct_keywords.entry_id        2NS0 
_struct_keywords.pdbx_keywords   'STRUCTURAL GENOMICS, UNKNOWN FUNCTION' 
_struct_keywords.text            
;Rhodococcus Structural genomics, PSI-2, Protein Structure Initiative, Midwest Center for Structural Genomics, MCSG, STRUCTURAL GENOMICS, UNKNOWN FUNCTION
;
# 
loop_
_struct_asym.id 
_struct_asym.pdbx_blank_PDB_chainid_flag 
_struct_asym.pdbx_modified 
_struct_asym.entity_id 
_struct_asym.details 
A N N 1 ? 
B N N 2 ? 
C N N 3 ? 
D N N 4 ? 
# 
_struct_ref.id                         1 
_struct_ref.db_name                    UNP 
_struct_ref.db_code                    Q0S2K3_RHOSR 
_struct_ref.pdbx_db_accession          Q0S2K3 
_struct_ref.entity_id                  1 
_struct_ref.pdbx_seq_one_letter_code   
;MTVSDRELEECIRALLDARADSASICPSDVARAVAPDDWRPLMEPVREAAGRLADAGEVEVTQKGAVVDPRSARGPIRIR
WTRTD
;
_struct_ref.pdbx_align_begin           1 
_struct_ref.pdbx_db_isoform            ? 
# 
_struct_ref_seq.align_id                      1 
_struct_ref_seq.ref_id                        1 
_struct_ref_seq.pdbx_PDB_id_code              2NS0 
_struct_ref_seq.pdbx_strand_id                A 
_struct_ref_seq.seq_align_beg                 1 
_struct_ref_seq.pdbx_seq_align_beg_ins_code   ? 
_struct_ref_seq.seq_align_end                 85 
_struct_ref_seq.pdbx_seq_align_end_ins_code   ? 
_struct_ref_seq.pdbx_db_accession             Q0S2K3 
_struct_ref_seq.db_align_beg                  1 
_struct_ref_seq.pdbx_db_align_beg_ins_code    ? 
_struct_ref_seq.db_align_end                  85 
_struct_ref_seq.pdbx_db_align_end_ins_code    ? 
_struct_ref_seq.pdbx_auth_seq_align_beg       1 
_struct_ref_seq.pdbx_auth_seq_align_end       85 
# 
loop_
_struct_ref_seq_dif.align_id 
_struct_ref_seq_dif.pdbx_pdb_id_code 
_struct_ref_seq_dif.mon_id 
_struct_ref_seq_dif.pdbx_pdb_strand_id 
_struct_ref_seq_dif.seq_num 
_struct_ref_seq_dif.pdbx_pdb_ins_code 
_struct_ref_seq_dif.pdbx_seq_db_name 
_struct_ref_seq_dif.pdbx_seq_db_accession_code 
_struct_ref_seq_dif.db_mon_id 
_struct_ref_seq_dif.pdbx_seq_db_seq_num 
_struct_ref_seq_dif.details 
_struct_ref_seq_dif.pdbx_auth_seq_num 
_struct_ref_seq_dif.pdbx_ordinal 
1 2NS0 MSE A 1  ? UNP Q0S2K3 MET 1  'modified residue' 1  1 
1 2NS0 MSE A 43 ? UNP Q0S2K3 MET 43 'modified residue' 43 2 
# 
_pdbx_struct_assembly.id                   1 
_pdbx_struct_assembly.details              author_defined_assembly 
_pdbx_struct_assembly.method_details       ? 
_pdbx_struct_assembly.oligomeric_details   monomeric 
_pdbx_struct_assembly.oligomeric_count     1 
# 
_pdbx_struct_assembly_gen.assembly_id       1 
_pdbx_struct_assembly_gen.oper_expression   1 
_pdbx_struct_assembly_gen.asym_id_list      A,B,C,D 
# 
_pdbx_struct_oper_list.id                   1 
_pdbx_struct_oper_list.type                 'identity operation' 
_pdbx_struct_oper_list.name                 1_555 
_pdbx_struct_oper_list.symmetry_operation   x,y,z 
_pdbx_struct_oper_list.matrix[1][1]         1.0000000000 
_pdbx_struct_oper_list.matrix[1][2]         0.0000000000 
_pdbx_struct_oper_list.matrix[1][3]         0.0000000000 
_pdbx_struct_oper_list.vector[1]            0.0000000000 
_pdbx_struct_oper_list.matrix[2][1]         0.0000000000 
_pdbx_struct_oper_list.matrix[2][2]         1.0000000000 
_pdbx_struct_oper_list.matrix[2][3]         0.0000000000 
_pdbx_struct_oper_list.vector[2]            0.0000000000 
_pdbx_struct_oper_list.matrix[3][1]         0.0000000000 
_pdbx_struct_oper_list.matrix[3][2]         0.0000000000 
_pdbx_struct_oper_list.matrix[3][3]         1.0000000000 
_pdbx_struct_oper_list.vector[3]            0.0000000000 
# 
_struct_biol.id   1 
# 
loop_
_struct_conf.conf_type_id 
_struct_conf.id 
_struct_conf.pdbx_PDB_helix_id 
_struct_conf.beg_label_comp_id 
_struct_conf.beg_label_asym_id 
_struct_conf.beg_label_seq_id 
_struct_conf.pdbx_beg_PDB_ins_code 
_struct_conf.end_label_comp_id 
_struct_conf.end_label_asym_id 
_struct_conf.end_label_seq_id 
_struct_conf.pdbx_end_PDB_ins_code 
_struct_conf.beg_auth_comp_id 
_struct_conf.beg_auth_asym_id 
_struct_conf.beg_auth_seq_id 
_struct_conf.end_auth_comp_id 
_struct_conf.end_auth_asym_id 
_struct_conf.end_auth_seq_id 
_struct_conf.pdbx_PDB_helix_class 
_struct_conf.details 
_struct_conf.pdbx_PDB_helix_length 
HELX_P HELX_P1 1 SER A 4  ? ARG A 19 ? SER A 4  ARG A 19 1 ? 16 
HELX_P HELX_P2 2 CYS A 26 ? ALA A 35 ? CYS A 26 ALA A 35 1 ? 10 
HELX_P HELX_P3 3 TRP A 39 ? PRO A 41 ? TRP A 39 PRO A 41 5 ? 3  
HELX_P HELX_P4 4 LEU A 42 ? ALA A 56 ? LEU A 42 ALA A 56 1 ? 15 
# 
_struct_conf_type.id          HELX_P 
_struct_conf_type.criteria    ? 
_struct_conf_type.reference   ? 
# 
loop_
_struct_conn.id 
_struct_conn.conn_type_id 
_struct_conn.pdbx_leaving_atom_flag 
_struct_conn.pdbx_PDB_id 
_struct_conn.ptnr1_label_asym_id 
_struct_conn.ptnr1_label_comp_id 
_struct_conn.ptnr1_label_seq_id 
_struct_conn.ptnr1_label_atom_id 
_struct_conn.pdbx_ptnr1_label_alt_id 
_struct_conn.pdbx_ptnr1_PDB_ins_code 
_struct_conn.pdbx_ptnr1_standard_comp_id 
_struct_conn.ptnr1_symmetry 
_struct_conn.ptnr2_label_asym_id 
_struct_conn.ptnr2_label_comp_id 
_struct_conn.ptnr2_label_seq_id 
_struct_conn.ptnr2_label_atom_id 
_struct_conn.pdbx_ptnr2_label_alt_id 
_struct_conn.pdbx_ptnr2_PDB_ins_code 
_struct_conn.ptnr1_auth_asym_id 
_struct_conn.ptnr1_auth_comp_id 
_struct_conn.ptnr1_auth_seq_id 
_struct_conn.ptnr2_auth_asym_id 
_struct_conn.ptnr2_auth_comp_id 
_struct_conn.ptnr2_auth_seq_id 
_struct_conn.ptnr2_symmetry 
_struct_conn.pdbx_ptnr3_label_atom_id 
_struct_conn.pdbx_ptnr3_label_seq_id 
_struct_conn.pdbx_ptnr3_label_comp_id 
_struct_conn.pdbx_ptnr3_label_asym_id 
_struct_conn.pdbx_ptnr3_label_alt_id 
_struct_conn.pdbx_ptnr3_PDB_ins_code 
_struct_conn.details 
_struct_conn.pdbx_dist_value 
_struct_conn.pdbx_value_order 
_struct_conn.pdbx_role 
covale1 covale both ? A MSE 1  C ? ? ? 1_555 A THR 2  N ? ? A MSE 1  A THR 2  1_555 ? ? ? ? ? ? ? 1.331 ? ? 
covale2 covale both ? A LEU 42 C ? ? ? 1_555 A MSE 43 N ? ? A LEU 42 A MSE 43 1_555 ? ? ? ? ? ? ? 1.332 ? ? 
covale3 covale both ? A MSE 43 C ? ? ? 1_555 A GLU 44 N ? ? A MSE 43 A GLU 44 1_555 ? ? ? ? ? ? ? 1.332 ? ? 
# 
_struct_conn_type.id          covale 
_struct_conn_type.criteria    ? 
_struct_conn_type.reference   ? 
# 
loop_
_pdbx_modification_feature.ordinal 
_pdbx_modification_feature.label_comp_id 
_pdbx_modification_feature.label_asym_id 
_pdbx_modification_feature.label_seq_id 
_pdbx_modification_feature.label_alt_id 
_pdbx_modification_feature.modified_residue_label_comp_id 
_pdbx_modification_feature.modified_residue_label_asym_id 
_pdbx_modification_feature.modified_residue_label_seq_id 
_pdbx_modification_feature.modified_residue_label_alt_id 
_pdbx_modification_feature.auth_comp_id 
_pdbx_modification_feature.auth_asym_id 
_pdbx_modification_feature.auth_seq_id 
_pdbx_modification_feature.PDB_ins_code 
_pdbx_modification_feature.symmetry 
_pdbx_modification_feature.modified_residue_auth_comp_id 
_pdbx_modification_feature.modified_residue_auth_asym_id 
_pdbx_modification_feature.modified_residue_auth_seq_id 
_pdbx_modification_feature.modified_residue_PDB_ins_code 
_pdbx_modification_feature.modified_residue_symmetry 
_pdbx_modification_feature.comp_id_linking_atom 
_pdbx_modification_feature.modified_residue_id_linking_atom 
_pdbx_modification_feature.modified_residue_id 
_pdbx_modification_feature.ref_pcm_id 
_pdbx_modification_feature.ref_comp_id 
_pdbx_modification_feature.type 
_pdbx_modification_feature.category 
1 MSE A 1  ? . . . . MSE A 1  ? 1_555 . . . . . . . MET 1 MSE Selenomethionine 'Named protein modification' 
2 MSE A 43 ? . . . . MSE A 43 ? 1_555 . . . . . . . MET 1 MSE Selenomethionine 'Named protein modification' 
# 
_struct_sheet.id               A 
_struct_sheet.type             ? 
_struct_sheet.number_strands   3 
_struct_sheet.details          ? 
# 
loop_
_struct_sheet_order.sheet_id 
_struct_sheet_order.range_id_1 
_struct_sheet_order.range_id_2 
_struct_sheet_order.offset 
_struct_sheet_order.sense 
A 1 2 ? anti-parallel 
A 2 3 ? anti-parallel 
# 
loop_
_struct_sheet_range.sheet_id 
_struct_sheet_range.id 
_struct_sheet_range.beg_label_comp_id 
_struct_sheet_range.beg_label_asym_id 
_struct_sheet_range.beg_label_seq_id 
_struct_sheet_range.pdbx_beg_PDB_ins_code 
_struct_sheet_range.end_label_comp_id 
_struct_sheet_range.end_label_asym_id 
_struct_sheet_range.end_label_seq_id 
_struct_sheet_range.pdbx_end_PDB_ins_code 
_struct_sheet_range.beg_auth_comp_id 
_struct_sheet_range.beg_auth_asym_id 
_struct_sheet_range.beg_auth_seq_id 
_struct_sheet_range.end_auth_comp_id 
_struct_sheet_range.end_auth_asym_id 
_struct_sheet_range.end_auth_seq_id 
A 1 ALA A 66 ? VAL A 67 ? ALA A 66 VAL A 67 
A 2 VAL A 59 ? GLN A 63 ? VAL A 59 GLN A 63 
A 3 ARG A 78 ? TRP A 81 ? ARG A 78 TRP A 81 
# 
loop_
_pdbx_struct_sheet_hbond.sheet_id 
_pdbx_struct_sheet_hbond.range_id_1 
_pdbx_struct_sheet_hbond.range_id_2 
_pdbx_struct_sheet_hbond.range_1_label_atom_id 
_pdbx_struct_sheet_hbond.range_1_label_comp_id 
_pdbx_struct_sheet_hbond.range_1_label_asym_id 
_pdbx_struct_sheet_hbond.range_1_label_seq_id 
_pdbx_struct_sheet_hbond.range_1_PDB_ins_code 
_pdbx_struct_sheet_hbond.range_1_auth_atom_id 
_pdbx_struct_sheet_hbond.range_1_auth_comp_id 
_pdbx_struct_sheet_hbond.range_1_auth_asym_id 
_pdbx_struct_sheet_hbond.range_1_auth_seq_id 
_pdbx_struct_sheet_hbond.range_2_label_atom_id 
_pdbx_struct_sheet_hbond.range_2_label_comp_id 
_pdbx_struct_sheet_hbond.range_2_label_asym_id 
_pdbx_struct_sheet_hbond.range_2_label_seq_id 
_pdbx_struct_sheet_hbond.range_2_PDB_ins_code 
_pdbx_struct_sheet_hbond.range_2_auth_atom_id 
_pdbx_struct_sheet_hbond.range_2_auth_comp_id 
_pdbx_struct_sheet_hbond.range_2_auth_asym_id 
_pdbx_struct_sheet_hbond.range_2_auth_seq_id 
A 1 2 O ALA A 66 ? O ALA A 66 N GLN A 63 ? N GLN A 63 
A 2 3 N THR A 62 ? N THR A 62 O ARG A 78 ? O ARG A 78 
# 
loop_
_struct_site.id 
_struct_site.pdbx_evidence_code 
_struct_site.pdbx_auth_asym_id 
_struct_site.pdbx_auth_comp_id 
_struct_site.pdbx_auth_seq_id 
_struct_site.pdbx_auth_ins_code 
_struct_site.pdbx_num_residues 
_struct_site.details 
AC1 Software A EDO 102 ? 2  'BINDING SITE FOR RESIDUE EDO A 102' 
AC2 Software A GOL 101 ? 11 'BINDING SITE FOR RESIDUE GOL A 101' 
# 
loop_
_struct_site_gen.id 
_struct_site_gen.site_id 
_struct_site_gen.pdbx_num_res 
_struct_site_gen.label_comp_id 
_struct_site_gen.label_asym_id 
_struct_site_gen.label_seq_id 
_struct_site_gen.pdbx_auth_ins_code 
_struct_site_gen.auth_comp_id 
_struct_site_gen.auth_asym_id 
_struct_site_gen.auth_seq_id 
_struct_site_gen.label_atom_id 
_struct_site_gen.label_alt_id 
_struct_site_gen.symmetry 
_struct_site_gen.details 
1  AC1 2  MSE A 1  ? MSE A 1   . ? 1_555 ? 
2  AC1 2  THR A 2  ? THR A 2   . ? 1_555 ? 
3  AC2 11 LEU A 16 ? LEU A 16  . ? 1_555 ? 
4  AC2 11 ASP A 17 ? ASP A 17  . ? 1_555 ? 
5  AC2 11 ARG A 19 ? ARG A 19  . ? 1_555 ? 
6  AC2 11 ARG A 19 ? ARG A 19  . ? 4_576 ? 
7  AC2 11 ALA A 20 ? ALA A 20  . ? 4_576 ? 
8  AC2 11 ASP A 21 ? ASP A 21  . ? 4_576 ? 
9  AC2 11 LYS A 64 ? LYS A 64  . ? 5_555 ? 
10 AC2 11 LYS A 64 ? LYS A 64  . ? 8_566 ? 
11 AC2 11 TRP A 81 ? TRP A 81  . ? 1_555 ? 
12 AC2 11 HOH D .  ? HOH A 129 . ? 4_576 ? 
13 AC2 11 HOH D .  ? HOH A 188 . ? 8_566 ? 
# 
_pdbx_entry_details.entry_id                   2NS0 
_pdbx_entry_details.compound_details           ? 
_pdbx_entry_details.source_details             ? 
_pdbx_entry_details.nonpolymer_details         ? 
_pdbx_entry_details.sequence_details           ? 
_pdbx_entry_details.has_ligand_of_interest     ? 
_pdbx_entry_details.has_protein_modification   Y 
# 
_pdbx_validate_close_contact.id               1 
_pdbx_validate_close_contact.PDB_model_num    1 
_pdbx_validate_close_contact.auth_atom_id_1   O 
_pdbx_validate_close_contact.auth_asym_id_1   A 
_pdbx_validate_close_contact.auth_comp_id_1   ASP 
_pdbx_validate_close_contact.auth_seq_id_1    17 
_pdbx_validate_close_contact.PDB_ins_code_1   ? 
_pdbx_validate_close_contact.label_alt_id_1   ? 
_pdbx_validate_close_contact.auth_atom_id_2   C2 
_pdbx_validate_close_contact.auth_asym_id_2   A 
_pdbx_validate_close_contact.auth_comp_id_2   GOL 
_pdbx_validate_close_contact.auth_seq_id_2    101 
_pdbx_validate_close_contact.PDB_ins_code_2   ? 
_pdbx_validate_close_contact.label_alt_id_2   ? 
_pdbx_validate_close_contact.dist             2.16 
# 
_pdbx_validate_rmsd_angle.id                         1 
_pdbx_validate_rmsd_angle.PDB_model_num              1 
_pdbx_validate_rmsd_angle.auth_atom_id_1             NE 
_pdbx_validate_rmsd_angle.auth_asym_id_1             A 
_pdbx_validate_rmsd_angle.auth_comp_id_1             ARG 
_pdbx_validate_rmsd_angle.auth_seq_id_1              80 
_pdbx_validate_rmsd_angle.PDB_ins_code_1             ? 
_pdbx_validate_rmsd_angle.label_alt_id_1             ? 
_pdbx_validate_rmsd_angle.auth_atom_id_2             CZ 
_pdbx_validate_rmsd_angle.auth_asym_id_2             A 
_pdbx_validate_rmsd_angle.auth_comp_id_2             ARG 
_pdbx_validate_rmsd_angle.auth_seq_id_2              80 
_pdbx_validate_rmsd_angle.PDB_ins_code_2             ? 
_pdbx_validate_rmsd_angle.label_alt_id_2             ? 
_pdbx_validate_rmsd_angle.auth_atom_id_3             NH2 
_pdbx_validate_rmsd_angle.auth_asym_id_3             A 
_pdbx_validate_rmsd_angle.auth_comp_id_3             ARG 
_pdbx_validate_rmsd_angle.auth_seq_id_3              80 
_pdbx_validate_rmsd_angle.PDB_ins_code_3             ? 
_pdbx_validate_rmsd_angle.label_alt_id_3             ? 
_pdbx_validate_rmsd_angle.angle_value                117.03 
_pdbx_validate_rmsd_angle.angle_target_value         120.30 
_pdbx_validate_rmsd_angle.angle_deviation            -3.27 
_pdbx_validate_rmsd_angle.angle_standard_deviation   0.50 
_pdbx_validate_rmsd_angle.linker_flag                N 
# 
loop_
_pdbx_validate_torsion.id 
_pdbx_validate_torsion.PDB_model_num 
_pdbx_validate_torsion.auth_comp_id 
_pdbx_validate_torsion.auth_asym_id 
_pdbx_validate_torsion.auth_seq_id 
_pdbx_validate_torsion.PDB_ins_code 
_pdbx_validate_torsion.label_alt_id 
_pdbx_validate_torsion.phi 
_pdbx_validate_torsion.psi 
1 1 SER A 22 ? A 70.88   -12.84 
2 1 ASP A 38 ? ? -171.22 79.22  
# 
_pdbx_validate_peptide_omega.id               1 
_pdbx_validate_peptide_omega.PDB_model_num    1 
_pdbx_validate_peptide_omega.auth_comp_id_1   SER 
_pdbx_validate_peptide_omega.auth_asym_id_1   A 
_pdbx_validate_peptide_omega.auth_seq_id_1    22 
_pdbx_validate_peptide_omega.PDB_ins_code_1   ? 
_pdbx_validate_peptide_omega.label_alt_id_1   B 
_pdbx_validate_peptide_omega.auth_comp_id_2   ALA 
_pdbx_validate_peptide_omega.auth_asym_id_2   A 
_pdbx_validate_peptide_omega.auth_seq_id_2    23 
_pdbx_validate_peptide_omega.PDB_ins_code_2   ? 
_pdbx_validate_peptide_omega.label_alt_id_2   ? 
_pdbx_validate_peptide_omega.omega            -146.00 
# 
_pdbx_SG_project.id                    1 
_pdbx_SG_project.project_name          'PSI, Protein Structure Initiative' 
_pdbx_SG_project.full_name_of_center   'Midwest Center for Structural Genomics' 
_pdbx_SG_project.initial_of_center     MCSG 
# 
loop_
_pdbx_struct_mod_residue.id 
_pdbx_struct_mod_residue.label_asym_id 
_pdbx_struct_mod_residue.label_comp_id 
_pdbx_struct_mod_residue.label_seq_id 
_pdbx_struct_mod_residue.auth_asym_id 
_pdbx_struct_mod_residue.auth_comp_id 
_pdbx_struct_mod_residue.auth_seq_id 
_pdbx_struct_mod_residue.PDB_ins_code 
_pdbx_struct_mod_residue.parent_comp_id 
_pdbx_struct_mod_residue.details 
1 A MSE 1  A MSE 1  ? MET SELENOMETHIONINE 
2 A MSE 43 A MSE 43 ? MET SELENOMETHIONINE 
# 
loop_
_pdbx_refine_tls.id 
_pdbx_refine_tls.details 
_pdbx_refine_tls.method 
_pdbx_refine_tls.origin_x 
_pdbx_refine_tls.origin_y 
_pdbx_refine_tls.origin_z 
_pdbx_refine_tls.T[1][1] 
_pdbx_refine_tls.T[2][2] 
_pdbx_refine_tls.T[3][3] 
_pdbx_refine_tls.T[1][2] 
_pdbx_refine_tls.T[1][3] 
_pdbx_refine_tls.T[2][3] 
_pdbx_refine_tls.L[1][1] 
_pdbx_refine_tls.L[2][2] 
_pdbx_refine_tls.L[3][3] 
_pdbx_refine_tls.L[1][2] 
_pdbx_refine_tls.L[1][3] 
_pdbx_refine_tls.L[2][3] 
_pdbx_refine_tls.S[1][1] 
_pdbx_refine_tls.S[1][2] 
_pdbx_refine_tls.S[1][3] 
_pdbx_refine_tls.S[2][1] 
_pdbx_refine_tls.S[2][2] 
_pdbx_refine_tls.S[2][3] 
_pdbx_refine_tls.S[3][1] 
_pdbx_refine_tls.S[3][2] 
_pdbx_refine_tls.S[3][3] 
_pdbx_refine_tls.pdbx_refine_id 
1 ? refined 2.0900  2.7686  -4.1236 -0.0776 -0.0771 -0.0778 0.0031  -0.0096 0.0119  2.4943 5.5977 1.2371 2.5183  0.0191  0.8609  0.0212 0.0337  0.0216  0.1764 -0.0334 -0.1434 -0.0676 0.0721 0.0121  'X-RAY DIFFRACTION' 
2 ? refined 6.5456  0.6859  2.6799  -0.0452 -0.0614 0.0072  -0.0022 -0.0266 -0.0024 3.2150 0.2239 1.6460 -0.0346 1.0068  -0.4440 0.0186 -0.2349 -0.2480 0.1194 0.0534  -0.0497 0.0459  0.2583 -0.0721 'X-RAY DIFFRACTION' 
3 ? refined -6.8513 -2.3432 3.4365  -0.0369 -0.0608 -0.0758 -0.0002 0.0031  0.0061  0.2205 0.9529 0.3188 0.1260  -0.1052 0.4261  0.0240 -0.0227 0.0122  0.1608 -0.0501 0.0593  0.0360  0.0411 0.0260  'X-RAY DIFFRACTION' 
# 
loop_
_pdbx_refine_tls_group.id 
_pdbx_refine_tls_group.refine_tls_id 
_pdbx_refine_tls_group.beg_auth_asym_id 
_pdbx_refine_tls_group.beg_auth_seq_id 
_pdbx_refine_tls_group.beg_label_asym_id 
_pdbx_refine_tls_group.beg_label_seq_id 
_pdbx_refine_tls_group.end_auth_asym_id 
_pdbx_refine_tls_group.end_auth_seq_id 
_pdbx_refine_tls_group.end_label_asym_id 
_pdbx_refine_tls_group.end_label_seq_id 
_pdbx_refine_tls_group.selection 
_pdbx_refine_tls_group.pdbx_refine_id 
_pdbx_refine_tls_group.selection_details 
1 1 A 1  A 1  A 27 A 27 ? 'X-RAY DIFFRACTION' ? 
2 2 A 28 A 28 A 56 A 56 ? 'X-RAY DIFFRACTION' ? 
3 3 A 57 A 57 A 85 A 85 ? 'X-RAY DIFFRACTION' ? 
# 
loop_
_chem_comp_atom.comp_id 
_chem_comp_atom.atom_id 
_chem_comp_atom.type_symbol 
_chem_comp_atom.pdbx_aromatic_flag 
_chem_comp_atom.pdbx_stereo_config 
_chem_comp_atom.pdbx_ordinal 
ALA N    N  N N 1   
ALA CA   C  N S 2   
ALA C    C  N N 3   
ALA O    O  N N 4   
ALA CB   C  N N 5   
ALA OXT  O  N N 6   
ALA H    H  N N 7   
ALA H2   H  N N 8   
ALA HA   H  N N 9   
ALA HB1  H  N N 10  
ALA HB2  H  N N 11  
ALA HB3  H  N N 12  
ALA HXT  H  N N 13  
ARG N    N  N N 14  
ARG CA   C  N S 15  
ARG C    C  N N 16  
ARG O    O  N N 17  
ARG CB   C  N N 18  
ARG CG   C  N N 19  
ARG CD   C  N N 20  
ARG NE   N  N N 21  
ARG CZ   C  N N 22  
ARG NH1  N  N N 23  
ARG NH2  N  N N 24  
ARG OXT  O  N N 25  
ARG H    H  N N 26  
ARG H2   H  N N 27  
ARG HA   H  N N 28  
ARG HB2  H  N N 29  
ARG HB3  H  N N 30  
ARG HG2  H  N N 31  
ARG HG3  H  N N 32  
ARG HD2  H  N N 33  
ARG HD3  H  N N 34  
ARG HE   H  N N 35  
ARG HH11 H  N N 36  
ARG HH12 H  N N 37  
ARG HH21 H  N N 38  
ARG HH22 H  N N 39  
ARG HXT  H  N N 40  
ASP N    N  N N 41  
ASP CA   C  N S 42  
ASP C    C  N N 43  
ASP O    O  N N 44  
ASP CB   C  N N 45  
ASP CG   C  N N 46  
ASP OD1  O  N N 47  
ASP OD2  O  N N 48  
ASP OXT  O  N N 49  
ASP H    H  N N 50  
ASP H2   H  N N 51  
ASP HA   H  N N 52  
ASP HB2  H  N N 53  
ASP HB3  H  N N 54  
ASP HD2  H  N N 55  
ASP HXT  H  N N 56  
CYS N    N  N N 57  
CYS CA   C  N R 58  
CYS C    C  N N 59  
CYS O    O  N N 60  
CYS CB   C  N N 61  
CYS SG   S  N N 62  
CYS OXT  O  N N 63  
CYS H    H  N N 64  
CYS H2   H  N N 65  
CYS HA   H  N N 66  
CYS HB2  H  N N 67  
CYS HB3  H  N N 68  
CYS HG   H  N N 69  
CYS HXT  H  N N 70  
EDO C1   C  N N 71  
EDO O1   O  N N 72  
EDO C2   C  N N 73  
EDO O2   O  N N 74  
EDO H11  H  N N 75  
EDO H12  H  N N 76  
EDO HO1  H  N N 77  
EDO H21  H  N N 78  
EDO H22  H  N N 79  
EDO HO2  H  N N 80  
GLN N    N  N N 81  
GLN CA   C  N S 82  
GLN C    C  N N 83  
GLN O    O  N N 84  
GLN CB   C  N N 85  
GLN CG   C  N N 86  
GLN CD   C  N N 87  
GLN OE1  O  N N 88  
GLN NE2  N  N N 89  
GLN OXT  O  N N 90  
GLN H    H  N N 91  
GLN H2   H  N N 92  
GLN HA   H  N N 93  
GLN HB2  H  N N 94  
GLN HB3  H  N N 95  
GLN HG2  H  N N 96  
GLN HG3  H  N N 97  
GLN HE21 H  N N 98  
GLN HE22 H  N N 99  
GLN HXT  H  N N 100 
GLU N    N  N N 101 
GLU CA   C  N S 102 
GLU C    C  N N 103 
GLU O    O  N N 104 
GLU CB   C  N N 105 
GLU CG   C  N N 106 
GLU CD   C  N N 107 
GLU OE1  O  N N 108 
GLU OE2  O  N N 109 
GLU OXT  O  N N 110 
GLU H    H  N N 111 
GLU H2   H  N N 112 
GLU HA   H  N N 113 
GLU HB2  H  N N 114 
GLU HB3  H  N N 115 
GLU HG2  H  N N 116 
GLU HG3  H  N N 117 
GLU HE2  H  N N 118 
GLU HXT  H  N N 119 
GLY N    N  N N 120 
GLY CA   C  N N 121 
GLY C    C  N N 122 
GLY O    O  N N 123 
GLY OXT  O  N N 124 
GLY H    H  N N 125 
GLY H2   H  N N 126 
GLY HA2  H  N N 127 
GLY HA3  H  N N 128 
GLY HXT  H  N N 129 
GOL C1   C  N N 130 
GOL O1   O  N N 131 
GOL C2   C  N N 132 
GOL O2   O  N N 133 
GOL C3   C  N N 134 
GOL O3   O  N N 135 
GOL H11  H  N N 136 
GOL H12  H  N N 137 
GOL HO1  H  N N 138 
GOL H2   H  N N 139 
GOL HO2  H  N N 140 
GOL H31  H  N N 141 
GOL H32  H  N N 142 
GOL HO3  H  N N 143 
HOH O    O  N N 144 
HOH H1   H  N N 145 
HOH H2   H  N N 146 
ILE N    N  N N 147 
ILE CA   C  N S 148 
ILE C    C  N N 149 
ILE O    O  N N 150 
ILE CB   C  N S 151 
ILE CG1  C  N N 152 
ILE CG2  C  N N 153 
ILE CD1  C  N N 154 
ILE OXT  O  N N 155 
ILE H    H  N N 156 
ILE H2   H  N N 157 
ILE HA   H  N N 158 
ILE HB   H  N N 159 
ILE HG12 H  N N 160 
ILE HG13 H  N N 161 
ILE HG21 H  N N 162 
ILE HG22 H  N N 163 
ILE HG23 H  N N 164 
ILE HD11 H  N N 165 
ILE HD12 H  N N 166 
ILE HD13 H  N N 167 
ILE HXT  H  N N 168 
LEU N    N  N N 169 
LEU CA   C  N S 170 
LEU C    C  N N 171 
LEU O    O  N N 172 
LEU CB   C  N N 173 
LEU CG   C  N N 174 
LEU CD1  C  N N 175 
LEU CD2  C  N N 176 
LEU OXT  O  N N 177 
LEU H    H  N N 178 
LEU H2   H  N N 179 
LEU HA   H  N N 180 
LEU HB2  H  N N 181 
LEU HB3  H  N N 182 
LEU HG   H  N N 183 
LEU HD11 H  N N 184 
LEU HD12 H  N N 185 
LEU HD13 H  N N 186 
LEU HD21 H  N N 187 
LEU HD22 H  N N 188 
LEU HD23 H  N N 189 
LEU HXT  H  N N 190 
LYS N    N  N N 191 
LYS CA   C  N S 192 
LYS C    C  N N 193 
LYS O    O  N N 194 
LYS CB   C  N N 195 
LYS CG   C  N N 196 
LYS CD   C  N N 197 
LYS CE   C  N N 198 
LYS NZ   N  N N 199 
LYS OXT  O  N N 200 
LYS H    H  N N 201 
LYS H2   H  N N 202 
LYS HA   H  N N 203 
LYS HB2  H  N N 204 
LYS HB3  H  N N 205 
LYS HG2  H  N N 206 
LYS HG3  H  N N 207 
LYS HD2  H  N N 208 
LYS HD3  H  N N 209 
LYS HE2  H  N N 210 
LYS HE3  H  N N 211 
LYS HZ1  H  N N 212 
LYS HZ2  H  N N 213 
LYS HZ3  H  N N 214 
LYS HXT  H  N N 215 
MET N    N  N N 216 
MET CA   C  N S 217 
MET C    C  N N 218 
MET O    O  N N 219 
MET CB   C  N N 220 
MET CG   C  N N 221 
MET SD   S  N N 222 
MET CE   C  N N 223 
MET OXT  O  N N 224 
MET H    H  N N 225 
MET H2   H  N N 226 
MET HA   H  N N 227 
MET HB2  H  N N 228 
MET HB3  H  N N 229 
MET HG2  H  N N 230 
MET HG3  H  N N 231 
MET HE1  H  N N 232 
MET HE2  H  N N 233 
MET HE3  H  N N 234 
MET HXT  H  N N 235 
MSE N    N  N N 236 
MSE CA   C  N S 237 
MSE C    C  N N 238 
MSE O    O  N N 239 
MSE OXT  O  N N 240 
MSE CB   C  N N 241 
MSE CG   C  N N 242 
MSE SE   SE N N 243 
MSE CE   C  N N 244 
MSE H    H  N N 245 
MSE H2   H  N N 246 
MSE HA   H  N N 247 
MSE HXT  H  N N 248 
MSE HB2  H  N N 249 
MSE HB3  H  N N 250 
MSE HG2  H  N N 251 
MSE HG3  H  N N 252 
MSE HE1  H  N N 253 
MSE HE2  H  N N 254 
MSE HE3  H  N N 255 
PRO N    N  N N 256 
PRO CA   C  N S 257 
PRO C    C  N N 258 
PRO O    O  N N 259 
PRO CB   C  N N 260 
PRO CG   C  N N 261 
PRO CD   C  N N 262 
PRO OXT  O  N N 263 
PRO H    H  N N 264 
PRO HA   H  N N 265 
PRO HB2  H  N N 266 
PRO HB3  H  N N 267 
PRO HG2  H  N N 268 
PRO HG3  H  N N 269 
PRO HD2  H  N N 270 
PRO HD3  H  N N 271 
PRO HXT  H  N N 272 
SER N    N  N N 273 
SER CA   C  N S 274 
SER C    C  N N 275 
SER O    O  N N 276 
SER CB   C  N N 277 
SER OG   O  N N 278 
SER OXT  O  N N 279 
SER H    H  N N 280 
SER H2   H  N N 281 
SER HA   H  N N 282 
SER HB2  H  N N 283 
SER HB3  H  N N 284 
SER HG   H  N N 285 
SER HXT  H  N N 286 
THR N    N  N N 287 
THR CA   C  N S 288 
THR C    C  N N 289 
THR O    O  N N 290 
THR CB   C  N R 291 
THR OG1  O  N N 292 
THR CG2  C  N N 293 
THR OXT  O  N N 294 
THR H    H  N N 295 
THR H2   H  N N 296 
THR HA   H  N N 297 
THR HB   H  N N 298 
THR HG1  H  N N 299 
THR HG21 H  N N 300 
THR HG22 H  N N 301 
THR HG23 H  N N 302 
THR HXT  H  N N 303 
TRP N    N  N N 304 
TRP CA   C  N S 305 
TRP C    C  N N 306 
TRP O    O  N N 307 
TRP CB   C  N N 308 
TRP CG   C  Y N 309 
TRP CD1  C  Y N 310 
TRP CD2  C  Y N 311 
TRP NE1  N  Y N 312 
TRP CE2  C  Y N 313 
TRP CE3  C  Y N 314 
TRP CZ2  C  Y N 315 
TRP CZ3  C  Y N 316 
TRP CH2  C  Y N 317 
TRP OXT  O  N N 318 
TRP H    H  N N 319 
TRP H2   H  N N 320 
TRP HA   H  N N 321 
TRP HB2  H  N N 322 
TRP HB3  H  N N 323 
TRP HD1  H  N N 324 
TRP HE1  H  N N 325 
TRP HE3  H  N N 326 
TRP HZ2  H  N N 327 
TRP HZ3  H  N N 328 
TRP HH2  H  N N 329 
TRP HXT  H  N N 330 
VAL N    N  N N 331 
VAL CA   C  N S 332 
VAL C    C  N N 333 
VAL O    O  N N 334 
VAL CB   C  N N 335 
VAL CG1  C  N N 336 
VAL CG2  C  N N 337 
VAL OXT  O  N N 338 
VAL H    H  N N 339 
VAL H2   H  N N 340 
VAL HA   H  N N 341 
VAL HB   H  N N 342 
VAL HG11 H  N N 343 
VAL HG12 H  N N 344 
VAL HG13 H  N N 345 
VAL HG21 H  N N 346 
VAL HG22 H  N N 347 
VAL HG23 H  N N 348 
VAL HXT  H  N N 349 
# 
loop_
_chem_comp_bond.comp_id 
_chem_comp_bond.atom_id_1 
_chem_comp_bond.atom_id_2 
_chem_comp_bond.value_order 
_chem_comp_bond.pdbx_aromatic_flag 
_chem_comp_bond.pdbx_stereo_config 
_chem_comp_bond.pdbx_ordinal 
ALA N   CA   sing N N 1   
ALA N   H    sing N N 2   
ALA N   H2   sing N N 3   
ALA CA  C    sing N N 4   
ALA CA  CB   sing N N 5   
ALA CA  HA   sing N N 6   
ALA C   O    doub N N 7   
ALA C   OXT  sing N N 8   
ALA CB  HB1  sing N N 9   
ALA CB  HB2  sing N N 10  
ALA CB  HB3  sing N N 11  
ALA OXT HXT  sing N N 12  
ARG N   CA   sing N N 13  
ARG N   H    sing N N 14  
ARG N   H2   sing N N 15  
ARG CA  C    sing N N 16  
ARG CA  CB   sing N N 17  
ARG CA  HA   sing N N 18  
ARG C   O    doub N N 19  
ARG C   OXT  sing N N 20  
ARG CB  CG   sing N N 21  
ARG CB  HB2  sing N N 22  
ARG CB  HB3  sing N N 23  
ARG CG  CD   sing N N 24  
ARG CG  HG2  sing N N 25  
ARG CG  HG3  sing N N 26  
ARG CD  NE   sing N N 27  
ARG CD  HD2  sing N N 28  
ARG CD  HD3  sing N N 29  
ARG NE  CZ   sing N N 30  
ARG NE  HE   sing N N 31  
ARG CZ  NH1  sing N N 32  
ARG CZ  NH2  doub N N 33  
ARG NH1 HH11 sing N N 34  
ARG NH1 HH12 sing N N 35  
ARG NH2 HH21 sing N N 36  
ARG NH2 HH22 sing N N 37  
ARG OXT HXT  sing N N 38  
ASP N   CA   sing N N 39  
ASP N   H    sing N N 40  
ASP N   H2   sing N N 41  
ASP CA  C    sing N N 42  
ASP CA  CB   sing N N 43  
ASP CA  HA   sing N N 44  
ASP C   O    doub N N 45  
ASP C   OXT  sing N N 46  
ASP CB  CG   sing N N 47  
ASP CB  HB2  sing N N 48  
ASP CB  HB3  sing N N 49  
ASP CG  OD1  doub N N 50  
ASP CG  OD2  sing N N 51  
ASP OD2 HD2  sing N N 52  
ASP OXT HXT  sing N N 53  
CYS N   CA   sing N N 54  
CYS N   H    sing N N 55  
CYS N   H2   sing N N 56  
CYS CA  C    sing N N 57  
CYS CA  CB   sing N N 58  
CYS CA  HA   sing N N 59  
CYS C   O    doub N N 60  
CYS C   OXT  sing N N 61  
CYS CB  SG   sing N N 62  
CYS CB  HB2  sing N N 63  
CYS CB  HB3  sing N N 64  
CYS SG  HG   sing N N 65  
CYS OXT HXT  sing N N 66  
EDO C1  O1   sing N N 67  
EDO C1  C2   sing N N 68  
EDO C1  H11  sing N N 69  
EDO C1  H12  sing N N 70  
EDO O1  HO1  sing N N 71  
EDO C2  O2   sing N N 72  
EDO C2  H21  sing N N 73  
EDO C2  H22  sing N N 74  
EDO O2  HO2  sing N N 75  
GLN N   CA   sing N N 76  
GLN N   H    sing N N 77  
GLN N   H2   sing N N 78  
GLN CA  C    sing N N 79  
GLN CA  CB   sing N N 80  
GLN CA  HA   sing N N 81  
GLN C   O    doub N N 82  
GLN C   OXT  sing N N 83  
GLN CB  CG   sing N N 84  
GLN CB  HB2  sing N N 85  
GLN CB  HB3  sing N N 86  
GLN CG  CD   sing N N 87  
GLN CG  HG2  sing N N 88  
GLN CG  HG3  sing N N 89  
GLN CD  OE1  doub N N 90  
GLN CD  NE2  sing N N 91  
GLN NE2 HE21 sing N N 92  
GLN NE2 HE22 sing N N 93  
GLN OXT HXT  sing N N 94  
GLU N   CA   sing N N 95  
GLU N   H    sing N N 96  
GLU N   H2   sing N N 97  
GLU CA  C    sing N N 98  
GLU CA  CB   sing N N 99  
GLU CA  HA   sing N N 100 
GLU C   O    doub N N 101 
GLU C   OXT  sing N N 102 
GLU CB  CG   sing N N 103 
GLU CB  HB2  sing N N 104 
GLU CB  HB3  sing N N 105 
GLU CG  CD   sing N N 106 
GLU CG  HG2  sing N N 107 
GLU CG  HG3  sing N N 108 
GLU CD  OE1  doub N N 109 
GLU CD  OE2  sing N N 110 
GLU OE2 HE2  sing N N 111 
GLU OXT HXT  sing N N 112 
GLY N   CA   sing N N 113 
GLY N   H    sing N N 114 
GLY N   H2   sing N N 115 
GLY CA  C    sing N N 116 
GLY CA  HA2  sing N N 117 
GLY CA  HA3  sing N N 118 
GLY C   O    doub N N 119 
GLY C   OXT  sing N N 120 
GLY OXT HXT  sing N N 121 
GOL C1  O1   sing N N 122 
GOL C1  C2   sing N N 123 
GOL C1  H11  sing N N 124 
GOL C1  H12  sing N N 125 
GOL O1  HO1  sing N N 126 
GOL C2  O2   sing N N 127 
GOL C2  C3   sing N N 128 
GOL C2  H2   sing N N 129 
GOL O2  HO2  sing N N 130 
GOL C3  O3   sing N N 131 
GOL C3  H31  sing N N 132 
GOL C3  H32  sing N N 133 
GOL O3  HO3  sing N N 134 
HOH O   H1   sing N N 135 
HOH O   H2   sing N N 136 
ILE N   CA   sing N N 137 
ILE N   H    sing N N 138 
ILE N   H2   sing N N 139 
ILE CA  C    sing N N 140 
ILE CA  CB   sing N N 141 
ILE CA  HA   sing N N 142 
ILE C   O    doub N N 143 
ILE C   OXT  sing N N 144 
ILE CB  CG1  sing N N 145 
ILE CB  CG2  sing N N 146 
ILE CB  HB   sing N N 147 
ILE CG1 CD1  sing N N 148 
ILE CG1 HG12 sing N N 149 
ILE CG1 HG13 sing N N 150 
ILE CG2 HG21 sing N N 151 
ILE CG2 HG22 sing N N 152 
ILE CG2 HG23 sing N N 153 
ILE CD1 HD11 sing N N 154 
ILE CD1 HD12 sing N N 155 
ILE CD1 HD13 sing N N 156 
ILE OXT HXT  sing N N 157 
LEU N   CA   sing N N 158 
LEU N   H    sing N N 159 
LEU N   H2   sing N N 160 
LEU CA  C    sing N N 161 
LEU CA  CB   sing N N 162 
LEU CA  HA   sing N N 163 
LEU C   O    doub N N 164 
LEU C   OXT  sing N N 165 
LEU CB  CG   sing N N 166 
LEU CB  HB2  sing N N 167 
LEU CB  HB3  sing N N 168 
LEU CG  CD1  sing N N 169 
LEU CG  CD2  sing N N 170 
LEU CG  HG   sing N N 171 
LEU CD1 HD11 sing N N 172 
LEU CD1 HD12 sing N N 173 
LEU CD1 HD13 sing N N 174 
LEU CD2 HD21 sing N N 175 
LEU CD2 HD22 sing N N 176 
LEU CD2 HD23 sing N N 177 
LEU OXT HXT  sing N N 178 
LYS N   CA   sing N N 179 
LYS N   H    sing N N 180 
LYS N   H2   sing N N 181 
LYS CA  C    sing N N 182 
LYS CA  CB   sing N N 183 
LYS CA  HA   sing N N 184 
LYS C   O    doub N N 185 
LYS C   OXT  sing N N 186 
LYS CB  CG   sing N N 187 
LYS CB  HB2  sing N N 188 
LYS CB  HB3  sing N N 189 
LYS CG  CD   sing N N 190 
LYS CG  HG2  sing N N 191 
LYS CG  HG3  sing N N 192 
LYS CD  CE   sing N N 193 
LYS CD  HD2  sing N N 194 
LYS CD  HD3  sing N N 195 
LYS CE  NZ   sing N N 196 
LYS CE  HE2  sing N N 197 
LYS CE  HE3  sing N N 198 
LYS NZ  HZ1  sing N N 199 
LYS NZ  HZ2  sing N N 200 
LYS NZ  HZ3  sing N N 201 
LYS OXT HXT  sing N N 202 
MET N   CA   sing N N 203 
MET N   H    sing N N 204 
MET N   H2   sing N N 205 
MET CA  C    sing N N 206 
MET CA  CB   sing N N 207 
MET CA  HA   sing N N 208 
MET C   O    doub N N 209 
MET C   OXT  sing N N 210 
MET CB  CG   sing N N 211 
MET CB  HB2  sing N N 212 
MET CB  HB3  sing N N 213 
MET CG  SD   sing N N 214 
MET CG  HG2  sing N N 215 
MET CG  HG3  sing N N 216 
MET SD  CE   sing N N 217 
MET CE  HE1  sing N N 218 
MET CE  HE2  sing N N 219 
MET CE  HE3  sing N N 220 
MET OXT HXT  sing N N 221 
MSE N   CA   sing N N 222 
MSE N   H    sing N N 223 
MSE N   H2   sing N N 224 
MSE CA  C    sing N N 225 
MSE CA  CB   sing N N 226 
MSE CA  HA   sing N N 227 
MSE C   O    doub N N 228 
MSE C   OXT  sing N N 229 
MSE OXT HXT  sing N N 230 
MSE CB  CG   sing N N 231 
MSE CB  HB2  sing N N 232 
MSE CB  HB3  sing N N 233 
MSE CG  SE   sing N N 234 
MSE CG  HG2  sing N N 235 
MSE CG  HG3  sing N N 236 
MSE SE  CE   sing N N 237 
MSE CE  HE1  sing N N 238 
MSE CE  HE2  sing N N 239 
MSE CE  HE3  sing N N 240 
PRO N   CA   sing N N 241 
PRO N   CD   sing N N 242 
PRO N   H    sing N N 243 
PRO CA  C    sing N N 244 
PRO CA  CB   sing N N 245 
PRO CA  HA   sing N N 246 
PRO C   O    doub N N 247 
PRO C   OXT  sing N N 248 
PRO CB  CG   sing N N 249 
PRO CB  HB2  sing N N 250 
PRO CB  HB3  sing N N 251 
PRO CG  CD   sing N N 252 
PRO CG  HG2  sing N N 253 
PRO CG  HG3  sing N N 254 
PRO CD  HD2  sing N N 255 
PRO CD  HD3  sing N N 256 
PRO OXT HXT  sing N N 257 
SER N   CA   sing N N 258 
SER N   H    sing N N 259 
SER N   H2   sing N N 260 
SER CA  C    sing N N 261 
SER CA  CB   sing N N 262 
SER CA  HA   sing N N 263 
SER C   O    doub N N 264 
SER C   OXT  sing N N 265 
SER CB  OG   sing N N 266 
SER CB  HB2  sing N N 267 
SER CB  HB3  sing N N 268 
SER OG  HG   sing N N 269 
SER OXT HXT  sing N N 270 
THR N   CA   sing N N 271 
THR N   H    sing N N 272 
THR N   H2   sing N N 273 
THR CA  C    sing N N 274 
THR CA  CB   sing N N 275 
THR CA  HA   sing N N 276 
THR C   O    doub N N 277 
THR C   OXT  sing N N 278 
THR CB  OG1  sing N N 279 
THR CB  CG2  sing N N 280 
THR CB  HB   sing N N 281 
THR OG1 HG1  sing N N 282 
THR CG2 HG21 sing N N 283 
THR CG2 HG22 sing N N 284 
THR CG2 HG23 sing N N 285 
THR OXT HXT  sing N N 286 
TRP N   CA   sing N N 287 
TRP N   H    sing N N 288 
TRP N   H2   sing N N 289 
TRP CA  C    sing N N 290 
TRP CA  CB   sing N N 291 
TRP CA  HA   sing N N 292 
TRP C   O    doub N N 293 
TRP C   OXT  sing N N 294 
TRP CB  CG   sing N N 295 
TRP CB  HB2  sing N N 296 
TRP CB  HB3  sing N N 297 
TRP CG  CD1  doub Y N 298 
TRP CG  CD2  sing Y N 299 
TRP CD1 NE1  sing Y N 300 
TRP CD1 HD1  sing N N 301 
TRP CD2 CE2  doub Y N 302 
TRP CD2 CE3  sing Y N 303 
TRP NE1 CE2  sing Y N 304 
TRP NE1 HE1  sing N N 305 
TRP CE2 CZ2  sing Y N 306 
TRP CE3 CZ3  doub Y N 307 
TRP CE3 HE3  sing N N 308 
TRP CZ2 CH2  doub Y N 309 
TRP CZ2 HZ2  sing N N 310 
TRP CZ3 CH2  sing Y N 311 
TRP CZ3 HZ3  sing N N 312 
TRP CH2 HH2  sing N N 313 
TRP OXT HXT  sing N N 314 
VAL N   CA   sing N N 315 
VAL N   H    sing N N 316 
VAL N   H2   sing N N 317 
VAL CA  C    sing N N 318 
VAL CA  CB   sing N N 319 
VAL CA  HA   sing N N 320 
VAL C   O    doub N N 321 
VAL C   OXT  sing N N 322 
VAL CB  CG1  sing N N 323 
VAL CB  CG2  sing N N 324 
VAL CB  HB   sing N N 325 
VAL CG1 HG11 sing N N 326 
VAL CG1 HG12 sing N N 327 
VAL CG1 HG13 sing N N 328 
VAL CG2 HG21 sing N N 329 
VAL CG2 HG22 sing N N 330 
VAL CG2 HG23 sing N N 331 
VAL OXT HXT  sing N N 332 
# 
_atom_sites.entry_id                    2NS0 
_atom_sites.fract_transf_matrix[1][1]   -0.00690313 
_atom_sites.fract_transf_matrix[1][2]   0.02533882 
_atom_sites.fract_transf_matrix[1][3]   -0.00380835 
_atom_sites.fract_transf_matrix[2][1]   0.00310447 
_atom_sites.fract_transf_matrix[2][2]   -0.00192732 
_atom_sites.fract_transf_matrix[2][3]   -0.01845064 
_atom_sites.fract_transf_matrix[3][1]   -0.01056297 
_atom_sites.fract_transf_matrix[3][2]   -0.00309622 
_atom_sites.fract_transf_matrix[3][3]   -0.00145388 
_atom_sites.fract_transf_vector[1]      0.777570 
_atom_sites.fract_transf_vector[2]      0.741653 
_atom_sites.fract_transf_vector[3]      0.411394 
# 
loop_
_atom_type.symbol 
C  
N  
O  
S  
SE 
# 
loop_
_atom_site.group_PDB 
_atom_site.id 
_atom_site.type_symbol 
_atom_site.label_atom_id 
_atom_site.label_alt_id 
_atom_site.label_comp_id 
_atom_site.label_asym_id 
_atom_site.label_entity_id 
_atom_site.label_seq_id 
_atom_site.pdbx_PDB_ins_code 
_atom_site.Cartn_x 
_atom_site.Cartn_y 
_atom_site.Cartn_z 
_atom_site.occupancy 
_atom_site.B_iso_or_equiv 
_atom_site.pdbx_formal_charge 
_atom_site.auth_seq_id 
_atom_site.auth_comp_id 
_atom_site.auth_asym_id 
_atom_site.auth_atom_id 
_atom_site.pdbx_PDB_model_num 
HETATM 1   N  N   . MSE A 1 1  ? 13.823  10.173  5.289   1.00 31.44 ? 1   MSE A N   1 
HETATM 2   C  CA  . MSE A 1 1  ? 15.323  10.056  5.211   1.00 33.44 ? 1   MSE A CA  1 
HETATM 3   C  C   . MSE A 1 1  ? 15.802  9.684   3.809   1.00 29.72 ? 1   MSE A C   1 
HETATM 4   O  O   . MSE A 1 1  ? 16.618  10.389  3.226   1.00 28.86 ? 1   MSE A O   1 
HETATM 5   C  CB  . MSE A 1 1  ? 15.881  9.038   6.209   1.00 33.12 ? 1   MSE A CB  1 
HETATM 6   C  CG  . MSE A 1 1  ? 16.296  9.598   7.557   1.00 36.04 ? 1   MSE A CG  1 
HETATM 7   SE SE  . MSE A 1 1  ? 17.705  8.503   8.489   1.00 44.78 ? 1   MSE A SE  1 
HETATM 8   C  CE  . MSE A 1 1  ? 19.303  8.957   7.435   0.50 42.36 ? 1   MSE A CE  1 
ATOM   9   N  N   . THR A 1 2  ? 15.295  8.580   3.264   1.00 27.01 ? 2   THR A N   1 
ATOM   10  C  CA  . THR A 1 2  ? 15.699  8.155   1.926   1.00 24.62 ? 2   THR A CA  1 
ATOM   11  C  C   . THR A 1 2  ? 14.570  8.237   0.897   1.00 23.16 ? 2   THR A C   1 
ATOM   12  O  O   . THR A 1 2  ? 14.829  8.302   -0.309  1.00 21.48 ? 2   THR A O   1 
ATOM   13  C  CB  . THR A 1 2  ? 16.306  6.728   1.944   1.00 24.94 ? 2   THR A CB  1 
ATOM   14  O  OG1 . THR A 1 2  ? 15.349  5.796   2.455   1.00 23.78 ? 2   THR A OG1 1 
ATOM   15  C  CG2 . THR A 1 2  ? 17.566  6.691   2.803   1.00 25.26 ? 2   THR A CG2 1 
ATOM   16  N  N   . VAL A 1 3  ? 13.322  8.209   1.385   1.00 22.12 ? 3   VAL A N   1 
ATOM   17  C  CA  . VAL A 1 3  ? 12.105  8.258   0.541   1.00 21.25 ? 3   VAL A CA  1 
ATOM   18  C  C   . VAL A 1 3  ? 11.089  9.221   1.174   1.00 20.82 ? 3   VAL A C   1 
ATOM   19  O  O   . VAL A 1 3  ? 10.884  9.193   2.370   1.00 21.48 ? 3   VAL A O   1 
ATOM   20  C  CB  . VAL A 1 3  ? 11.449  6.838   0.297   1.00 20.99 ? 3   VAL A CB  1 
ATOM   21  C  CG1 . VAL A 1 3  ? 10.500  6.884   -0.841  1.00 21.11 ? 3   VAL A CG1 1 
ATOM   22  C  CG2 . VAL A 1 3  ? 12.477  5.759   -0.032  1.00 20.58 ? 3   VAL A CG2 1 
ATOM   23  N  N   . SER A 1 4  ? 10.494  10.107  0.384   1.00 21.04 ? 4   SER A N   1 
ATOM   24  C  CA  . SER A 1 4  ? 9.467   11.048  0.902   1.00 20.13 ? 4   SER A CA  1 
ATOM   25  C  C   . SER A 1 4  ? 8.126   10.357  0.990   1.00 20.69 ? 4   SER A C   1 
ATOM   26  O  O   . SER A 1 4  ? 7.883   9.375   0.285   1.00 20.46 ? 4   SER A O   1 
ATOM   27  C  CB  . SER A 1 4  ? 9.351   12.283  0.005   1.00 19.68 ? 4   SER A CB  1 
ATOM   28  O  OG  . SER A 1 4  ? 8.828   11.903  -1.256  1.00 17.92 ? 4   SER A OG  1 
ATOM   29  N  N   . ASP A 1 5  ? 7.258   10.859  1.858   1.00 20.54 ? 5   ASP A N   1 
ATOM   30  C  CA  . ASP A 1 5  ? 5.867   10.428  1.912   1.00 20.73 ? 5   ASP A CA  1 
ATOM   31  C  C   . ASP A 1 5  ? 5.211   10.418  0.545   1.00 20.76 ? 5   ASP A C   1 
ATOM   32  O  O   . ASP A 1 5  ? 4.569   9.443   0.175   1.00 20.76 ? 5   ASP A O   1 
ATOM   33  C  CB  . ASP A 1 5  ? 5.083   11.376  2.797   1.00 20.35 ? 5   ASP A CB  1 
ATOM   34  C  CG  . ASP A 1 5  ? 5.501   11.278  4.249   1.00 23.27 ? 5   ASP A CG  1 
ATOM   35  O  OD1 . ASP A 1 5  ? 6.340   10.377  4.535   1.00 23.87 ? 5   ASP A OD1 1 
ATOM   36  O  OD2 . ASP A 1 5  ? 4.994   12.103  5.084   1.00 24.11 ? 5   ASP A OD2 1 
ATOM   37  N  N   . ARG A 1 6  ? 5.358   11.513  -0.183  1.00 20.03 ? 6   ARG A N   1 
ATOM   38  C  CA  . ARG A 1 6  ? 4.838   11.652  -1.547  1.00 21.36 ? 6   ARG A CA  1 
ATOM   39  C  C   . ARG A 1 6  ? 5.349   10.542  -2.483  1.00 20.66 ? 6   ARG A C   1 
ATOM   40  O  O   . ARG A 1 6  ? 4.598   9.987   -3.283  1.00 20.24 ? 6   ARG A O   1 
ATOM   41  C  CB  . ARG A 1 6  ? 5.231   13.021  -2.100  1.00 22.95 ? 6   ARG A CB  1 
ATOM   42  C  CG  . ARG A 1 6  ? 4.588   13.342  -3.436  1.00 28.75 ? 6   ARG A CG  1 
ATOM   43  C  CD  . ARG A 1 6  ? 4.527   14.862  -3.685  1.00 37.09 ? 6   ARG A CD  1 
ATOM   44  N  NE  . ARG A 1 6  ? 5.820   15.373  -4.144  1.00 43.19 ? 6   ARG A NE  1 
ATOM   45  C  CZ  . ARG A 1 6  ? 6.091   16.650  -4.449  1.00 45.00 ? 6   ARG A CZ  1 
ATOM   46  N  NH1 . ARG A 1 6  ? 5.151   17.590  -4.362  1.00 44.86 ? 6   ARG A NH1 1 
ATOM   47  N  NH2 . ARG A 1 6  ? 7.324   16.982  -4.843  1.00 45.66 ? 6   ARG A NH2 1 
ATOM   48  N  N   . GLU A 1 7  ? 6.634   10.219  -2.400  1.00 20.00 ? 7   GLU A N   1 
ATOM   49  C  CA  . GLU A 1 7  ? 7.193   9.164   -3.228  1.00 19.73 ? 7   GLU A CA  1 
ATOM   50  C  C   . GLU A 1 7  ? 6.533   7.806   -2.964  1.00 18.77 ? 7   GLU A C   1 
ATOM   51  O  O   . GLU A 1 7  ? 6.336   7.027   -3.883  1.00 17.10 ? 7   GLU A O   1 
ATOM   52  C  CB  . GLU A 1 7  ? 8.676   9.000   -2.942  1.00 20.31 ? 7   GLU A CB  1 
ATOM   53  C  CG  . GLU A 1 7  ? 9.664   9.726   -3.805  1.00 26.67 ? 7   GLU A CG  1 
ATOM   54  C  CD  . GLU A 1 7  ? 11.078  9.315   -3.368  1.00 33.64 ? 7   GLU A CD  1 
ATOM   55  O  OE1 . GLU A 1 7  ? 11.516  8.169   -3.748  1.00 37.18 ? 7   GLU A OE1 1 
ATOM   56  O  OE2 . GLU A 1 7  ? 11.693  10.079  -2.579  1.00 30.03 ? 7   GLU A OE2 1 
ATOM   57  N  N   . LEU A 1 8  ? 6.280   7.508   -1.689  1.00 17.83 ? 8   LEU A N   1 
ATOM   58  C  CA  . LEU A 1 8  ? 5.688   6.254   -1.303  1.00 17.45 ? 8   LEU A CA  1 
ATOM   59  C  C   . LEU A 1 8  ? 4.250   6.204   -1.781  1.00 18.07 ? 8   LEU A C   1 
ATOM   60  O  O   . LEU A 1 8  ? 3.792   5.161   -2.280  1.00 16.47 ? 8   LEU A O   1 
ATOM   61  C  CB  . LEU A 1 8  ? 5.745   6.064   0.211   1.00 17.58 ? 8   LEU A CB  1 
ATOM   62  C  CG  . LEU A 1 8  ? 7.177   5.879   0.755   1.00 17.62 ? 8   LEU A CG  1 
ATOM   63  C  CD1 . LEU A 1 8  ? 7.259   5.817   2.284   1.00 16.00 ? 8   LEU A CD1 1 
ATOM   64  C  CD2 . LEU A 1 8  ? 7.736   4.618   0.175   1.00 16.79 ? 8   LEU A CD2 1 
ATOM   65  N  N   . GLU A 1 9  ? 3.548   7.331   -1.627  1.00 17.49 ? 9   GLU A N   1 
ATOM   66  C  CA  . GLU A 1 9  ? 2.192   7.414   -2.105  1.00 19.44 ? 9   GLU A CA  1 
ATOM   67  C  C   . GLU A 1 9  ? 2.092   7.154   -3.604  1.00 19.46 ? 9   GLU A C   1 
ATOM   68  O  O   . GLU A 1 9  ? 1.210   6.418   -4.045  1.00 19.54 ? 9   GLU A O   1 
ATOM   69  C  CB  . GLU A 1 9  ? 1.525   8.722   -1.673  1.00 18.72 ? 9   GLU A CB  1 
ATOM   70  C  CG  . GLU A 1 9  ? 1.205   8.754   -0.148  1.00 19.52 ? 9   GLU A CG  1 
ATOM   71  C  CD  . GLU A 1 9  ? 0.951   10.178  0.370   1.00 22.84 ? 9   GLU A CD  1 
ATOM   72  O  OE1 . GLU A 1 9  ? 0.523   11.036  -0.441  1.00 28.17 ? 9   GLU A OE1 1 
ATOM   73  O  OE2 . GLU A 1 9  ? 1.209   10.452  1.564   1.00 25.33 ? 9   GLU A OE2 1 
ATOM   74  N  N   . GLU A 1 10 ? 2.988   7.764   -4.370  1.00 19.87 ? 10  GLU A N   1 
ATOM   75  C  CA  . GLU A 1 10 ? 3.019   7.654   -5.841  1.00 20.38 ? 10  GLU A CA  1 
ATOM   76  C  C   . GLU A 1 10 ? 3.363   6.249   -6.254  1.00 19.81 ? 10  GLU A C   1 
ATOM   77  O  O   . GLU A 1 10 ? 2.848   5.751   -7.228  1.00 20.00 ? 10  GLU A O   1 
ATOM   78  C  CB  . GLU A 1 10 ? 4.040   8.647   -6.429  1.00 20.69 ? 10  GLU A CB  1 
ATOM   79  C  CG  . GLU A 1 10 ? 4.602   8.282   -7.832  1.00 23.39 ? 10  GLU A CG  1 
ATOM   80  C  CD  . GLU A 1 10 ? 3.557   8.250   -8.952  1.00 27.95 ? 10  GLU A CD  1 
ATOM   81  O  OE1 . GLU A 1 10 ? 2.374   8.546   -8.678  1.00 31.47 ? 10  GLU A OE1 1 
ATOM   82  O  OE2 . GLU A 1 10 ? 3.922   7.927   -10.128 1.00 29.97 ? 10  GLU A OE2 1 
ATOM   83  N  N   . CYS A 1 11 ? 4.219   5.589   -5.479  1.00 20.48 ? 11  CYS A N   1 
ATOM   84  C  CA  . CYS A 1 11 ? 4.572   4.198   -5.750  1.00 19.94 ? 11  CYS A CA  1 
ATOM   85  C  C   . CYS A 1 11 ? 3.395   3.246   -5.503  1.00 19.67 ? 11  CYS A C   1 
ATOM   86  O  O   . CYS A 1 11 ? 3.170   2.358   -6.325  1.00 20.50 ? 11  CYS A O   1 
ATOM   87  C  CB  . CYS A 1 11 ? 5.791   3.775   -4.939  1.00 19.83 ? 11  CYS A CB  1 
ATOM   88  S  SG  . CYS A 1 11 ? 6.264   2.076   -5.293  1.00 22.94 ? 11  CYS A SG  1 
ATOM   89  N  N   . ILE A 1 12 ? 2.663   3.407   -4.391  1.00 19.10 ? 12  ILE A N   1 
ATOM   90  C  CA  . ILE A 1 12 ? 1.407   2.648   -4.162  1.00 18.10 ? 12  ILE A CA  1 
ATOM   91  C  C   . ILE A 1 12 ? 0.473   2.802   -5.362  1.00 19.09 ? 12  ILE A C   1 
ATOM   92  O  O   . ILE A 1 12 ? -0.046  1.794   -5.903  1.00 18.73 ? 12  ILE A O   1 
ATOM   93  C  CB  . ILE A 1 12 ? 0.679   3.063   -2.851  1.00 18.93 ? 12  ILE A CB  1 
ATOM   94  C  CG1 . ILE A 1 12 ? 1.471   2.621   -1.625  1.00 17.69 ? 12  ILE A CG1 1 
ATOM   95  C  CG2 . ILE A 1 12 ? -0.748  2.405   -2.751  1.00 19.34 ? 12  ILE A CG2 1 
ATOM   96  C  CD1 . ILE A 1 12 ? 1.112   3.363   -0.319  1.00 17.17 ? 12  ILE A CD1 1 
ATOM   97  N  N   . ARG A 1 13 ? 0.271   4.045   -5.810  1.00 18.59 ? 13  ARG A N   1 
ATOM   98  C  CA  . ARG A 1 13 ? -0.648  4.312   -6.955  1.00 19.53 ? 13  ARG A CA  1 
ATOM   99  C  C   . ARG A 1 13 ? -0.131  3.662   -8.220  1.00 19.27 ? 13  ARG A C   1 
ATOM   100 O  O   . ARG A 1 13 ? -0.879  3.058   -8.949  1.00 21.07 ? 13  ARG A O   1 
ATOM   101 C  CB  . ARG A 1 13 ? -0.867  5.803   -7.210  1.00 18.34 ? 13  ARG A CB  1 
ATOM   102 C  CG  . ARG A 1 13 ? -1.666  6.466   -6.110  1.00 19.83 ? 13  ARG A CG  1 
ATOM   103 C  CD  . ARG A 1 13 ? -1.958  7.901   -6.474  1.00 22.55 ? 13  ARG A CD  1 
ATOM   104 N  NE  . ARG A 1 13 ? -2.563  8.643   -5.381  1.00 20.59 ? 13  ARG A NE  1 
ATOM   105 C  CZ  . ARG A 1 13 ? -2.011  9.690   -4.786  1.00 24.79 ? 13  ARG A CZ  1 
ATOM   106 N  NH1 . ARG A 1 13 ? -0.808  10.092  -5.145  1.00 29.39 ? 13  ARG A NH1 1 
ATOM   107 N  NH2 . ARG A 1 13 ? -2.655  10.340  -3.820  1.00 23.86 ? 13  ARG A NH2 1 
ATOM   108 N  N   . ALA A 1 14 ? 1.157   3.785   -8.457  1.00 19.63 ? 14  ALA A N   1 
ATOM   109 C  CA  . ALA A 1 14 ? 1.770   3.272   -9.664  1.00 20.39 ? 14  ALA A CA  1 
ATOM   110 C  C   . ALA A 1 14 ? 1.656   1.761   -9.702  1.00 21.06 ? 14  ALA A C   1 
ATOM   111 O  O   . ALA A 1 14 ? 1.358   1.200   -10.765 1.00 20.98 ? 14  ALA A O   1 
ATOM   112 C  CB  . ALA A 1 14 ? 3.234   3.676   -9.730  1.00 20.66 ? 14  ALA A CB  1 
ATOM   113 N  N   . LEU A 1 15 ? 1.943   1.089   -8.575  1.00 20.31 ? 15  LEU A N   1 
ATOM   114 C  CA  . LEU A 1 15 ? 1.860   -0.379  -8.561  1.00 20.47 ? 15  LEU A CA  1 
ATOM   115 C  C   . LEU A 1 15 ? 0.405   -0.840  -8.696  1.00 20.27 ? 15  LEU A C   1 
ATOM   116 O  O   . LEU A 1 15 ? 0.131   -1.731  -9.465  1.00 21.05 ? 15  LEU A O   1 
ATOM   117 C  CB  . LEU A 1 15 ? 2.489   -0.985  -7.317  1.00 19.23 ? 15  LEU A CB  1 
ATOM   118 C  CG  . LEU A 1 15 ? 4.009   -0.801  -7.158  1.00 21.33 ? 15  LEU A CG  1 
ATOM   119 C  CD1 . LEU A 1 15 ? 4.479   -1.268  -5.807  1.00 20.08 ? 15  LEU A CD1 1 
ATOM   120 C  CD2 . LEU A 1 15 ? 4.765   -1.489  -8.252  1.00 23.11 ? 15  LEU A CD2 1 
ATOM   121 N  N   . LEU A 1 16 ? -0.522  -0.216  -7.973  1.00 20.61 ? 16  LEU A N   1 
ATOM   122 C  CA  . LEU A 1 16 ? -1.942  -0.599  -8.063  1.00 21.09 ? 16  LEU A CA  1 
ATOM   123 C  C   . LEU A 1 16 ? -2.450  -0.357  -9.453  1.00 21.80 ? 16  LEU A C   1 
ATOM   124 O  O   . LEU A 1 16 ? -3.175  -1.214  -10.012 1.00 23.26 ? 16  LEU A O   1 
ATOM   125 C  CB  . LEU A 1 16 ? -2.812  0.147   -7.044  1.00 20.83 ? 16  LEU A CB  1 
ATOM   126 C  CG  . LEU A 1 16 ? -2.690  -0.355  -5.609  1.00 19.27 ? 16  LEU A CG  1 
ATOM   127 C  CD1 . LEU A 1 16 ? -3.553  0.434   -4.697  1.00 19.14 ? 16  LEU A CD1 1 
ATOM   128 C  CD2 . LEU A 1 16 ? -3.112  -1.801  -5.498  1.00 18.65 ? 16  LEU A CD2 1 
ATOM   129 N  N   . ASP A 1 17 ? -2.097  0.812   -9.994  1.00 21.91 ? 17  ASP A N   1 
ATOM   130 C  CA  . ASP A 1 17 ? -2.526  1.212   -11.334 1.00 23.31 ? 17  ASP A CA  1 
ATOM   131 C  C   . ASP A 1 17 ? -2.114  0.159   -12.366 1.00 23.30 ? 17  ASP A C   1 
ATOM   132 O  O   . ASP A 1 17 ? -2.850  -0.058  -13.312 1.00 23.41 ? 17  ASP A O   1 
ATOM   133 C  CB  . ASP A 1 17 ? -2.026  2.606   -11.752 1.00 22.41 ? 17  ASP A CB  1 
ATOM   134 C  CG  . ASP A 1 17 ? -2.769  3.147   -12.931 1.00 26.73 ? 17  ASP A CG  1 
ATOM   135 O  OD1 . ASP A 1 17 ? -3.840  3.769   -12.737 1.00 32.24 ? 17  ASP A OD1 1 
ATOM   136 O  OD2 . ASP A 1 17 ? -2.327  2.938   -14.085 1.00 28.09 ? 17  ASP A OD2 1 
ATOM   137 N  N   . ALA A 1 18 ? -0.975  -0.503  -12.198 1.00 22.72 ? 18  ALA A N   1 
ATOM   138 C  CA  . ALA A 1 18 ? -0.519  -1.471  -13.204 1.00 22.62 ? 18  ALA A CA  1 
ATOM   139 C  C   . ALA A 1 18 ? -1.243  -2.834  -13.110 1.00 22.56 ? 18  ALA A C   1 
ATOM   140 O  O   . ALA A 1 18 ? -1.139  -3.670  -14.000 1.00 23.02 ? 18  ALA A O   1 
ATOM   141 C  CB  . ALA A 1 18 ? 0.998   -1.673  -13.097 1.00 22.39 ? 18  ALA A CB  1 
ATOM   142 N  N   . ARG A 1 19 ? -1.993  -3.061  -12.035 1.00 22.54 ? 19  ARG A N   1 
ATOM   143 C  CA  A ARG A 1 19 ? -2.616  -4.356  -11.776 0.50 22.49 ? 19  ARG A CA  1 
ATOM   144 C  CA  B ARG A 1 19 ? -2.592  -4.378  -11.887 0.50 22.19 ? 19  ARG A CA  1 
ATOM   145 C  C   . ARG A 1 19 ? -4.093  -4.356  -12.168 1.00 22.27 ? 19  ARG A C   1 
ATOM   146 O  O   . ARG A 1 19 ? -4.689  -3.275  -12.345 1.00 22.67 ? 19  ARG A O   1 
ATOM   147 C  CB  A ARG A 1 19 ? -2.437  -4.712  -10.307 0.50 22.84 ? 19  ARG A CB  1 
ATOM   148 C  CB  B ARG A 1 19 ? -2.238  -4.968  -10.536 0.50 22.46 ? 19  ARG A CB  1 
ATOM   149 C  CG  A ARG A 1 19 ? -1.006  -5.082  -9.988  0.50 23.86 ? 19  ARG A CG  1 
ATOM   150 C  CG  B ARG A 1 19 ? -0.759  -5.336  -10.412 0.50 21.61 ? 19  ARG A CG  1 
ATOM   151 C  CD  A ARG A 1 19 ? -0.924  -6.012  -8.789  0.50 26.41 ? 19  ARG A CD  1 
ATOM   152 C  CD  B ARG A 1 19 ? -0.318  -4.791  -9.087  0.50 22.69 ? 19  ARG A CD  1 
ATOM   153 N  NE  A ARG A 1 19 ? 0.470   -6.253  -8.399  0.50 28.47 ? 19  ARG A NE  1 
ATOM   154 N  NE  B ARG A 1 19 ? 1.044   -5.101  -8.626  0.50 22.48 ? 19  ARG A NE  1 
ATOM   155 C  CZ  A ARG A 1 19 ? 0.855   -7.162  -7.512  0.50 28.60 ? 19  ARG A CZ  1 
ATOM   156 C  CZ  B ARG A 1 19 ? 2.155   -4.469  -9.006  0.50 18.48 ? 19  ARG A CZ  1 
ATOM   157 N  NH1 A ARG A 1 19 ? -0.053  -7.951  -6.930  0.50 27.51 ? 19  ARG A NH1 1 
ATOM   158 N  NH1 B ARG A 1 19 ? 2.121   -3.518  -9.952  0.50 12.08 ? 19  ARG A NH1 1 
ATOM   159 N  NH2 A ARG A 1 19 ? 2.145   -7.289  -7.227  0.50 25.45 ? 19  ARG A NH2 1 
ATOM   160 N  NH2 B ARG A 1 19 ? 3.301   -4.826  -8.438  0.50 17.62 ? 19  ARG A NH2 1 
ATOM   161 N  N   . ALA A 1 20 ? -4.673  -5.549  -12.310 1.00 21.15 ? 20  ALA A N   1 
ATOM   162 C  CA  . ALA A 1 20 ? -6.093  -5.745  -12.624 1.00 19.76 ? 20  ALA A CA  1 
ATOM   163 C  C   . ALA A 1 20 ? -6.998  -5.163  -11.545 1.00 19.97 ? 20  ALA A C   1 
ATOM   164 O  O   . ALA A 1 20 ? -6.580  -5.043  -10.368 1.00 19.99 ? 20  ALA A O   1 
ATOM   165 C  CB  . ALA A 1 20 ? -6.393  -7.253  -12.728 1.00 18.84 ? 20  ALA A CB  1 
ATOM   166 N  N   A ASP A 1 21 ? -8.228  -4.831  -11.950 0.50 19.88 ? 21  ASP A N   1 
ATOM   167 N  N   B ASP A 1 21 ? -8.244  -4.842  -11.920 0.50 19.69 ? 21  ASP A N   1 
ATOM   168 C  CA  A ASP A 1 21 ? -9.309  -4.560  -11.006 0.50 19.90 ? 21  ASP A CA  1 
ATOM   169 C  CA  B ASP A 1 21 ? -9.298  -4.438  -10.964 0.50 19.54 ? 21  ASP A CA  1 
ATOM   170 C  C   A ASP A 1 21 ? -9.420  -5.691  -9.969  0.50 20.18 ? 21  ASP A C   1 
ATOM   171 C  C   B ASP A 1 21 ? -9.438  -5.365  -9.731  0.50 19.90 ? 21  ASP A C   1 
ATOM   172 O  O   A ASP A 1 21 ? -9.295  -6.875  -10.289 0.50 19.68 ? 21  ASP A O   1 
ATOM   173 O  O   B ASP A 1 21 ? -9.694  -4.901  -8.612  0.50 19.92 ? 21  ASP A O   1 
ATOM   174 C  CB  A ASP A 1 21 ? -10.652 -4.419  -11.719 0.50 19.31 ? 21  ASP A CB  1 
ATOM   175 C  CB  B ASP A 1 21 ? -10.672 -4.402  -11.639 0.50 18.80 ? 21  ASP A CB  1 
ATOM   176 C  CG  A ASP A 1 21 ? -10.715 -3.219  -12.644 0.50 18.42 ? 21  ASP A CG  1 
ATOM   177 C  CG  B ASP A 1 21 ? -10.814 -3.299  -12.674 0.50 17.62 ? 21  ASP A CG  1 
ATOM   178 O  OD1 A ASP A 1 21 ? -9.749  -2.425  -12.710 0.50 17.34 ? 21  ASP A OD1 1 
ATOM   179 O  OD1 B ASP A 1 21 ? -9.856  -2.529  -12.919 0.50 15.45 ? 21  ASP A OD1 1 
ATOM   180 O  OD2 A ASP A 1 21 ? -11.762 -3.079  -13.330 0.50 17.15 ? 21  ASP A OD2 1 
ATOM   181 O  OD2 B ASP A 1 21 ? -11.931 -3.215  -13.259 0.50 16.01 ? 21  ASP A OD2 1 
ATOM   182 N  N   A SER A 1 22 ? -9.631  -5.290  -8.720  0.50 20.54 ? 22  SER A N   1 
ATOM   183 N  N   B SER A 1 22 ? -9.297  -6.670  -9.939  0.50 19.66 ? 22  SER A N   1 
ATOM   184 C  CA  A SER A 1 22 ? -9.740  -6.201  -7.591  0.50 20.81 ? 22  SER A CA  1 
ATOM   185 C  CA  B SER A 1 22 ? -9.509  -7.634  -8.860  0.50 19.60 ? 22  SER A CA  1 
ATOM   186 C  C   A SER A 1 22 ? -8.431  -6.887  -7.165  0.50 20.94 ? 22  SER A C   1 
ATOM   187 C  C   B SER A 1 22 ? -8.433  -7.575  -7.747  0.50 20.32 ? 22  SER A C   1 
ATOM   188 O  O   A SER A 1 22 ? -8.388  -7.454  -6.071  0.50 20.82 ? 22  SER A O   1 
ATOM   189 O  O   B SER A 1 22 ? -8.609  -8.131  -6.668  0.50 20.55 ? 22  SER A O   1 
ATOM   190 C  CB  A SER A 1 22 ? -10.914 -7.176  -7.775  0.50 21.08 ? 22  SER A CB  1 
ATOM   191 C  CB  B SER A 1 22 ? -9.639  -9.068  -9.447  0.50 19.42 ? 22  SER A CB  1 
ATOM   192 O  OG  A SER A 1 22 ? -12.159 -6.461  -7.729  0.50 21.57 ? 22  SER A OG  1 
ATOM   193 O  OG  B SER A 1 22 ? -8.480  -9.486  -10.176 0.50 15.11 ? 22  SER A OG  1 
ATOM   194 N  N   . ALA A 1 23 ? -7.372  -6.818  -7.986  1.00 21.23 ? 23  ALA A N   1 
ATOM   195 C  CA  . ALA A 1 23 ? -6.029  -7.164  -7.490  1.00 21.42 ? 23  ALA A CA  1 
ATOM   196 C  C   . ALA A 1 23 ? -5.554  -6.309  -6.309  1.00 21.47 ? 23  ALA A C   1 
ATOM   197 O  O   . ALA A 1 23 ? -6.143  -5.278  -5.970  1.00 22.29 ? 23  ALA A O   1 
ATOM   198 C  CB  . ALA A 1 23 ? -5.006  -7.121  -8.615  1.00 21.88 ? 23  ALA A CB  1 
ATOM   199 N  N   . SER A 1 24 ? -4.488  -6.767  -5.660  1.00 21.04 ? 24  SER A N   1 
ATOM   200 C  CA  . SER A 1 24 ? -3.919  -6.036  -4.567  1.00 19.94 ? 24  SER A CA  1 
ATOM   201 C  C   . SER A 1 24 ? -2.401  -6.208  -4.568  1.00 19.92 ? 24  SER A C   1 
ATOM   202 O  O   . SER A 1 24 ? -1.854  -7.017  -5.328  1.00 19.23 ? 24  SER A O   1 
ATOM   203 C  CB  . SER A 1 24 ? -4.520  -6.495  -3.246  1.00 19.47 ? 24  SER A CB  1 
ATOM   204 O  OG  . SER A 1 24 ? -4.039  -7.784  -2.930  1.00 21.24 ? 24  SER A OG  1 
ATOM   205 N  N   . ILE A 1 25 ? -1.741  -5.383  -3.736  1.00 18.71 ? 25  ILE A N   1 
ATOM   206 C  CA  . ILE A 1 25 ? -0.308  -5.392  -3.532  1.00 17.15 ? 25  ILE A CA  1 
ATOM   207 C  C   . ILE A 1 25 ? -0.110  -5.506  -2.053  1.00 16.61 ? 25  ILE A C   1 
ATOM   208 O  O   . ILE A 1 25 ? -1.059  -5.391  -1.290  1.00 15.49 ? 25  ILE A O   1 
ATOM   209 C  CB  . ILE A 1 25 ? 0.433   -4.102  -4.087  1.00 17.49 ? 25  ILE A CB  1 
ATOM   210 C  CG1 . ILE A 1 25 ? -0.055  -2.809  -3.400  1.00 16.05 ? 25  ILE A CG1 1 
ATOM   211 C  CG2 . ILE A 1 25 ? 0.342   -4.045  -5.637  1.00 16.62 ? 25  ILE A CG2 1 
ATOM   212 C  CD1 . ILE A 1 25 ? 0.748   -1.555  -3.765  1.00 17.54 ? 25  ILE A CD1 1 
ATOM   213 N  N   . CYS A 1 26 ? 1.129   -5.750  -1.655  1.00 15.83 ? 26  CYS A N   1 
ATOM   214 C  CA  . CYS A 1 26 ? 1.472   -5.784  -0.241  1.00 15.81 ? 26  CYS A CA  1 
ATOM   215 C  C   . CYS A 1 26 ? 2.535   -4.709  -0.022  1.00 15.86 ? 26  CYS A C   1 
ATOM   216 O  O   . CYS A 1 26 ? 3.137   -4.187  -0.993  1.00 15.14 ? 26  CYS A O   1 
ATOM   217 C  CB  . CYS A 1 26 ? 1.987   -7.181  0.156   1.00 15.06 ? 26  CYS A CB  1 
ATOM   218 S  SG  . CYS A 1 26 ? 3.410   -7.726  -0.807  1.00 18.49 ? 26  CYS A SG  1 
ATOM   219 N  N   . PRO A 1 27 ? 2.741   -4.323  1.240   1.00 15.73 ? 27  PRO A N   1 
ATOM   220 C  CA  . PRO A 1 27 ? 3.745   -3.293  1.562   1.00 15.83 ? 27  PRO A CA  1 
ATOM   221 C  C   . PRO A 1 27 ? 5.159   -3.608  1.017   1.00 16.75 ? 27  PRO A C   1 
ATOM   222 O  O   . PRO A 1 27 ? 5.839   -2.715  0.543   1.00 17.23 ? 27  PRO A O   1 
ATOM   223 C  CB  . PRO A 1 27 ? 3.766   -3.283  3.106   1.00 15.72 ? 27  PRO A CB  1 
ATOM   224 C  CG  . PRO A 1 27 ? 2.418   -3.778  3.507   1.00 15.94 ? 27  PRO A CG  1 
ATOM   225 C  CD  . PRO A 1 27 ? 1.991   -4.781  2.424   1.00 14.96 ? 27  PRO A CD  1 
ATOM   226 N  N   . SER A 1 28 ? 5.591   -4.863  1.057   1.00 17.63 ? 28  SER A N   1 
ATOM   227 C  CA  . SER A 1 28 ? 6.901   -5.189  0.491   1.00 17.33 ? 28  SER A CA  1 
ATOM   228 C  C   . SER A 1 28 ? 7.010   -4.916  -1.017  1.00 17.88 ? 28  SER A C   1 
ATOM   229 O  O   . SER A 1 28 ? 8.097   -4.631  -1.485  1.00 17.09 ? 28  SER A O   1 
ATOM   230 C  CB  . SER A 1 28 ? 7.387   -6.610  0.872   1.00 18.11 ? 28  SER A CB  1 
ATOM   231 O  OG  . SER A 1 28 ? 6.753   -7.665  0.129   1.00 18.11 ? 28  SER A OG  1 
ATOM   232 N  N   . ASP A 1 29 ? 5.909   -4.990  -1.766  1.00 17.59 ? 29  ASP A N   1 
ATOM   233 C  CA  . ASP A 1 29 ? 5.928   -4.653  -3.198  1.00 18.82 ? 29  ASP A CA  1 
ATOM   234 C  C   . ASP A 1 29 ? 6.321   -3.171  -3.375  1.00 19.10 ? 29  ASP A C   1 
ATOM   235 O  O   . ASP A 1 29 ? 7.092   -2.832  -4.274  1.00 19.34 ? 29  ASP A O   1 
ATOM   236 C  CB  . ASP A 1 29 ? 4.537   -4.830  -3.845  1.00 17.99 ? 29  ASP A CB  1 
ATOM   237 C  CG  . ASP A 1 29 ? 4.119   -6.300  -4.032  1.00 17.75 ? 29  ASP A CG  1 
ATOM   238 O  OD1 . ASP A 1 29 ? 4.965   -7.224  -4.129  1.00 15.64 ? 29  ASP A OD1 1 
ATOM   239 O  OD2 . ASP A 1 29 ? 2.904   -6.524  -4.113  1.00 17.94 ? 29  ASP A OD2 1 
ATOM   240 N  N   . VAL A 1 30 ? 5.744   -2.291  -2.551  1.00 19.59 ? 30  VAL A N   1 
ATOM   241 C  CA  . VAL A 1 30 ? 6.092   -0.865  -2.527  1.00 19.05 ? 30  VAL A CA  1 
ATOM   242 C  C   . VAL A 1 30 ? 7.552   -0.663  -2.072  1.00 18.89 ? 30  VAL A C   1 
ATOM   243 O  O   . VAL A 1 30 ? 8.325   -0.002  -2.742  1.00 19.21 ? 30  VAL A O   1 
ATOM   244 C  CB  . VAL A 1 30 ? 5.113   -0.061  -1.584  1.00 19.29 ? 30  VAL A CB  1 
ATOM   245 C  CG1 . VAL A 1 30 ? 5.276   1.483   -1.770  1.00 21.79 ? 30  VAL A CG1 1 
ATOM   246 C  CG2 . VAL A 1 30 ? 3.686   -0.469  -1.804  1.00 18.65 ? 30  VAL A CG2 1 
ATOM   247 N  N   . ALA A 1 31 ? 7.928   -1.196  -0.908  1.00 18.68 ? 31  ALA A N   1 
ATOM   248 C  CA  . ALA A 1 31 ? 9.280   -1.013  -0.379  1.00 18.27 ? 31  ALA A CA  1 
ATOM   249 C  C   . ALA A 1 31 ? 10.342  -1.477  -1.388  1.00 18.54 ? 31  ALA A C   1 
ATOM   250 O  O   . ALA A 1 31 ? 11.339  -0.791  -1.550  1.00 18.46 ? 31  ALA A O   1 
ATOM   251 C  CB  . ALA A 1 31 ? 9.450   -1.711  0.937   1.00 17.48 ? 31  ALA A CB  1 
ATOM   252 N  N   . ARG A 1 32 ? 10.109  -2.601  -2.074  1.00 18.91 ? 32  ARG A N   1 
ATOM   253 C  CA  . ARG A 1 32 ? 11.066  -3.158  -3.024  1.00 19.68 ? 32  ARG A CA  1 
ATOM   254 C  C   . ARG A 1 32 ? 11.111  -2.267  -4.255  1.00 19.29 ? 32  ARG A C   1 
ATOM   255 O  O   . ARG A 1 32 ? 12.141  -2.124  -4.877  1.00 18.64 ? 32  ARG A O   1 
ATOM   256 C  CB  . ARG A 1 32 ? 10.716  -4.589  -3.476  1.00 20.31 ? 32  ARG A CB  1 
ATOM   257 C  CG  . ARG A 1 32 ? 11.087  -5.765  -2.509  1.00 22.31 ? 32  ARG A CG  1 
ATOM   258 C  CD  . ARG A 1 32 ? 10.790  -7.239  -3.102  1.00 20.88 ? 32  ARG A CD  1 
ATOM   259 N  NE  . ARG A 1 32 ? 11.065  -8.292  -2.100  1.00 25.24 ? 32  ARG A NE  1 
ATOM   260 C  CZ  . ARG A 1 32 ? 12.282  -8.810  -1.826  1.00 31.04 ? 32  ARG A CZ  1 
ATOM   261 N  NH1 . ARG A 1 32 ? 13.403  -8.438  -2.481  1.00 30.75 ? 32  ARG A NH1 1 
ATOM   262 N  NH2 . ARG A 1 32 ? 12.398  -9.746  -0.899  1.00 32.78 ? 32  ARG A NH2 1 
ATOM   263 N  N   . ALA A 1 33 ? 9.983   -1.697  -4.638  1.00 19.82 ? 33  ALA A N   1 
ATOM   264 C  CA  . ALA A 1 33 ? 9.978   -0.859  -5.841  1.00 19.80 ? 33  ALA A CA  1 
ATOM   265 C  C   . ALA A 1 33 ? 10.777  0.411   -5.586  1.00 20.03 ? 33  ALA A C   1 
ATOM   266 O  O   . ALA A 1 33 ? 11.485  0.821   -6.455  1.00 20.01 ? 33  ALA A O   1 
ATOM   267 C  CB  . ALA A 1 33 ? 8.561   -0.526  -6.297  1.00 19.73 ? 33  ALA A CB  1 
ATOM   268 N  N   . VAL A 1 34 ? 10.667  1.025   -4.402  1.00 20.56 ? 34  VAL A N   1 
ATOM   269 C  CA  . VAL A 1 34 ? 11.458  2.229   -4.074  1.00 21.01 ? 34  VAL A CA  1 
ATOM   270 C  C   . VAL A 1 34 ? 12.904  1.961   -3.633  1.00 20.83 ? 34  VAL A C   1 
ATOM   271 O  O   . VAL A 1 34 ? 13.757  2.776   -3.894  1.00 20.95 ? 34  VAL A O   1 
ATOM   272 C  CB  . VAL A 1 34 ? 10.760  3.199   -3.071  1.00 21.77 ? 34  VAL A CB  1 
ATOM   273 C  CG1 . VAL A 1 34 ? 9.404   3.696   -3.637  1.00 22.82 ? 34  VAL A CG1 1 
ATOM   274 C  CG2 . VAL A 1 34 ? 10.534  2.542   -1.740  1.00 22.77 ? 34  VAL A CG2 1 
ATOM   275 N  N   . ALA A 1 35 ? 13.173  0.818   -2.986  1.00 19.97 ? 35  ALA A N   1 
ATOM   276 C  CA  . ALA A 1 35 ? 14.471  0.536   -2.381  1.00 18.77 ? 35  ALA A CA  1 
ATOM   277 C  C   . ALA A 1 35 ? 14.820  -0.961  -2.479  1.00 18.56 ? 35  ALA A C   1 
ATOM   278 O  O   . ALA A 1 35 ? 14.954  -1.653  -1.467  1.00 18.18 ? 35  ALA A O   1 
ATOM   279 C  CB  . ALA A 1 35 ? 14.495  1.025   -0.906  1.00 19.17 ? 35  ALA A CB  1 
ATOM   280 N  N   . PRO A 1 36 ? 14.991  -1.454  -3.702  1.00 18.26 ? 36  PRO A N   1 
ATOM   281 C  CA  . PRO A 1 36 ? 15.152  -2.872  -4.016  1.00 19.38 ? 36  PRO A CA  1 
ATOM   282 C  C   . PRO A 1 36 ? 16.316  -3.521  -3.236  1.00 20.03 ? 36  PRO A C   1 
ATOM   283 O  O   . PRO A 1 36 ? 16.230  -4.674  -2.797  1.00 19.66 ? 36  PRO A O   1 
ATOM   284 C  CB  . PRO A 1 36 ? 15.416  -2.862  -5.527  1.00 18.79 ? 36  PRO A CB  1 
ATOM   285 C  CG  . PRO A 1 36 ? 15.926  -1.472  -5.829  1.00 18.99 ? 36  PRO A CG  1 
ATOM   286 C  CD  . PRO A 1 36 ? 15.073  -0.626  -4.915  1.00 19.23 ? 36  PRO A CD  1 
ATOM   287 N  N   . ASP A 1 37 ? 17.352  -2.732  -3.028  1.00 20.72 ? 37  ASP A N   1 
ATOM   288 C  CA  . ASP A 1 37 ? 18.562  -3.164  -2.401  1.00 22.79 ? 37  ASP A CA  1 
ATOM   289 C  C   . ASP A 1 37 ? 18.419  -3.145  -0.877  1.00 22.67 ? 37  ASP A C   1 
ATOM   290 O  O   . ASP A 1 37 ? 19.309  -3.653  -0.175  1.00 25.17 ? 37  ASP A O   1 
ATOM   291 C  CB  . ASP A 1 37 ? 19.682  -2.190  -2.786  1.00 23.76 ? 37  ASP A CB  1 
ATOM   292 C  CG  . ASP A 1 37 ? 20.128  -2.294  -4.282  1.00 28.73 ? 37  ASP A CG  1 
ATOM   293 O  OD1 . ASP A 1 37 ? 19.415  -2.857  -5.165  1.00 34.12 ? 37  ASP A OD1 1 
ATOM   294 O  OD2 . ASP A 1 37 ? 21.231  -1.773  -4.578  1.00 32.47 ? 37  ASP A OD2 1 
ATOM   295 N  N   . ASP A 1 38 ? 17.361  -2.529  -0.342  1.00 20.76 ? 38  ASP A N   1 
ATOM   296 C  CA  . ASP A 1 38 ? 17.221  -2.448  1.119   1.00 19.85 ? 38  ASP A CA  1 
ATOM   297 C  C   . ASP A 1 38 ? 15.852  -1.903  1.485   1.00 19.86 ? 38  ASP A C   1 
ATOM   298 O  O   . ASP A 1 38 ? 15.688  -0.724  1.846   1.00 19.63 ? 38  ASP A O   1 
ATOM   299 C  CB  . ASP A 1 38 ? 18.333  -1.587  1.725   1.00 19.27 ? 38  ASP A CB  1 
ATOM   300 C  CG  . ASP A 1 38 ? 18.430  -1.701  3.231   1.00 18.68 ? 38  ASP A CG  1 
ATOM   301 O  OD1 . ASP A 1 38 ? 17.880  -2.643  3.835   1.00 16.46 ? 38  ASP A OD1 1 
ATOM   302 O  OD2 . ASP A 1 38 ? 19.118  -0.855  3.817   1.00 15.20 ? 38  ASP A OD2 1 
ATOM   303 N  N   . TRP A 1 39 ? 14.868  -2.791  1.418   1.00 19.51 ? 39  TRP A N   1 
ATOM   304 C  CA  . TRP A 1 39 ? 13.465  -2.412  1.519   1.00 19.41 ? 39  TRP A CA  1 
ATOM   305 C  C   . TRP A 1 39 ? 12.846  -2.549  2.928   1.00 18.36 ? 39  TRP A C   1 
ATOM   306 O  O   . TRP A 1 39 ? 11.822  -1.912  3.205   1.00 17.08 ? 39  TRP A O   1 
ATOM   307 C  CB  . TRP A 1 39 ? 12.657  -3.185  0.455   1.00 20.60 ? 39  TRP A CB  1 
ATOM   308 C  CG  . TRP A 1 39 ? 12.795  -4.669  0.573   1.00 21.23 ? 39  TRP A CG  1 
ATOM   309 C  CD1 . TRP A 1 39 ? 13.644  -5.473  -0.136  1.00 24.38 ? 39  TRP A CD1 1 
ATOM   310 C  CD2 . TRP A 1 39 ? 12.055  -5.538  1.452   1.00 22.31 ? 39  TRP A CD2 1 
ATOM   311 N  NE1 . TRP A 1 39 ? 13.511  -6.791  0.278   1.00 25.41 ? 39  TRP A NE1 1 
ATOM   312 C  CE2 . TRP A 1 39 ? 12.527  -6.857  1.233   1.00 24.12 ? 39  TRP A CE2 1 
ATOM   313 C  CE3 . TRP A 1 39 ? 11.035  -5.329  2.398   1.00 21.27 ? 39  TRP A CE3 1 
ATOM   314 C  CZ2 . TRP A 1 39 ? 12.020  -7.967  1.945   1.00 23.86 ? 39  TRP A CZ2 1 
ATOM   315 C  CZ3 . TRP A 1 39 ? 10.524  -6.428  3.088   1.00 22.87 ? 39  TRP A CZ3 1 
ATOM   316 C  CH2 . TRP A 1 39 ? 11.020  -7.733  2.858   1.00 23.32 ? 39  TRP A CH2 1 
ATOM   317 N  N   . ARG A 1 40 ? 13.439  -3.364  3.806   1.00 18.18 ? 40  ARG A N   1 
ATOM   318 C  CA  . ARG A 1 40 ? 12.815  -3.650  5.119   1.00 19.34 ? 40  ARG A CA  1 
ATOM   319 C  C   . ARG A 1 40 ? 12.621  -2.381  5.954   1.00 18.31 ? 40  ARG A C   1 
ATOM   320 O  O   . ARG A 1 40 ? 11.609  -2.247  6.642   1.00 17.54 ? 40  ARG A O   1 
ATOM   321 C  CB  . ARG A 1 40 ? 13.560  -4.731  5.955   1.00 18.93 ? 40  ARG A CB  1 
ATOM   322 C  CG  . ARG A 1 40 ? 13.271  -6.160  5.472   1.00 21.06 ? 40  ARG A CG  1 
ATOM   323 C  CD  . ARG A 1 40 ? 13.822  -7.300  6.351   1.00 22.41 ? 40  ARG A CD  1 
ATOM   324 N  NE  . ARG A 1 40 ? 12.720  -8.009  6.980   1.00 33.65 ? 40  ARG A NE  1 
ATOM   325 C  CZ  . ARG A 1 40 ? 11.956  -8.933  6.389   1.00 38.26 ? 40  ARG A CZ  1 
ATOM   326 N  NH1 . ARG A 1 40 ? 12.180  -9.313  5.138   1.00 38.57 ? 40  ARG A NH1 1 
ATOM   327 N  NH2 . ARG A 1 40 ? 10.953  -9.492  7.067   1.00 42.40 ? 40  ARG A NH2 1 
ATOM   328 N  N   . PRO A 1 41 ? 13.595  -1.449  5.909   1.00 17.60 ? 41  PRO A N   1 
ATOM   329 C  CA  . PRO A 1 41 ? 13.369  -0.229  6.668   1.00 18.10 ? 41  PRO A CA  1 
ATOM   330 C  C   . PRO A 1 41 ? 12.186  0.629   6.178   1.00 18.78 ? 41  PRO A C   1 
ATOM   331 O  O   . PRO A 1 41 ? 11.708  1.512   6.904   1.00 20.48 ? 41  PRO A O   1 
ATOM   332 C  CB  . PRO A 1 41 ? 14.688  0.510   6.514   1.00 17.75 ? 41  PRO A CB  1 
ATOM   333 C  CG  . PRO A 1 41 ? 15.696  -0.581  6.196   1.00 17.08 ? 41  PRO A CG  1 
ATOM   334 C  CD  . PRO A 1 41 ? 14.920  -1.439  5.274   1.00 16.78 ? 41  PRO A CD  1 
ATOM   335 N  N   . LEU A 1 42 ? 11.714  0.390   4.976   1.00 18.67 ? 42  LEU A N   1 
ATOM   336 C  CA  . LEU A 1 42 ? 10.545  1.133   4.474   1.00 19.61 ? 42  LEU A CA  1 
ATOM   337 C  C   . LEU A 1 42 ? 9.180   0.567   4.870   1.00 19.39 ? 42  LEU A C   1 
ATOM   338 O  O   . LEU A 1 42 ? 8.178   1.151   4.528   1.00 19.36 ? 42  LEU A O   1 
ATOM   339 C  CB  . LEU A 1 42 ? 10.628  1.323   2.955   1.00 18.63 ? 42  LEU A CB  1 
ATOM   340 C  CG  . LEU A 1 42 ? 11.783  2.245   2.596   1.00 21.19 ? 42  LEU A CG  1 
ATOM   341 C  CD1 . LEU A 1 42 ? 11.813  2.380   1.102   1.00 22.02 ? 42  LEU A CD1 1 
ATOM   342 C  CD2 . LEU A 1 42 ? 11.591  3.590   3.213   1.00 25.61 ? 42  LEU A CD2 1 
HETATM 343 N  N   . MSE A 1 43 ? 9.159   -0.536  5.615   1.00 19.52 ? 43  MSE A N   1 
HETATM 344 C  CA  . MSE A 1 43 ? 7.906   -1.205  5.955   1.00 20.82 ? 43  MSE A CA  1 
HETATM 345 C  C   . MSE A 1 43 ? 6.924   -0.325  6.740   1.00 20.45 ? 43  MSE A C   1 
HETATM 346 O  O   . MSE A 1 43 ? 5.773   -0.179  6.333   1.00 19.70 ? 43  MSE A O   1 
HETATM 347 C  CB  . MSE A 1 43 ? 8.151   -2.542  6.670   1.00 21.15 ? 43  MSE A CB  1 
HETATM 348 C  CG  . MSE A 1 43 ? 8.725   -3.649  5.796   1.00 26.69 ? 43  MSE A CG  1 
HETATM 349 SE SE  . MSE A 1 43 ? 7.511   -4.198  4.317   1.00 40.33 ? 43  MSE A SE  1 
HETATM 350 C  CE  . MSE A 1 43 ? 7.788   -2.733  3.139   1.00 36.89 ? 43  MSE A CE  1 
ATOM   351 N  N   . GLU A 1 44 ? 7.360   0.281   7.843   1.00 20.42 ? 44  GLU A N   1 
ATOM   352 C  CA  . GLU A 1 44 ? 6.453   1.198   8.567   1.00 20.55 ? 44  GLU A CA  1 
ATOM   353 C  C   . GLU A 1 44 ? 6.119   2.489   7.776   1.00 19.44 ? 44  GLU A C   1 
ATOM   354 O  O   . GLU A 1 44 ? 4.974   2.879   7.748   1.00 19.82 ? 44  GLU A O   1 
ATOM   355 C  CB  . GLU A 1 44 ? 6.941   1.492   9.998   1.00 21.83 ? 44  GLU A CB  1 
ATOM   356 C  CG  . GLU A 1 44 ? 7.019   0.220   10.859  1.00 26.65 ? 44  GLU A CG  1 
ATOM   357 C  CD  . GLU A 1 44 ? 5.673   -0.518  10.943  1.00 33.68 ? 44  GLU A CD  1 
ATOM   358 O  OE1 . GLU A 1 44 ? 4.722   0.081   11.496  1.00 36.06 ? 44  GLU A OE1 1 
ATOM   359 O  OE2 . GLU A 1 44 ? 5.558   -1.673  10.444  1.00 33.42 ? 44  GLU A OE2 1 
ATOM   360 N  N   . PRO A 1 45 ? 7.111   3.157   7.151   1.00 18.74 ? 45  PRO A N   1 
ATOM   361 C  CA  . PRO A 1 45 ? 6.736   4.240   6.225   1.00 18.60 ? 45  PRO A CA  1 
ATOM   362 C  C   . PRO A 1 45 ? 5.674   3.875   5.151   1.00 18.06 ? 45  PRO A C   1 
ATOM   363 O  O   . PRO A 1 45 ? 4.785   4.694   4.862   1.00 18.30 ? 45  PRO A O   1 
ATOM   364 C  CB  . PRO A 1 45 ? 8.086   4.623   5.583   1.00 17.75 ? 45  PRO A CB  1 
ATOM   365 C  CG  . PRO A 1 45 ? 9.074   4.337   6.646   1.00 17.82 ? 45  PRO A CG  1 
ATOM   366 C  CD  . PRO A 1 45 ? 8.585   3.068   7.299   1.00 19.01 ? 45  PRO A CD  1 
ATOM   367 N  N   . VAL A 1 46 ? 5.750   2.664   4.584   1.00 18.79 ? 46  VAL A N   1 
ATOM   368 C  CA  . VAL A 1 46 ? 4.788   2.226   3.569   1.00 17.15 ? 46  VAL A CA  1 
ATOM   369 C  C   . VAL A 1 46 ? 3.407   2.052   4.182   1.00 17.36 ? 46  VAL A C   1 
ATOM   370 O  O   . VAL A 1 46 ? 2.416   2.427   3.573   1.00 17.16 ? 46  VAL A O   1 
ATOM   371 C  CB  . VAL A 1 46 ? 5.216   0.909   2.847   1.00 17.52 ? 46  VAL A CB  1 
ATOM   372 C  CG1 . VAL A 1 46 ? 4.045   0.337   2.129   1.00 19.16 ? 46  VAL A CG1 1 
ATOM   373 C  CG2 . VAL A 1 46 ? 6.338   1.151   1.811   1.00 13.86 ? 46  VAL A CG2 1 
ATOM   374 N  N   . ARG A 1 47 ? 3.322   1.476   5.381   1.00 17.62 ? 47  ARG A N   1 
ATOM   375 C  CA  . ARG A 1 47 ? 2.041   1.418   6.133   1.00 16.70 ? 47  ARG A CA  1 
ATOM   376 C  C   . ARG A 1 47 ? 1.435   2.778   6.410   1.00 16.91 ? 47  ARG A C   1 
ATOM   377 O  O   . ARG A 1 47 ? 0.210   2.943   6.310   1.00 17.71 ? 47  ARG A O   1 
ATOM   378 C  CB  . ARG A 1 47 ? 2.188   0.646   7.442   1.00 17.25 ? 47  ARG A CB  1 
ATOM   379 C  CG  . ARG A 1 47 ? 2.496   -0.821  7.207   1.00 19.38 ? 47  ARG A CG  1 
ATOM   380 C  CD  . ARG A 1 47 ? 2.500   -1.617  8.523   1.00 24.36 ? 47  ARG A CD  1 
ATOM   381 N  NE  . ARG A 1 47 ? 2.344   -3.058  8.303   1.00 28.81 ? 47  ARG A NE  1 
ATOM   382 C  CZ  . ARG A 1 47 ? 1.343   -3.817  8.783   1.00 31.33 ? 47  ARG A CZ  1 
ATOM   383 N  NH1 . ARG A 1 47 ? 0.353   -3.313  9.528   1.00 33.80 ? 47  ARG A NH1 1 
ATOM   384 N  NH2 . ARG A 1 47 ? 1.319   -5.106  8.519   1.00 29.96 ? 47  ARG A NH2 1 
ATOM   385 N  N   . GLU A 1 48 ? 2.265   3.763   6.745   1.00 16.59 ? 48  GLU A N   1 
ATOM   386 C  CA  . GLU A 1 48 ? 1.771   5.119   6.992   1.00 16.76 ? 48  GLU A CA  1 
ATOM   387 C  C   . GLU A 1 48 ? 1.196   5.710   5.720   1.00 15.90 ? 48  GLU A C   1 
ATOM   388 O  O   . GLU A 1 48 ? 0.119   6.291   5.740   1.00 16.33 ? 48  GLU A O   1 
ATOM   389 C  CB  . GLU A 1 48 ? 2.847   6.043   7.580   1.00 15.49 ? 48  GLU A CB  1 
ATOM   390 C  CG  . GLU A 1 48 ? 3.286   5.670   8.973   1.00 19.46 ? 48  GLU A CG  1 
ATOM   391 C  CD  . GLU A 1 48 ? 2.220   5.936   10.007  1.00 23.49 ? 48  GLU A CD  1 
ATOM   392 O  OE1 . GLU A 1 48 ? 1.379   6.857   9.816   1.00 25.52 ? 48  GLU A OE1 1 
ATOM   393 O  OE2 . GLU A 1 48 ? 2.222   5.229   11.034  1.00 29.36 ? 48  GLU A OE2 1 
ATOM   394 N  N   . ALA A 1 49 ? 1.914   5.531   4.613   1.00 15.92 ? 49  ALA A N   1 
ATOM   395 C  CA  . ALA A 1 49 ? 1.440   5.981   3.299   1.00 16.21 ? 49  ALA A CA  1 
ATOM   396 C  C   . ALA A 1 49 ? 0.104   5.364   2.892   1.00 17.06 ? 49  ALA A C   1 
ATOM   397 O  O   . ALA A 1 49 ? -0.832  6.099   2.491   1.00 19.14 ? 49  ALA A O   1 
ATOM   398 C  CB  . ALA A 1 49 ? 2.516   5.741   2.221   1.00 14.62 ? 49  ALA A CB  1 
ATOM   399 N  N   . ALA A 1 50 ? 0.013   4.034   2.957   1.00 17.39 ? 50  ALA A N   1 
ATOM   400 C  CA  . ALA A 1 50 ? -1.251  3.323   2.744   1.00 17.94 ? 50  ALA A CA  1 
ATOM   401 C  C   . ALA A 1 50 ? -2.361  3.896   3.668   1.00 18.36 ? 50  ALA A C   1 
ATOM   402 O  O   . ALA A 1 50 ? -3.499  4.051   3.258   1.00 18.01 ? 50  ALA A O   1 
ATOM   403 C  CB  . ALA A 1 50 ? -1.034  1.805   2.971   1.00 18.04 ? 50  ALA A CB  1 
ATOM   404 N  N   . GLY A 1 51 ? -2.012  4.229   4.913   1.00 18.39 ? 51  GLY A N   1 
ATOM   405 C  CA  . GLY A 1 51 ? -3.006  4.786   5.883   1.00 17.64 ? 51  GLY A CA  1 
ATOM   406 C  C   . GLY A 1 51 ? -3.536  6.141   5.414   1.00 17.65 ? 51  GLY A C   1 
ATOM   407 O  O   . GLY A 1 51 ? -4.743  6.409   5.451   1.00 17.84 ? 51  GLY A O   1 
ATOM   408 N  N   . ARG A 1 52 ? -2.632  6.995   4.954   1.00 17.68 ? 52  ARG A N   1 
ATOM   409 C  CA  . ARG A 1 52 ? -3.041  8.261   4.368   1.00 18.67 ? 52  ARG A CA  1 
ATOM   410 C  C   . ARG A 1 52 ? -3.940  8.110   3.123   1.00 18.16 ? 52  ARG A C   1 
ATOM   411 O  O   . ARG A 1 52 ? -4.937  8.814   2.994   1.00 17.85 ? 52  ARG A O   1 
ATOM   412 C  CB  . ARG A 1 52 ? -1.817  9.156   4.080   1.00 19.00 ? 52  ARG A CB  1 
ATOM   413 C  CG  . ARG A 1 52 ? -1.153  9.690   5.357   1.00 19.47 ? 52  ARG A CG  1 
ATOM   414 C  CD  . ARG A 1 52 ? -0.014  10.713  5.053   1.00 20.15 ? 52  ARG A CD  1 
ATOM   415 N  NE  . ARG A 1 52 ? 0.972   10.164  4.125   1.00 20.71 ? 52  ARG A NE  1 
ATOM   416 C  CZ  . ARG A 1 52 ? 2.066   9.484   4.480   1.00 21.55 ? 52  ARG A CZ  1 
ATOM   417 N  NH1 . ARG A 1 52 ? 2.369   9.277   5.762   1.00 17.95 ? 52  ARG A NH1 1 
ATOM   418 N  NH2 . ARG A 1 52 ? 2.877   9.024   3.536   1.00 18.92 ? 52  ARG A NH2 1 
ATOM   419 N  N   . LEU A 1 53 ? -3.595  7.202   2.209   1.00 17.98 ? 53  LEU A N   1 
ATOM   420 C  CA  . LEU A 1 53 ? -4.416  6.980   1.025   1.00 17.80 ? 53  LEU A CA  1 
ATOM   421 C  C   . LEU A 1 53 ? -5.754  6.319   1.350   1.00 17.26 ? 53  LEU A C   1 
ATOM   422 O  O   . LEU A 1 53 ? -6.750  6.545   0.669   1.00 16.91 ? 53  LEU A O   1 
ATOM   423 C  CB  . LEU A 1 53 ? -3.651  6.155   -0.024  1.00 17.49 ? 53  LEU A CB  1 
ATOM   424 C  CG  . LEU A 1 53 ? -2.465  6.898   -0.633  1.00 18.99 ? 53  LEU A CG  1 
ATOM   425 C  CD1 . LEU A 1 53 ? -1.816  5.994   -1.712  1.00 21.23 ? 53  LEU A CD1 1 
ATOM   426 C  CD2 . LEU A 1 53 ? -2.861  8.211   -1.198  1.00 18.23 ? 53  LEU A CD2 1 
ATOM   427 N  N   . ALA A 1 54 ? -5.773  5.496   2.396   1.00 17.12 ? 54  ALA A N   1 
ATOM   428 C  CA  . ALA A 1 54 ? -7.010  4.937   2.939   1.00 16.39 ? 54  ALA A CA  1 
ATOM   429 C  C   . ALA A 1 54 ? -7.892  6.022   3.550   1.00 16.29 ? 54  ALA A C   1 
ATOM   430 O  O   . ALA A 1 54 ? -9.077  6.046   3.300   1.00 16.97 ? 54  ALA A O   1 
ATOM   431 C  CB  . ALA A 1 54 ? -6.701  3.803   3.973   1.00 15.64 ? 54  ALA A CB  1 
ATOM   432 N  N   . ASP A 1 55 ? -7.319  6.915   4.348   1.00 17.03 ? 55  ASP A N   1 
ATOM   433 C  CA  . ASP A 1 55 ? -8.074  8.041   4.928   1.00 16.22 ? 55  ASP A CA  1 
ATOM   434 C  C   . ASP A 1 55 ? -8.735  8.912   3.822   1.00 16.78 ? 55  ASP A C   1 
ATOM   435 O  O   . ASP A 1 55 ? -9.845  9.432   3.998   1.00 16.72 ? 55  ASP A O   1 
ATOM   436 C  CB  . ASP A 1 55 ? -7.173  8.919   5.798   1.00 16.70 ? 55  ASP A CB  1 
ATOM   437 C  CG  . ASP A 1 55 ? -6.704  8.218   7.097   1.00 17.21 ? 55  ASP A CG  1 
ATOM   438 O  OD1 . ASP A 1 55 ? -7.304  7.198   7.494   1.00 15.25 ? 55  ASP A OD1 1 
ATOM   439 O  OD2 . ASP A 1 55 ? -5.704  8.679   7.698   1.00 14.59 ? 55  ASP A OD2 1 
ATOM   440 N  N   . ALA A 1 56 ? -8.059  9.027   2.678   1.00 17.28 ? 56  ALA A N   1 
ATOM   441 C  CA  . ALA A 1 56 ? -8.513  9.835   1.565   1.00 16.74 ? 56  ALA A CA  1 
ATOM   442 C  C   . ALA A 1 56 ? -9.543  9.074   0.737   1.00 16.18 ? 56  ALA A C   1 
ATOM   443 O  O   . ALA A 1 56 ? -10.153 9.630   -0.129  1.00 17.30 ? 56  ALA A O   1 
ATOM   444 C  CB  . ALA A 1 56 ? -7.343  10.221  0.721   1.00 16.43 ? 56  ALA A CB  1 
ATOM   445 N  N   . GLY A 1 57 ? -9.720  7.790   1.029   1.00 17.10 ? 57  GLY A N   1 
ATOM   446 C  CA  . GLY A 1 57 ? -10.707 6.974   0.379   1.00 15.81 ? 57  GLY A CA  1 
ATOM   447 C  C   . GLY A 1 57 ? -10.247 6.412   -0.948  1.00 16.14 ? 57  GLY A C   1 
ATOM   448 O  O   . GLY A 1 57 ? -11.033 5.742   -1.598  1.00 15.57 ? 57  GLY A O   1 
ATOM   449 N  N   . GLU A 1 58 ? -8.985  6.653   -1.323  1.00 16.12 ? 58  GLU A N   1 
ATOM   450 C  CA  . GLU A 1 58 ? -8.401  6.164   -2.594  1.00 16.82 ? 58  GLU A CA  1 
ATOM   451 C  C   . GLU A 1 58 ? -8.128  4.641   -2.639  1.00 16.72 ? 58  GLU A C   1 
ATOM   452 O  O   . GLU A 1 58 ? -8.328  3.978   -3.681  1.00 15.87 ? 58  GLU A O   1 
ATOM   453 C  CB  . GLU A 1 58 ? -7.079  6.880   -2.859  1.00 16.98 ? 58  GLU A CB  1 
ATOM   454 C  CG  . GLU A 1 58 ? -7.268  8.379   -3.018  1.00 20.27 ? 58  GLU A CG  1 
ATOM   455 C  CD  . GLU A 1 58 ? -6.084  9.073   -3.691  1.00 22.00 ? 58  GLU A CD  1 
ATOM   456 O  OE1 . GLU A 1 58 ? -5.159  8.379   -4.161  1.00 22.42 ? 58  GLU A OE1 1 
ATOM   457 O  OE2 . GLU A 1 58 ? -6.123  10.320  -3.763  1.00 24.11 ? 58  GLU A OE2 1 
ATOM   458 N  N   . VAL A 1 59 ? -7.637  4.110   -1.524  1.00 16.08 ? 59  VAL A N   1 
ATOM   459 C  CA  . VAL A 1 59 ? -7.345  2.702   -1.408  1.00 16.17 ? 59  VAL A CA  1 
ATOM   460 C  C   . VAL A 1 59 ? -8.003  2.170   -0.145  1.00 17.44 ? 59  VAL A C   1 
ATOM   461 O  O   . VAL A 1 59 ? -8.385  2.961   0.727   1.00 16.79 ? 59  VAL A O   1 
ATOM   462 C  CB  . VAL A 1 59 ? -5.789  2.420   -1.358  1.00 16.28 ? 59  VAL A CB  1 
ATOM   463 C  CG1 . VAL A 1 59 ? -5.050  3.062   -2.570  1.00 15.11 ? 59  VAL A CG1 1 
ATOM   464 C  CG2 . VAL A 1 59 ? -5.179  2.805   -0.010  1.00 15.92 ? 59  VAL A CG2 1 
ATOM   465 N  N   . GLU A 1 60 ? -8.146  0.842   -0.071  1.00 17.77 ? 60  GLU A N   1 
ATOM   466 C  CA  . GLU A 1 60 ? -8.463  0.148   1.179   1.00 18.99 ? 60  GLU A CA  1 
ATOM   467 C  C   . GLU A 1 60 ? -7.351  -0.832  1.517   1.00 19.47 ? 60  GLU A C   1 
ATOM   468 O  O   . GLU A 1 60 ? -6.706  -1.434  0.624   1.00 20.03 ? 60  GLU A O   1 
ATOM   469 C  CB  . GLU A 1 60 ? -9.767  -0.654  1.071   1.00 19.26 ? 60  GLU A CB  1 
ATOM   470 C  CG  . GLU A 1 60 ? -11.006 0.206   0.926   1.00 21.05 ? 60  GLU A CG  1 
ATOM   471 C  CD  . GLU A 1 60 ? -12.199 -0.582  0.481   1.00 22.28 ? 60  GLU A CD  1 
ATOM   472 O  OE1 . GLU A 1 60 ? -12.071 -1.373  -0.492  1.00 26.91 ? 60  GLU A OE1 1 
ATOM   473 O  OE2 . GLU A 1 60 ? -13.256 -0.431  1.131   1.00 23.61 ? 60  GLU A OE2 1 
ATOM   474 N  N   . VAL A 1 61 ? -7.162  -1.038  2.808   1.00 18.94 ? 61  VAL A N   1 
ATOM   475 C  CA  . VAL A 1 61 ? -6.186  -2.005  3.264   1.00 19.44 ? 61  VAL A CA  1 
ATOM   476 C  C   . VAL A 1 61 ? -7.016  -3.130  3.889   1.00 20.13 ? 61  VAL A C   1 
ATOM   477 O  O   . VAL A 1 61 ? -8.003  -2.851  4.619   1.00 20.23 ? 61  VAL A O   1 
ATOM   478 C  CB  . VAL A 1 61 ? -5.244  -1.375  4.347   1.00 19.42 ? 61  VAL A CB  1 
ATOM   479 C  CG1 . VAL A 1 61 ? -4.337  -2.448  4.973   1.00 20.46 ? 61  VAL A CG1 1 
ATOM   480 C  CG2 . VAL A 1 61 ? -4.449  -0.150  3.796   1.00 17.47 ? 61  VAL A CG2 1 
ATOM   481 N  N   . THR A 1 62 ? -6.650  -4.381  3.590   1.00 20.18 ? 62  THR A N   1 
ATOM   482 C  CA  . THR A 1 62 ? -7.346  -5.545  4.126   1.00 20.14 ? 62  THR A CA  1 
ATOM   483 C  C   . THR A 1 62 ? -6.380  -6.504  4.801   1.00 19.81 ? 62  THR A C   1 
ATOM   484 O  O   . THR A 1 62 ? -5.196  -6.555  4.488   1.00 20.43 ? 62  THR A O   1 
ATOM   485 C  CB  . THR A 1 62 ? -8.176  -6.335  3.052   1.00 19.66 ? 62  THR A CB  1 
ATOM   486 O  OG1 . THR A 1 62 ? -7.291  -6.960  2.122   1.00 22.34 ? 62  THR A OG1 1 
ATOM   487 C  CG2 . THR A 1 62 ? -9.179  -5.404  2.283   1.00 22.29 ? 62  THR A CG2 1 
ATOM   488 N  N   . GLN A 1 63 ? -6.911  -7.255  5.748   1.00 19.39 ? 63  GLN A N   1 
ATOM   489 C  CA  . GLN A 1 63 ? -6.189  -8.326  6.400   1.00 18.81 ? 63  GLN A CA  1 
ATOM   490 C  C   . GLN A 1 63 ? -7.183  -9.452  6.630   1.00 17.97 ? 63  GLN A C   1 
ATOM   491 O  O   . GLN A 1 63 ? -8.244  -9.258  7.209   1.00 16.31 ? 63  GLN A O   1 
ATOM   492 C  CB  . GLN A 1 63 ? -5.613  -7.855  7.721   1.00 18.16 ? 63  GLN A CB  1 
ATOM   493 C  CG  . GLN A 1 63 ? -4.674  -8.880  8.259   1.00 21.76 ? 63  GLN A CG  1 
ATOM   494 C  CD  . GLN A 1 63 ? -4.002  -8.416  9.505   1.00 23.23 ? 63  GLN A CD  1 
ATOM   495 O  OE1 . GLN A 1 63 ? -2.801  -8.172  9.497   1.00 28.13 ? 63  GLN A OE1 1 
ATOM   496 N  NE2 . GLN A 1 63 ? -4.752  -8.301  10.589  1.00 20.34 ? 63  GLN A NE2 1 
ATOM   497 N  N   . LYS A 1 64 ? -6.831  -10.629 6.145   1.00 18.44 ? 64  LYS A N   1 
ATOM   498 C  CA  . LYS A 1 64 ? -7.723  -11.753 6.158   1.00 18.68 ? 64  LYS A CA  1 
ATOM   499 C  C   . LYS A 1 64 ? -9.118  -11.442 5.609   1.00 18.69 ? 64  LYS A C   1 
ATOM   500 O  O   . LYS A 1 64 ? -10.128 -11.933 6.133   1.00 18.06 ? 64  LYS A O   1 
ATOM   501 C  CB  . LYS A 1 64 ? -7.778  -12.338 7.580   1.00 20.01 ? 64  LYS A CB  1 
ATOM   502 C  CG  . LYS A 1 64 ? -6.385  -12.730 8.021   1.00 18.19 ? 64  LYS A CG  1 
ATOM   503 C  CD  . LYS A 1 64 ? -6.343  -13.169 9.381   1.00 18.62 ? 64  LYS A CD  1 
ATOM   504 C  CE  . LYS A 1 64 ? -4.918  -13.317 9.739   1.00 20.11 ? 64  LYS A CE  1 
ATOM   505 N  NZ  . LYS A 1 64 ? -4.860  -13.802 11.088  1.00 24.85 ? 64  LYS A NZ  1 
ATOM   506 N  N   . GLY A 1 65 ? -9.154  -10.666 4.533   1.00 18.63 ? 65  GLY A N   1 
ATOM   507 C  CA  . GLY A 1 65 ? -10.405 -10.311 3.871   1.00 20.11 ? 65  GLY A CA  1 
ATOM   508 C  C   . GLY A 1 65 ? -11.177 -9.091  4.430   1.00 20.52 ? 65  GLY A C   1 
ATOM   509 O  O   . GLY A 1 65 ? -12.090 -8.545  3.745   1.00 21.67 ? 65  GLY A O   1 
ATOM   510 N  N   . ALA A 1 66 ? -10.839 -8.670  5.648   1.00 19.83 ? 66  ALA A N   1 
ATOM   511 C  CA  . ALA A 1 66 ? -11.509 -7.579  6.335   1.00 19.02 ? 66  ALA A CA  1 
ATOM   512 C  C   . ALA A 1 66 ? -10.795 -6.239  6.119   1.00 19.15 ? 66  ALA A C   1 
ATOM   513 O  O   . ALA A 1 66 ? -9.567  -6.192  6.145   1.00 19.31 ? 66  ALA A O   1 
ATOM   514 C  CB  . ALA A 1 66 ? -11.603 -7.898  7.842   1.00 20.12 ? 66  ALA A CB  1 
ATOM   515 N  N   . VAL A 1 67 ? -11.541 -5.146  5.931   1.00 17.89 ? 67  VAL A N   1 
ATOM   516 C  CA  . VAL A 1 67 ? -10.899 -3.832  5.844   1.00 16.77 ? 67  VAL A CA  1 
ATOM   517 C  C   . VAL A 1 67 ? -10.326 -3.465  7.230   1.00 17.89 ? 67  VAL A C   1 
ATOM   518 O  O   . VAL A 1 67 ? -11.029 -3.593  8.269   1.00 17.08 ? 67  VAL A O   1 
ATOM   519 C  CB  . VAL A 1 67 ? -11.861 -2.720  5.275   1.00 17.70 ? 67  VAL A CB  1 
ATOM   520 C  CG1 . VAL A 1 67 ? -11.225 -1.293  5.418   1.00 16.88 ? 67  VAL A CG1 1 
ATOM   521 C  CG2 . VAL A 1 67 ? -12.203 -2.988  3.793   1.00 16.35 ? 67  VAL A CG2 1 
ATOM   522 N  N   . VAL A 1 68 ? -9.045  -3.051  7.240   1.00 16.73 ? 68  VAL A N   1 
ATOM   523 C  CA  . VAL A 1 68 ? -8.320  -2.676  8.474   1.00 17.08 ? 68  VAL A CA  1 
ATOM   524 C  C   . VAL A 1 68 ? -7.522  -1.348  8.265   1.00 17.57 ? 68  VAL A C   1 
ATOM   525 O  O   . VAL A 1 68 ? -7.293  -0.909  7.130   1.00 16.32 ? 68  VAL A O   1 
ATOM   526 C  CB  . VAL A 1 68 ? -7.300  -3.819  8.955   1.00 17.96 ? 68  VAL A CB  1 
ATOM   527 C  CG1 . VAL A 1 68 ? -7.998  -5.162  9.328   1.00 15.44 ? 68  VAL A CG1 1 
ATOM   528 C  CG2 . VAL A 1 68 ? -6.169  -4.033  7.892   1.00 12.94 ? 68  VAL A CG2 1 
ATOM   529 N  N   . ASP A 1 69 ? -7.066  -0.752  9.374   1.00 16.53 ? 69  ASP A N   1 
ATOM   530 C  CA  . ASP A 1 69 ? -6.148  0.361   9.355   1.00 16.40 ? 69  ASP A CA  1 
ATOM   531 C  C   . ASP A 1 69 ? -4.755  -0.260  9.372   1.00 16.36 ? 69  ASP A C   1 
ATOM   532 O  O   . ASP A 1 69 ? -4.415  -0.984  10.330  1.00 16.62 ? 69  ASP A O   1 
ATOM   533 C  CB  . ASP A 1 69 ? -6.363  1.176   10.644  1.00 17.04 ? 69  ASP A CB  1 
ATOM   534 C  CG  . ASP A 1 69 ? -5.473  2.427   10.731  1.00 18.50 ? 69  ASP A CG  1 
ATOM   535 O  OD1 . ASP A 1 69 ? -4.474  2.554   10.026  1.00 17.30 ? 69  ASP A OD1 1 
ATOM   536 O  OD2 . ASP A 1 69 ? -5.763  3.265   11.582  1.00 22.42 ? 69  ASP A OD2 1 
ATOM   537 N  N   . PRO A 1 70 ? -3.929  0.028   8.336   1.00 16.06 ? 70  PRO A N   1 
ATOM   538 C  CA  . PRO A 1 70 ? -2.557  -0.514  8.221   1.00 16.95 ? 70  PRO A CA  1 
ATOM   539 C  C   . PRO A 1 70 ? -1.639  -0.032  9.339   1.00 18.07 ? 70  PRO A C   1 
ATOM   540 O  O   . PRO A 1 70 ? -0.614  -0.660  9.620   1.00 18.36 ? 70  PRO A O   1 
ATOM   541 C  CB  . PRO A 1 70 ? -2.049  0.107   6.909   1.00 15.72 ? 70  PRO A CB  1 
ATOM   542 C  CG  . PRO A 1 70 ? -2.808  1.346   6.779   1.00 15.69 ? 70  PRO A CG  1 
ATOM   543 C  CD  . PRO A 1 70 ? -4.206  0.932   7.201   1.00 15.35 ? 70  PRO A CD  1 
ATOM   544 N  N   . ARG A 1 71 ? -2.005  1.087   9.956   1.00 19.62 ? 71  ARG A N   1 
ATOM   545 C  CA  . ARG A 1 71 ? -1.203  1.656   11.047  1.00 20.99 ? 71  ARG A CA  1 
ATOM   546 C  C   . ARG A 1 71 ? -1.374  0.863   12.335  1.00 21.23 ? 71  ARG A C   1 
ATOM   547 O  O   . ARG A 1 71 ? -0.490  0.893   13.192  1.00 22.33 ? 71  ARG A O   1 
ATOM   548 C  CB  . ARG A 1 71 ? -1.501  3.164   11.230  1.00 20.17 ? 71  ARG A CB  1 
ATOM   549 C  CG  . ARG A 1 71 ? -0.935  4.021   10.084  1.00 23.21 ? 71  ARG A CG  1 
ATOM   550 C  CD  . ARG A 1 71 ? -1.741  5.292   9.870   1.00 23.27 ? 71  ARG A CD  1 
ATOM   551 N  NE  . ARG A 1 71 ? -3.143  4.982   9.544   1.00 26.31 ? 71  ARG A NE  1 
ATOM   552 C  CZ  . ARG A 1 71 ? -3.986  5.850   8.998   1.00 27.57 ? 71  ARG A CZ  1 
ATOM   553 N  NH1 . ARG A 1 71 ? -3.594  7.088   8.708   1.00 26.83 ? 71  ARG A NH1 1 
ATOM   554 N  NH2 . ARG A 1 71 ? -5.224  5.482   8.742   1.00 27.24 ? 71  ARG A NH2 1 
ATOM   555 N  N   . SER A 1 72 ? -2.492  0.139   12.449  1.00 22.03 ? 72  SER A N   1 
ATOM   556 C  CA  . SER A 1 72 ? -2.860  -0.671  13.650  1.00 21.72 ? 72  SER A CA  1 
ATOM   557 C  C   . SER A 1 72 ? -2.674  -2.176  13.517  1.00 20.92 ? 72  SER A C   1 
ATOM   558 O  O   . SER A 1 72 ? -2.440  -2.858  14.506  1.00 20.65 ? 72  SER A O   1 
ATOM   559 C  CB  . SER A 1 72 ? -4.325  -0.470  13.982  1.00 21.06 ? 72  SER A CB  1 
ATOM   560 O  OG  . SER A 1 72 ? -4.512  0.855   14.390  1.00 27.61 ? 72  SER A OG  1 
ATOM   561 N  N   . ALA A 1 73 ? -2.832  -2.671  12.293  1.00 20.03 ? 73  ALA A N   1 
ATOM   562 C  CA  . ALA A 1 73 ? -2.877  -4.109  11.955  1.00 20.56 ? 73  ALA A CA  1 
ATOM   563 C  C   . ALA A 1 73 ? -1.520  -4.772  12.147  1.00 20.91 ? 73  ALA A C   1 
ATOM   564 O  O   . ALA A 1 73 ? -0.500  -4.225  11.782  1.00 20.35 ? 73  ALA A O   1 
ATOM   565 C  CB  . ALA A 1 73 ? -3.367  -4.329  10.479  1.00 20.58 ? 73  ALA A CB  1 
ATOM   566 N  N   . ARG A 1 74 ? -1.548  -5.971  12.720  1.00 21.97 ? 74  ARG A N   1 
ATOM   567 C  CA  . ARG A 1 74 ? -0.360  -6.778  12.977  1.00 22.44 ? 74  ARG A CA  1 
ATOM   568 C  C   . ARG A 1 74 ? -0.176  -7.774  11.837  1.00 22.45 ? 74  ARG A C   1 
ATOM   569 O  O   . ARG A 1 74 ? -1.085  -8.518  11.469  1.00 22.11 ? 74  ARG A O   1 
ATOM   570 C  CB  . ARG A 1 74 ? -0.491  -7.511  14.330  1.00 22.63 ? 74  ARG A CB  1 
ATOM   571 C  CG  . ARG A 1 74 ? 0.559   -8.604  14.556  1.00 22.73 ? 74  ARG A CG  1 
ATOM   572 C  CD  . ARG A 1 74 ? 0.241   -9.485  15.787  1.00 23.41 ? 74  ARG A CD  1 
ATOM   573 N  NE  . ARG A 1 74 ? 0.099   -8.684  17.009  1.00 26.00 ? 74  ARG A NE  1 
ATOM   574 C  CZ  . ARG A 1 74 ? 1.126   -8.301  17.775  1.00 27.76 ? 74  ARG A CZ  1 
ATOM   575 N  NH1 . ARG A 1 74 ? 2.371   -8.669  17.449  1.00 26.05 ? 74  ARG A NH1 1 
ATOM   576 N  NH2 . ARG A 1 74 ? 0.912   -7.559  18.872  1.00 22.11 ? 74  ARG A NH2 1 
ATOM   577 N  N   . GLY A 1 75 ? 1.017   -7.769  11.263  1.00 22.72 ? 75  GLY A N   1 
ATOM   578 C  CA  . GLY A 1 75 ? 1.352   -8.719  10.232  1.00 22.58 ? 75  GLY A CA  1 
ATOM   579 C  C   . GLY A 1 75 ? 0.810   -8.385  8.861   1.00 22.68 ? 75  GLY A C   1 
ATOM   580 O  O   . GLY A 1 75 ? 0.324   -7.280  8.645   1.00 24.02 ? 75  GLY A O   1 
ATOM   581 N  N   . PRO A 1 76 ? 0.952   -9.332  7.910   1.00 22.15 ? 76  PRO A N   1 
ATOM   582 C  CA  . PRO A 1 76 ? 0.695   -9.130  6.492   1.00 21.14 ? 76  PRO A CA  1 
ATOM   583 C  C   . PRO A 1 76 ? -0.685  -8.568  6.156   1.00 19.85 ? 76  PRO A C   1 
ATOM   584 O  O   . PRO A 1 76 ? -1.707  -9.023  6.678   1.00 20.18 ? 76  PRO A O   1 
ATOM   585 C  CB  . PRO A 1 76 ? 0.891   -10.535 5.885   1.00 21.61 ? 76  PRO A CB  1 
ATOM   586 C  CG  . PRO A 1 76 ? 1.856   -11.207 6.793   1.00 22.86 ? 76  PRO A CG  1 
ATOM   587 C  CD  . PRO A 1 76 ? 1.477   -10.694 8.171   1.00 22.07 ? 76  PRO A CD  1 
ATOM   588 N  N   . ILE A 1 77 ? -0.686  -7.576  5.278   1.00 17.20 ? 77  ILE A N   1 
ATOM   589 C  CA  . ILE A 1 77 ? -1.888  -6.915  4.876   1.00 16.98 ? 77  ILE A CA  1 
ATOM   590 C  C   . ILE A 1 77 ? -1.864  -6.785  3.345   1.00 16.81 ? 77  ILE A C   1 
ATOM   591 O  O   . ILE A 1 77 ? -0.813  -6.964  2.714   1.00 17.01 ? 77  ILE A O   1 
ATOM   592 C  CB  . ILE A 1 77 ? -2.013  -5.502  5.515   1.00 16.94 ? 77  ILE A CB  1 
ATOM   593 C  CG1 . ILE A 1 77 ? -0.762  -4.631  5.134   1.00 18.49 ? 77  ILE A CG1 1 
ATOM   594 C  CG2 . ILE A 1 77 ? -2.298  -5.628  7.064   1.00 16.37 ? 77  ILE A CG2 1 
ATOM   595 C  CD1 . ILE A 1 77 ? -0.766  -3.127  5.495   1.00 16.09 ? 77  ILE A CD1 1 
ATOM   596 N  N   . ARG A 1 78 ? -3.022  -6.480  2.766   1.00 17.35 ? 78  ARG A N   1 
ATOM   597 C  CA  . ARG A 1 78 ? -3.143  -6.257  1.311   1.00 17.42 ? 78  ARG A CA  1 
ATOM   598 C  C   . ARG A 1 78 ? -3.565  -4.820  1.052   1.00 17.34 ? 78  ARG A C   1 
ATOM   599 O  O   . ARG A 1 78 ? -4.262  -4.238  1.872   1.00 16.20 ? 78  ARG A O   1 
ATOM   600 C  CB  . ARG A 1 78 ? -4.206  -7.192  0.716   1.00 18.11 ? 78  ARG A CB  1 
ATOM   601 C  CG  . ARG A 1 78 ? -3.945  -8.693  0.887   1.00 17.26 ? 78  ARG A CG  1 
ATOM   602 C  CD  . ARG A 1 78 ? -2.554  -9.096  0.367   1.00 17.40 ? 78  ARG A CD  1 
ATOM   603 N  NE  . ARG A 1 78 ? -2.350  -8.848  -1.074  1.00 13.52 ? 78  ARG A NE  1 
ATOM   604 C  CZ  . ARG A 1 78 ? -1.216  -9.162  -1.701  1.00 14.47 ? 78  ARG A CZ  1 
ATOM   605 N  NH1 . ARG A 1 78 ? -0.223  -9.713  -1.025  1.00 15.21 ? 78  ARG A NH1 1 
ATOM   606 N  NH2 . ARG A 1 78 ? -1.053  -8.942  -2.993  1.00 16.52 ? 78  ARG A NH2 1 
ATOM   607 N  N   . ILE A 1 79 ? -3.144  -4.241  -0.078  1.00 17.81 ? 79  ILE A N   1 
ATOM   608 C  CA  . ILE A 1 79 ? -3.592  -2.873  -0.463  1.00 17.49 ? 79  ILE A CA  1 
ATOM   609 C  C   . ILE A 1 79 ? -4.282  -2.912  -1.813  1.00 18.02 ? 79  ILE A C   1 
ATOM   610 O  O   . ILE A 1 79 ? -3.726  -3.462  -2.747  1.00 18.23 ? 79  ILE A O   1 
ATOM   611 C  CB  . ILE A 1 79 ? -2.398  -1.853  -0.525  1.00 17.52 ? 79  ILE A CB  1 
ATOM   612 C  CG1 . ILE A 1 79 ? -1.557  -1.912  0.765   1.00 18.52 ? 79  ILE A CG1 1 
ATOM   613 C  CG2 . ILE A 1 79 ? -2.881  -0.441  -0.810  1.00 17.20 ? 79  ILE A CG2 1 
ATOM   614 C  CD1 . ILE A 1 79 ? -0.095  -1.279  0.613   1.00 18.94 ? 79  ILE A CD1 1 
ATOM   615 N  N   . ARG A 1 80 ? -5.489  -2.346  -1.905  1.00 17.09 ? 80  ARG A N   1 
ATOM   616 C  CA  . ARG A 1 80 ? -6.310  -2.372  -3.124  1.00 17.66 ? 80  ARG A CA  1 
ATOM   617 C  C   . ARG A 1 80 ? -6.930  -0.989  -3.363  1.00 17.71 ? 80  ARG A C   1 
ATOM   618 O  O   . ARG A 1 80 ? -7.149  -0.207  -2.413  1.00 18.07 ? 80  ARG A O   1 
ATOM   619 C  CB  . ARG A 1 80 ? -7.452  -3.434  -3.009  1.00 16.55 ? 80  ARG A CB  1 
ATOM   620 C  CG  . ARG A 1 80 ? -8.565  -3.047  -2.013  1.00 15.73 ? 80  ARG A CG  1 
ATOM   621 C  CD  . ARG A 1 80 ? -9.351  -4.258  -1.561  1.00 19.51 ? 80  ARG A CD  1 
ATOM   622 N  NE  . ARG A 1 80 ? -10.585 -3.872  -0.870  1.00 20.27 ? 80  ARG A NE  1 
ATOM   623 C  CZ  . ARG A 1 80 ? -11.485 -4.711  -0.355  1.00 21.23 ? 80  ARG A CZ  1 
ATOM   624 N  NH1 . ARG A 1 80 ? -11.348 -6.061  -0.409  1.00 15.87 ? 80  ARG A NH1 1 
ATOM   625 N  NH2 . ARG A 1 80 ? -12.550 -4.174  0.209   1.00 18.25 ? 80  ARG A NH2 1 
ATOM   626 N  N   . TRP A 1 81 ? -7.198  -0.674  -4.623  1.00 18.88 ? 81  TRP A N   1 
ATOM   627 C  CA  . TRP A 1 81 ? -8.060  0.466   -4.955  1.00 18.55 ? 81  TRP A CA  1 
ATOM   628 C  C   . TRP A 1 81 ? -9.411  0.265   -4.272  1.00 20.04 ? 81  TRP A C   1 
ATOM   629 O  O   . TRP A 1 81 ? -9.961  -0.846  -4.252  1.00 19.68 ? 81  TRP A O   1 
ATOM   630 C  CB  . TRP A 1 81 ? -8.294  0.496   -6.458  1.00 19.60 ? 81  TRP A CB  1 
ATOM   631 C  CG  . TRP A 1 81 ? -7.124  0.916   -7.326  1.00 17.44 ? 81  TRP A CG  1 
ATOM   632 C  CD1 . TRP A 1 81 ? -6.668  0.276   -8.450  1.00 18.04 ? 81  TRP A CD1 1 
ATOM   633 C  CD2 . TRP A 1 81 ? -6.283  2.074   -7.149  1.00 18.06 ? 81  TRP A CD2 1 
ATOM   634 N  NE1 . TRP A 1 81 ? -5.629  0.967   -8.989  1.00 16.88 ? 81  TRP A NE1 1 
ATOM   635 C  CE2 . TRP A 1 81 ? -5.359  2.072   -8.209  1.00 17.15 ? 81  TRP A CE2 1 
ATOM   636 C  CE3 . TRP A 1 81 ? -6.247  3.126   -6.206  1.00 15.66 ? 81  TRP A CE3 1 
ATOM   637 C  CZ2 . TRP A 1 81 ? -4.383  3.094   -8.376  1.00 19.93 ? 81  TRP A CZ2 1 
ATOM   638 C  CZ3 . TRP A 1 81 ? -5.288  4.126   -6.352  1.00 19.68 ? 81  TRP A CZ3 1 
ATOM   639 C  CH2 . TRP A 1 81 ? -4.357  4.102   -7.436  1.00 18.64 ? 81  TRP A CH2 1 
ATOM   640 N  N   . THR A 1 82 ? -9.962  1.327   -3.707  1.00 20.22 ? 82  THR A N   1 
ATOM   641 C  CA  . THR A 1 82 ? -11.372 1.332   -3.333  1.00 21.58 ? 82  THR A CA  1 
ATOM   642 C  C   . THR A 1 82 ? -12.223 1.149   -4.606  1.00 23.58 ? 82  THR A C   1 
ATOM   643 O  O   . THR A 1 82 ? -11.947 1.759   -5.662  1.00 23.13 ? 82  THR A O   1 
ATOM   644 C  CB  . THR A 1 82 ? -11.732 2.656   -2.661  1.00 21.00 ? 82  THR A CB  1 
ATOM   645 O  OG1 . THR A 1 82 ? -10.863 2.845   -1.551  1.00 19.09 ? 82  THR A OG1 1 
ATOM   646 C  CG2 . THR A 1 82 ? -13.159 2.673   -2.132  1.00 21.36 ? 82  THR A CG2 1 
ATOM   647 N  N   . ARG A 1 83 ? -13.246 0.300   -4.519  1.00 25.32 ? 83  ARG A N   1 
ATOM   648 C  CA  . ARG A 1 83 ? -14.152 0.116   -5.657  1.00 27.44 ? 83  ARG A CA  1 
ATOM   649 C  C   . ARG A 1 83 ? -15.635 0.327   -5.345  1.00 28.93 ? 83  ARG A C   1 
ATOM   650 O  O   . ARG A 1 83 ? -16.506 -0.143  -6.073  1.00 29.38 ? 83  ARG A O   1 
ATOM   651 C  CB  . ARG A 1 83 ? -13.912 -1.248  -6.330  1.00 28.56 ? 83  ARG A CB  1 
ATOM   652 C  CG  . ARG A 1 83 ? -12.600 -1.290  -7.157  1.00 28.27 ? 83  ARG A CG  1 
ATOM   653 C  CD  . ARG A 1 83 ? -12.583 -2.512  -8.089  1.00 27.41 ? 83  ARG A CD  1 
ATOM   654 N  NE  . ARG A 1 83 ? -13.662 -2.463  -9.063  1.00 24.80 ? 83  ARG A NE  1 
ATOM   655 C  CZ  . ARG A 1 83 ? -13.573 -1.822  -10.225 1.00 28.16 ? 83  ARG A CZ  1 
ATOM   656 N  NH1 . ARG A 1 83 ? -12.444 -1.173  -10.545 1.00 24.18 ? 83  ARG A NH1 1 
ATOM   657 N  NH2 . ARG A 1 83 ? -14.616 -1.802  -11.061 1.00 27.89 ? 83  ARG A NH2 1 
ATOM   658 N  N   . THR A 1 84 ? -15.915 1.076   -4.274  1.00 29.95 ? 84  THR A N   1 
ATOM   659 C  CA  . THR A 1 84 ? -17.272 1.356   -3.858  1.00 30.21 ? 84  THR A CA  1 
ATOM   660 C  C   . THR A 1 84 ? -17.990 2.090   -5.003  1.00 31.70 ? 84  THR A C   1 
ATOM   661 O  O   . THR A 1 84 ? -17.432 2.992   -5.653  1.00 31.77 ? 84  THR A O   1 
ATOM   662 C  CB  . THR A 1 84 ? -17.322 2.196   -2.513  1.00 30.35 ? 84  THR A CB  1 
ATOM   663 O  OG1 . THR A 1 84 ? -16.239 1.819   -1.647  1.00 27.07 ? 84  THR A OG1 1 
ATOM   664 C  CG2 . THR A 1 84 ? -18.710 2.018   -1.773  1.00 28.79 ? 84  THR A CG2 1 
ATOM   665 N  N   . ASP A 1 85 ? -19.227 1.674   -5.253  1.00 32.55 ? 85  ASP A N   1 
ATOM   666 C  CA  . ASP A 1 85 ? -20.057 2.273   -6.297  1.00 33.07 ? 85  ASP A CA  1 
ATOM   667 C  C   . ASP A 1 85 ? -20.224 3.766   -6.068  1.00 33.00 ? 85  ASP A C   1 
ATOM   668 O  O   . ASP A 1 85 ? -20.373 4.270   -4.969  1.00 32.08 ? 85  ASP A O   1 
ATOM   669 C  CB  . ASP A 1 85 ? -21.425 1.584   -6.366  1.00 32.19 ? 85  ASP A CB  1 
ATOM   670 C  CG  . ASP A 1 85 ? -21.348 0.161   -6.898  1.00 33.97 ? 85  ASP A CG  1 
ATOM   671 O  OD1 . ASP A 1 85 ? -20.670 -0.081  -7.918  1.00 35.72 ? 85  ASP A OD1 1 
ATOM   672 O  OD2 . ASP A 1 85 ? -21.977 -0.732  -6.304  1.00 34.57 ? 85  ASP A OD2 1 
ATOM   673 O  OXT . ASP A 1 85 ? -20.225 4.510   -7.024  1.00 34.66 ? 85  ASP A OXT 1 
HETATM 674 C  C1  . EDO B 2 .  ? 13.153  6.694   5.081   1.00 39.62 ? 102 EDO A C1  1 
HETATM 675 O  O1  . EDO B 2 .  ? 14.480  6.161   4.960   1.00 39.28 ? 102 EDO A O1  1 
HETATM 676 C  C2  . EDO B 2 .  ? 12.586  6.227   6.424   1.00 42.32 ? 102 EDO A C2  1 
HETATM 677 O  O2  . EDO B 2 .  ? 13.036  7.117   7.462   1.00 43.48 ? 102 EDO A O2  1 
HETATM 678 C  C1  . GOL C 3 .  ? -5.388  -1.071  -12.761 1.00 30.59 ? 101 GOL A C1  1 
HETATM 679 O  O1  . GOL C 3 .  ? -5.810  -0.421  -11.560 1.00 22.50 ? 101 GOL A O1  1 
HETATM 680 C  C2  . GOL C 3 .  ? -4.933  -0.127  -13.876 1.00 31.80 ? 101 GOL A C2  1 
HETATM 681 O  O2  . GOL C 3 .  ? -5.607  1.128   -14.033 1.00 33.78 ? 101 GOL A O2  1 
HETATM 682 C  C3  . GOL C 3 .  ? -4.384  -0.756  -15.175 1.00 34.93 ? 101 GOL A C3  1 
HETATM 683 O  O3  . GOL C 3 .  ? -4.324  -2.167  -15.245 1.00 29.06 ? 101 GOL A O3  1 
HETATM 684 O  O   . HOH D 4 .  ? -3.179  -9.604  -13.779 0.50 17.91 ? 103 HOH A O   1 
HETATM 685 O  O   . HOH D 4 .  ? -6.765  -2.768  -6.713  1.00 13.15 ? 104 HOH A O   1 
HETATM 686 O  O   . HOH D 4 .  ? -15.327 4.879   -4.944  1.00 12.70 ? 105 HOH A O   1 
HETATM 687 O  O   . HOH D 4 .  ? -10.317 -3.277  -5.339  1.00 17.41 ? 106 HOH A O   1 
HETATM 688 O  O   . HOH D 4 .  ? -8.217  0.654   5.073   1.00 19.85 ? 107 HOH A O   1 
HETATM 689 O  O   . HOH D 4 .  ? -14.304 -5.446  5.821   1.00 13.57 ? 108 HOH A O   1 
HETATM 690 O  O   . HOH D 4 .  ? -3.768  -9.698  -6.254  1.00 16.32 ? 109 HOH A O   1 
HETATM 691 O  O   . HOH D 4 .  ? 1.901   2.045   -13.046 1.00 14.93 ? 110 HOH A O   1 
HETATM 692 O  O   . HOH D 4 .  ? -5.341  -2.828  -9.061  1.00 16.06 ? 111 HOH A O   1 
HETATM 693 O  O   . HOH D 4 .  ? -9.290  -2.790  -7.576  1.00 14.59 ? 112 HOH A O   1 
HETATM 694 O  O   . HOH D 4 .  ? -9.932  -0.731  -9.152  1.00 23.21 ? 113 HOH A O   1 
HETATM 695 O  O   . HOH D 4 .  ? -8.855  4.950   6.799   1.00 18.88 ? 114 HOH A O   1 
HETATM 696 O  O   . HOH D 4 .  ? -8.526  -7.629  -0.253  1.00 18.93 ? 115 HOH A O   1 
HETATM 697 O  O   . HOH D 4 .  ? -4.140  -7.330  13.195  1.00 22.40 ? 116 HOH A O   1 
HETATM 698 O  O   . HOH D 4 .  ? -2.532  -8.482  17.911  1.00 32.15 ? 117 HOH A O   1 
HETATM 699 O  O   . HOH D 4 .  ? -7.816  -7.329  -2.708  1.00 18.14 ? 118 HOH A O   1 
HETATM 700 O  O   . HOH D 4 .  ? -12.723 4.685   -5.958  1.00 19.16 ? 119 HOH A O   1 
HETATM 701 O  O   . HOH D 4 .  ? -8.885  -9.225  9.814   1.00 18.55 ? 120 HOH A O   1 
HETATM 702 O  O   . HOH D 4 .  ? -10.685 1.921   4.284   1.00 23.54 ? 121 HOH A O   1 
HETATM 703 O  O   . HOH D 4 .  ? -4.978  11.312  3.807   1.00 22.30 ? 122 HOH A O   1 
HETATM 704 O  O   . HOH D 4 .  ? -2.955  -7.814  -11.776 1.00 16.44 ? 123 HOH A O   1 
HETATM 705 O  O   . HOH D 4 .  ? -8.972  8.232   -6.325  1.00 19.74 ? 124 HOH A O   1 
HETATM 706 O  O   . HOH D 4 .  ? -13.800 -4.777  -12.913 1.00 19.11 ? 125 HOH A O   1 
HETATM 707 O  O   . HOH D 4 .  ? 17.887  0.135   -3.267  1.00 27.73 ? 126 HOH A O   1 
HETATM 708 O  O   . HOH D 4 .  ? -10.637 -7.065  -4.041  1.00 30.58 ? 127 HOH A O   1 
HETATM 709 O  O   . HOH D 4 .  ? -11.423 -4.851  10.819  1.00 24.92 ? 128 HOH A O   1 
HETATM 710 O  O   . HOH D 4 .  ? -10.025 -0.059  -14.051 1.00 20.78 ? 129 HOH A O   1 
HETATM 711 O  O   . HOH D 4 .  ? 16.222  -4.480  3.797   1.00 18.74 ? 130 HOH A O   1 
HETATM 712 O  O   . HOH D 4 .  ? -13.278 0.899   3.442   1.00 27.32 ? 131 HOH A O   1 
HETATM 713 O  O   . HOH D 4 .  ? 6.049   6.284   -10.146 1.00 20.33 ? 132 HOH A O   1 
HETATM 714 O  O   . HOH D 4 .  ? -15.293 -7.111  7.306   1.00 15.35 ? 133 HOH A O   1 
HETATM 715 O  O   . HOH D 4 .  ? -1.939  -9.217  -9.362  1.00 27.81 ? 134 HOH A O   1 
HETATM 716 O  O   . HOH D 4 .  ? 1.668   -8.731  -4.317  1.00 22.42 ? 135 HOH A O   1 
HETATM 717 O  O   . HOH D 4 .  ? -12.008 1.112   -12.709 1.00 32.53 ? 136 HOH A O   1 
HETATM 718 O  O   . HOH D 4 .  ? -12.108 -8.399  1.172   1.00 19.34 ? 137 HOH A O   1 
HETATM 719 O  O   . HOH D 4 .  ? 7.495   6.904   -6.377  1.00 21.48 ? 138 HOH A O   1 
HETATM 720 O  O   . HOH D 4 .  ? -11.076 -0.670  9.648   1.00 23.52 ? 139 HOH A O   1 
HETATM 721 O  O   . HOH D 4 .  ? 0.512   11.636  -2.943  1.00 25.38 ? 140 HOH A O   1 
HETATM 722 O  O   . HOH D 4 .  ? -10.635 -2.554  11.550  1.00 21.59 ? 141 HOH A O   1 
HETATM 723 O  O   . HOH D 4 .  ? -13.734 -1.542  -2.689  1.00 21.54 ? 142 HOH A O   1 
HETATM 724 O  O   . HOH D 4 .  ? -10.480 3.816   2.369   1.00 18.98 ? 143 HOH A O   1 
HETATM 725 O  O   . HOH D 4 .  ? 21.401  -0.085  2.382   1.00 23.19 ? 144 HOH A O   1 
HETATM 726 O  O   . HOH D 4 .  ? -10.345 -10.998 10.446  1.00 28.91 ? 145 HOH A O   1 
HETATM 727 O  O   . HOH D 4 .  ? 4.999   7.400   4.710   1.00 21.82 ? 146 HOH A O   1 
HETATM 728 O  O   . HOH D 4 .  ? -4.563  11.231  6.607   1.00 20.76 ? 147 HOH A O   1 
HETATM 729 O  O   . HOH D 4 .  ? -2.206  -11.294 7.870   1.00 19.57 ? 148 HOH A O   1 
HETATM 730 O  O   . HOH D 4 .  ? 15.665  3.801   0.655   1.00 38.16 ? 149 HOH A O   1 
HETATM 731 O  O   . HOH D 4 .  ? 0.121   1.937   -14.845 1.00 24.69 ? 150 HOH A O   1 
HETATM 732 O  O   . HOH D 4 .  ? -15.233 -1.783  1.068   1.00 24.33 ? 151 HOH A O   1 
HETATM 733 O  O   . HOH D 4 .  ? 10.097  0.034   8.797   1.00 19.09 ? 152 HOH A O   1 
HETATM 734 O  O   . HOH D 4 .  ? -9.784  5.097   -5.522  1.00 25.50 ? 153 HOH A O   1 
HETATM 735 O  O   . HOH D 4 .  ? -0.660  -13.144 -3.683  1.00 27.83 ? 154 HOH A O   1 
HETATM 736 O  O   . HOH D 4 .  ? 3.276   -6.200  11.942  1.00 28.62 ? 155 HOH A O   1 
HETATM 737 O  O   . HOH D 4 .  ? -19.067 -1.624  -2.022  1.00 51.09 ? 156 HOH A O   1 
HETATM 738 O  O   . HOH D 4 .  ? -1.816  9.132   9.061   1.00 36.92 ? 157 HOH A O   1 
HETATM 739 O  O   . HOH D 4 .  ? 0.844   10.325  -7.000  1.00 32.78 ? 158 HOH A O   1 
HETATM 740 O  O   . HOH D 4 .  ? 3.780   -10.148 12.540  1.00 26.55 ? 159 HOH A O   1 
HETATM 741 O  O   . HOH D 4 .  ? -14.551 -0.219  -13.748 1.00 21.37 ? 160 HOH A O   1 
HETATM 742 O  O   . HOH D 4 .  ? -9.674  1.764   8.867   1.00 28.51 ? 161 HOH A O   1 
HETATM 743 O  O   . HOH D 4 .  ? -5.338  -11.321 12.470  1.00 37.31 ? 162 HOH A O   1 
HETATM 744 O  O   . HOH D 4 .  ? 10.131  7.460   4.349   1.00 32.97 ? 163 HOH A O   1 
HETATM 745 O  O   . HOH D 4 .  ? 9.416   -3.330  -8.224  1.00 33.84 ? 164 HOH A O   1 
HETATM 746 O  O   . HOH D 4 .  ? 11.238  -6.067  9.097   1.00 26.68 ? 165 HOH A O   1 
HETATM 747 O  O   . HOH D 4 .  ? 4.015   -2.249  -11.841 1.00 32.05 ? 166 HOH A O   1 
HETATM 748 O  O   . HOH D 4 .  ? 6.082   -4.749  -8.685  1.00 39.26 ? 167 HOH A O   1 
HETATM 749 O  O   . HOH D 4 .  ? -6.788  1.796   13.915  1.00 31.38 ? 168 HOH A O   1 
HETATM 750 O  O   . HOH D 4 .  ? -15.593 -2.881  5.587   1.00 25.89 ? 169 HOH A O   1 
HETATM 751 O  O   . HOH D 4 .  ? -16.482 -0.809  -1.165  1.00 31.47 ? 170 HOH A O   1 
HETATM 752 O  O   . HOH D 4 .  ? 6.923   5.201   -8.072  1.00 34.51 ? 171 HOH A O   1 
HETATM 753 O  O   . HOH D 4 .  ? -7.448  2.689   7.219   1.00 25.83 ? 172 HOH A O   1 
HETATM 754 O  O   . HOH D 4 .  ? -16.377 -3.607  2.625   1.00 45.39 ? 173 HOH A O   1 
HETATM 755 O  O   . HOH D 4 .  ? 7.189   -8.064  -2.522  1.00 27.90 ? 174 HOH A O   1 
HETATM 756 O  O   . HOH D 4 .  ? -2.238  13.257  -5.271  1.00 33.97 ? 175 HOH A O   1 
HETATM 757 O  O   . HOH D 4 .  ? -1.640  -11.211 -5.916  1.00 23.22 ? 176 HOH A O   1 
HETATM 758 O  O   . HOH D 4 .  ? 2.699   13.153  4.678   1.00 40.51 ? 177 HOH A O   1 
HETATM 759 O  O   . HOH D 4 .  ? -15.538 -5.433  -1.740  1.00 34.32 ? 178 HOH A O   1 
HETATM 760 O  O   . HOH D 4 .  ? 23.779  -1.129  3.380   1.00 27.73 ? 179 HOH A O   1 
HETATM 761 O  O   . HOH D 4 .  ? -18.197 -6.431  6.713   1.00 32.95 ? 180 HOH A O   1 
HETATM 762 O  O   . HOH D 4 .  ? 12.949  2.846   8.845   1.00 25.64 ? 181 HOH A O   1 
HETATM 763 O  O   . HOH D 4 .  ? -6.077  -10.093 -10.192 1.00 48.06 ? 182 HOH A O   1 
HETATM 764 O  O   . HOH D 4 .  ? -11.978 6.220   5.055   1.00 29.94 ? 183 HOH A O   1 
HETATM 765 O  O   . HOH D 4 .  ? 2.297   -7.297  4.651   1.00 25.15 ? 184 HOH A O   1 
HETATM 766 O  O   . HOH D 4 .  ? 21.428  -0.434  -0.099  1.00 18.76 ? 185 HOH A O   1 
HETATM 767 O  O   . HOH D 4 .  ? -10.850 1.951   -8.315  1.00 18.68 ? 186 HOH A O   1 
HETATM 768 O  O   . HOH D 4 .  ? -0.007  7.549   12.052  1.00 28.13 ? 187 HOH A O   1 
HETATM 769 O  O   . HOH D 4 .  ? -3.253  -16.195 10.324  1.00 17.88 ? 188 HOH A O   1 
HETATM 770 O  O   . HOH D 4 .  ? 3.512   -10.433 15.470  1.00 21.62 ? 189 HOH A O   1 
# 
